data_7T1V
#
_entry.id   7T1V
#
_cell.length_a   112.753
_cell.length_b   112.753
_cell.length_c   130.187
_cell.angle_alpha   90.000
_cell.angle_beta   90.000
_cell.angle_gamma   120.000
#
_symmetry.space_group_name_H-M   'P 3'
#
loop_
_entity.id
_entity.type
_entity.pdbx_description
1 polymer 'Hemagglutinin HA1 chain'
2 polymer 'Hemagglutinin HA2 chain'
3 branched 'N-glycolyl-alpha-neuraminic acid-(2-3)-beta-D-galactopyranose-(1-4)-2-acetamido-2-deoxy-beta-D-glucopyranose'
4 branched beta-D-mannopyranose-(1-4)-2-acetamido-2-deoxy-beta-D-glucopyranose-(1-4)-2-acetamido-2-deoxy-beta-D-glucopyranose
5 branched 'N-glycolyl-alpha-neuraminic acid-(2-3)-beta-D-galactopyranose'
6 branched 2-acetamido-2-deoxy-beta-D-glucopyranose-(1-4)-2-acetamido-2-deoxy-beta-D-glucopyranose
7 non-polymer 2-acetamido-2-deoxy-beta-D-glucopyranose
8 water water
#
loop_
_entity_poly.entity_id
_entity_poly.type
_entity_poly.pdbx_seq_one_letter_code
_entity_poly.pdbx_strand_id
1 'polypeptide(L)'
;DPGDKICLGHHAVSNGTKVDTLTEKGIEVVNATETVEQKNIPKICSKGKQTIDLGQCGLLGTTIGPPQCDQFLEFSANLI
IERREGDDICYPGKFDNEETLRKILRKSGGIKKENMGFTYTGVRTNGETSACRRSRSSFYAEMKWLLSNTDNGVFPQMTK
SYKNTKREPALIIWGIHHSGSTAEQTRLYGSGNKLITVWSSKYQQSFAPSPGPRPQINGQSGRIDFYWLMLDPNDTVTFS
FNGAFIAPDRASFLRGKSLGIQSDAQLDNNCEGECYHIGGTIISNLPFQNINSRAIGKCPRYVKQKSLMLATGMKNVPEN
STHKQLTHHMRKKR
;
A,C,E
2 'polypeptide(L)'
;GLFGAIAGFIENGWEGLIDGWYGYRHQNAQGEGTAADYKSTQSAINQITGKLNRLIEKTNQQFELIDNEFNEIEKQIGNV
INWTRDSIIEVWSYNAEFLVAVENQHTIDLTDSEMNKLYEKVRRQLRENAEEDGNGCFEIFHQCDNDCMASIRNNTYDHK
KYRKEAIQNRIQIDAVKLESGRLVPR
;
B,D,F
#
loop_
_chem_comp.id
_chem_comp.type
_chem_comp.name
_chem_comp.formula
BMA D-saccharide, beta linking beta-D-mannopyranose 'C6 H12 O6'
GAL D-saccharide, beta linking beta-D-galactopyranose 'C6 H12 O6'
NAG D-saccharide, beta linking 2-acetamido-2-deoxy-beta-D-glucopyranose 'C8 H15 N O6'
NGC D-saccharide, alpha linking 'N-glycolyl-alpha-neuraminic acid' 'C11 H19 N O10'
#
# COMPACT_ATOMS: atom_id res chain seq x y z
N ASP A 4 -13.82 61.51 28.37
CA ASP A 4 -15.21 61.89 27.93
C ASP A 4 -16.12 60.67 27.88
N LYS A 5 -15.75 59.65 27.09
CA LYS A 5 -16.64 58.53 26.74
C LYS A 5 -15.93 57.16 26.75
N ILE A 6 -16.67 56.12 27.14
CA ILE A 6 -16.27 54.71 27.00
C ILE A 6 -17.41 53.91 26.35
N CYS A 7 -17.08 53.16 25.29
CA CYS A 7 -18.06 52.46 24.45
C CYS A 7 -17.87 50.94 24.53
N LEU A 8 -18.99 50.21 24.57
CA LEU A 8 -18.99 48.73 24.56
C LEU A 8 -19.30 48.25 23.16
N GLY A 9 -18.57 47.21 22.72
CA GLY A 9 -18.79 46.62 21.40
C GLY A 9 -18.35 45.18 21.28
N HIS A 10 -18.44 44.65 20.06
CA HIS A 10 -18.11 43.25 19.75
C HIS A 10 -17.37 43.17 18.41
N HIS A 11 -16.67 42.05 18.17
CA HIS A 11 -15.90 41.84 16.94
C HIS A 11 -16.85 41.57 15.77
N ALA A 12 -16.29 41.62 14.56
CA ALA A 12 -17.02 41.27 13.34
C ALA A 12 -16.02 40.94 12.23
N VAL A 13 -16.53 40.49 11.09
CA VAL A 13 -15.73 40.19 9.89
C VAL A 13 -16.58 40.54 8.67
N SER A 14 -15.94 40.83 7.54
CA SER A 14 -16.65 41.09 6.28
C SER A 14 -17.15 39.80 5.63
N ASN A 15 -16.36 38.72 5.77
CA ASN A 15 -16.67 37.40 5.19
C ASN A 15 -17.29 36.46 6.23
N GLY A 16 -18.55 36.72 6.57
CA GLY A 16 -19.29 35.86 7.50
C GLY A 16 -19.86 34.60 6.83
N THR A 17 -20.42 33.70 7.64
CA THR A 17 -20.98 32.41 7.19
C THR A 17 -22.47 32.32 7.51
N LYS A 18 -23.26 31.90 6.52
CA LYS A 18 -24.70 31.74 6.69
C LYS A 18 -25.04 30.49 7.51
N VAL A 19 -26.05 30.63 8.38
CA VAL A 19 -26.64 29.50 9.11
C VAL A 19 -28.14 29.72 9.18
N ASP A 20 -28.86 28.69 9.64
CA ASP A 20 -30.30 28.76 9.88
C ASP A 20 -30.58 28.62 11.38
N THR A 21 -31.70 29.20 11.79
CA THR A 21 -32.17 29.16 13.18
C THR A 21 -33.63 28.72 13.13
N LEU A 22 -34.32 28.66 14.27
CA LEU A 22 -35.76 28.40 14.24
C LEU A 22 -36.55 29.53 13.59
N THR A 23 -35.99 30.73 13.65
CA THR A 23 -36.70 31.95 13.30
C THR A 23 -36.30 32.54 11.94
N GLU A 24 -35.08 32.23 11.47
CA GLU A 24 -34.52 32.87 10.30
C GLU A 24 -33.64 31.93 9.49
N LYS A 25 -33.80 31.99 8.17
CA LYS A 25 -33.00 31.24 7.21
C LYS A 25 -31.88 32.15 6.68
N GLY A 26 -30.65 31.66 6.75
CA GLY A 26 -29.49 32.37 6.17
C GLY A 26 -28.99 33.60 6.91
N ILE A 27 -29.17 33.63 8.23
CA ILE A 27 -28.58 34.64 9.09
C ILE A 27 -27.06 34.44 9.09
N GLU A 28 -26.31 35.54 9.03
CA GLU A 28 -24.86 35.50 8.95
C GLU A 28 -24.25 35.55 10.36
N VAL A 29 -23.24 34.70 10.60
CA VAL A 29 -22.55 34.62 11.89
C VAL A 29 -21.03 34.73 11.61
N VAL A 30 -20.24 35.01 12.64
CA VAL A 30 -18.78 35.22 12.52
C VAL A 30 -18.06 33.93 12.10
N ASN A 31 -18.45 32.80 12.69
CA ASN A 31 -17.91 31.49 12.35
C ASN A 31 -18.98 30.39 12.48
N ALA A 32 -18.79 29.30 11.76
CA ALA A 32 -19.70 28.14 11.80
C ALA A 32 -18.95 26.89 11.37
N THR A 33 -19.43 25.72 11.80
CA THR A 33 -18.88 24.43 11.39
C THR A 33 -19.97 23.52 10.81
N GLU A 34 -19.58 22.74 9.81
CA GLU A 34 -20.44 21.75 9.18
C GLU A 34 -20.66 20.57 10.12
N THR A 35 -21.91 20.09 10.22
CA THR A 35 -22.27 18.90 11.01
C THR A 35 -22.57 17.64 10.16
N VAL A 36 -22.72 17.81 8.85
CA VAL A 36 -23.01 16.72 7.92
C VAL A 36 -21.77 16.42 7.06
N GLU A 37 -21.17 15.24 7.29
CA GLU A 37 -19.99 14.78 6.53
C GLU A 37 -20.31 14.54 5.06
N GLN A 38 -19.54 15.19 4.18
CA GLN A 38 -19.58 14.96 2.73
C GLN A 38 -18.27 14.41 2.16
N LYS A 39 -17.23 14.37 2.98
CA LYS A 39 -15.92 13.93 2.52
C LYS A 39 -15.86 12.39 2.57
N ASN A 40 -15.69 11.76 1.40
CA ASN A 40 -15.44 10.33 1.28
C ASN A 40 -13.95 10.09 0.99
N ILE A 41 -13.37 9.05 1.60
CA ILE A 41 -12.05 8.56 1.22
C ILE A 41 -12.26 7.37 0.26
N PRO A 42 -11.82 7.47 -1.02
CA PRO A 42 -12.05 6.40 -2.00
C PRO A 42 -11.09 5.19 -1.84
N LYS A 43 -11.03 4.69 -0.61
CA LYS A 43 -10.20 3.55 -0.22
C LYS A 43 -10.90 2.79 0.90
N ILE A 44 -10.51 1.54 1.09
CA ILE A 44 -10.83 0.81 2.29
C ILE A 44 -9.63 0.98 3.20
N CYS A 45 -9.77 1.87 4.19
CA CYS A 45 -8.77 2.15 5.21
C CYS A 45 -8.74 1.06 6.23
N SER A 46 -7.68 0.25 6.19
CA SER A 46 -7.61 -0.97 6.95
C SER A 46 -6.48 -1.03 7.97
N LYS A 47 -5.89 0.13 8.31
CA LYS A 47 -4.77 0.17 9.25
C LYS A 47 -5.19 -0.44 10.58
N GLY A 48 -4.39 -1.39 11.06
CA GLY A 48 -4.65 -2.05 12.33
C GLY A 48 -5.72 -3.15 12.26
N LYS A 49 -6.07 -3.60 11.05
CA LYS A 49 -7.07 -4.67 10.87
C LYS A 49 -6.58 -5.80 9.98
N GLN A 50 -6.94 -7.00 10.34
CA GLN A 50 -6.65 -8.14 9.54
C GLN A 50 -7.72 -8.24 8.50
N THR A 51 -7.35 -8.04 7.25
CA THR A 51 -8.33 -8.02 6.21
C THR A 51 -8.22 -9.23 5.31
N ILE A 52 -9.34 -9.58 4.69
CA ILE A 52 -9.37 -10.53 3.60
C ILE A 52 -10.09 -9.85 2.43
N ASP A 53 -9.39 -9.72 1.30
CA ASP A 53 -9.96 -9.20 0.08
C ASP A 53 -10.30 -10.43 -0.77
N LEU A 54 -11.59 -10.77 -0.83
CA LEU A 54 -12.04 -12.01 -1.49
C LEU A 54 -11.88 -12.01 -3.00
N GLY A 55 -11.92 -10.84 -3.62
CA GLY A 55 -11.72 -10.74 -5.08
C GLY A 55 -12.70 -11.59 -5.86
N GLN A 56 -12.18 -12.55 -6.63
CA GLN A 56 -13.00 -13.44 -7.46
C GLN A 56 -13.78 -14.48 -6.65
N CYS A 57 -13.33 -14.72 -5.42
CA CYS A 57 -13.98 -15.68 -4.53
C CYS A 57 -15.25 -15.08 -3.88
N GLY A 58 -16.38 -15.68 -4.16
CA GLY A 58 -17.61 -15.36 -3.46
C GLY A 58 -17.54 -15.89 -2.04
N LEU A 59 -18.06 -15.11 -1.09
CA LEU A 59 -18.01 -15.46 0.33
C LEU A 59 -18.53 -16.88 0.64
N LEU A 60 -19.65 -17.27 0.02
CA LEU A 60 -20.19 -18.63 0.22
C LEU A 60 -19.28 -19.71 -0.39
N GLY A 61 -18.58 -19.33 -1.46
CA GLY A 61 -17.55 -20.15 -2.09
C GLY A 61 -16.47 -20.65 -1.17
N THR A 62 -16.17 -19.87 -0.14
CA THR A 62 -15.17 -20.26 0.85
C THR A 62 -15.51 -21.55 1.54
N THR A 63 -16.80 -21.85 1.67
CA THR A 63 -17.25 -23.06 2.38
C THR A 63 -17.18 -24.32 1.53
N ILE A 64 -17.29 -24.17 0.20
CA ILE A 64 -17.36 -25.32 -0.72
C ILE A 64 -16.13 -25.45 -1.65
N GLY A 65 -15.54 -24.31 -1.99
CA GLY A 65 -14.24 -24.29 -2.62
C GLY A 65 -14.21 -24.50 -4.11
N PRO A 66 -14.86 -23.61 -4.88
CA PRO A 66 -14.55 -23.58 -6.31
C PRO A 66 -13.12 -23.07 -6.49
N PRO A 67 -12.51 -23.31 -7.67
CA PRO A 67 -11.06 -22.97 -7.83
C PRO A 67 -10.70 -21.55 -7.45
N GLN A 68 -11.59 -20.60 -7.72
CA GLN A 68 -11.33 -19.20 -7.35
C GLN A 68 -11.26 -18.91 -5.84
N CYS A 69 -11.64 -19.90 -5.01
CA CYS A 69 -11.58 -19.76 -3.58
C CYS A 69 -10.50 -20.64 -2.91
N ASP A 70 -9.62 -21.25 -3.70
CA ASP A 70 -8.61 -22.18 -3.17
C ASP A 70 -7.72 -21.55 -2.09
N GLN A 71 -7.45 -20.26 -2.21
CA GLN A 71 -6.62 -19.52 -1.25
C GLN A 71 -7.37 -19.02 0.00
N PHE A 72 -8.68 -19.24 0.08
CA PHE A 72 -9.50 -18.76 1.21
C PHE A 72 -10.31 -19.89 1.89
N LEU A 73 -9.88 -21.14 1.76
CA LEU A 73 -10.62 -22.26 2.34
C LEU A 73 -10.63 -22.22 3.85
N GLU A 74 -9.58 -21.66 4.43
CA GLU A 74 -9.46 -21.45 5.86
C GLU A 74 -8.87 -20.01 5.86
N PHE A 75 -9.52 -19.05 6.51
CA PHE A 75 -9.09 -17.66 6.46
C PHE A 75 -9.43 -17.14 7.85
N SER A 76 -8.67 -16.14 8.27
CA SER A 76 -8.91 -15.42 9.48
C SER A 76 -8.89 -13.91 9.17
N ALA A 77 -9.87 -13.18 9.69
CA ALA A 77 -9.98 -11.76 9.39
C ALA A 77 -10.83 -11.09 10.41
N ASN A 78 -10.58 -9.82 10.65
CA ASN A 78 -11.61 -9.05 11.31
C ASN A 78 -12.31 -8.05 10.38
N LEU A 79 -11.84 -7.90 9.16
CA LEU A 79 -12.57 -7.16 8.14
C LEU A 79 -12.61 -8.02 6.86
N ILE A 80 -13.81 -8.38 6.40
CA ILE A 80 -14.01 -9.24 5.22
C ILE A 80 -14.62 -8.38 4.13
N ILE A 81 -13.96 -8.35 2.96
CA ILE A 81 -14.38 -7.51 1.84
C ILE A 81 -14.88 -8.39 0.69
N GLU A 82 -16.17 -8.27 0.36
CA GLU A 82 -16.74 -8.92 -0.79
C GLU A 82 -16.58 -7.97 -1.97
N ARG A 83 -16.32 -8.54 -3.15
CA ARG A 83 -16.09 -7.77 -4.36
C ARG A 83 -17.12 -8.10 -5.39
N ARG A 84 -17.37 -7.13 -6.26
CA ARG A 84 -18.37 -7.27 -7.30
C ARG A 84 -18.13 -8.45 -8.25
N GLU A 85 -16.88 -8.78 -8.51
CA GLU A 85 -16.57 -9.93 -9.36
C GLU A 85 -16.70 -11.28 -8.63
N GLY A 86 -16.96 -11.27 -7.32
CA GLY A 86 -17.05 -12.49 -6.54
C GLY A 86 -18.10 -13.45 -7.07
N ASP A 87 -17.73 -14.71 -7.15
CA ASP A 87 -18.64 -15.78 -7.55
C ASP A 87 -18.50 -16.96 -6.59
N ASP A 88 -19.62 -17.39 -6.00
CA ASP A 88 -19.66 -18.53 -5.05
C ASP A 88 -19.45 -19.91 -5.69
N ILE A 89 -19.74 -20.04 -6.98
CA ILE A 89 -19.86 -21.33 -7.62
C ILE A 89 -18.92 -21.46 -8.83
N CYS A 90 -18.79 -22.68 -9.33
CA CYS A 90 -18.12 -22.94 -10.60
C CYS A 90 -19.10 -23.71 -11.48
N TYR A 91 -19.47 -24.92 -11.07
CA TYR A 91 -20.63 -25.58 -11.68
C TYR A 91 -21.89 -24.77 -11.23
N PRO A 92 -22.79 -24.43 -12.16
CA PRO A 92 -23.84 -23.49 -11.83
C PRO A 92 -24.79 -24.04 -10.78
N GLY A 93 -25.35 -23.12 -10.02
CA GLY A 93 -26.33 -23.46 -8.99
C GLY A 93 -26.37 -22.34 -7.98
N LYS A 94 -27.00 -22.61 -6.86
CA LYS A 94 -27.25 -21.58 -5.84
C LYS A 94 -27.27 -22.22 -4.47
N PHE A 95 -27.03 -21.38 -3.47
CA PHE A 95 -27.19 -21.78 -2.08
C PHE A 95 -28.61 -21.45 -1.63
N ASP A 96 -29.24 -22.42 -0.98
CA ASP A 96 -30.48 -22.17 -0.26
C ASP A 96 -30.22 -21.19 0.90
N ASN A 97 -31.15 -20.26 1.10
CA ASN A 97 -31.10 -19.30 2.22
C ASN A 97 -29.73 -18.57 2.23
N GLU A 98 -29.37 -18.04 1.06
CA GLU A 98 -28.00 -17.62 0.78
C GLU A 98 -27.61 -16.38 1.58
N GLU A 99 -28.51 -15.42 1.69
CA GLU A 99 -28.18 -14.18 2.39
C GLU A 99 -28.03 -14.38 3.87
N THR A 100 -28.81 -15.29 4.46
CA THR A 100 -28.62 -15.64 5.88
C THR A 100 -27.22 -16.20 6.13
N LEU A 101 -26.77 -17.09 5.25
CA LEU A 101 -25.42 -17.65 5.37
C LEU A 101 -24.34 -16.58 5.17
N ARG A 102 -24.53 -15.67 4.22
CA ARG A 102 -23.61 -14.53 4.05
C ARG A 102 -23.51 -13.70 5.32
N LYS A 103 -24.65 -13.44 5.97
CA LYS A 103 -24.63 -12.65 7.20
C LYS A 103 -23.84 -13.32 8.31
N ILE A 104 -24.02 -14.64 8.43
CA ILE A 104 -23.23 -15.47 9.36
C ILE A 104 -21.72 -15.39 9.03
N LEU A 105 -21.35 -15.60 7.77
CA LEU A 105 -19.93 -15.63 7.38
C LEU A 105 -19.26 -14.27 7.51
N ARG A 106 -19.99 -13.19 7.20
CA ARG A 106 -19.47 -11.83 7.31
C ARG A 106 -18.96 -11.48 8.70
N LYS A 107 -19.63 -12.00 9.73
CA LYS A 107 -19.28 -11.69 11.13
C LYS A 107 -18.56 -12.85 11.84
N SER A 108 -18.13 -13.84 11.07
CA SER A 108 -17.56 -15.09 11.60
C SER A 108 -16.15 -14.98 12.18
N GLY A 109 -15.41 -13.94 11.78
CA GLY A 109 -13.96 -13.90 12.01
C GLY A 109 -13.18 -14.83 11.11
N GLY A 110 -13.83 -15.40 10.10
CA GLY A 110 -13.24 -16.40 9.23
C GLY A 110 -13.64 -17.81 9.62
N ILE A 111 -13.11 -18.78 8.89
CA ILE A 111 -13.50 -20.17 9.05
C ILE A 111 -12.29 -21.09 9.12
N LYS A 112 -12.46 -22.19 9.82
CA LYS A 112 -11.49 -23.26 9.83
C LYS A 112 -12.25 -24.52 9.44
N LYS A 113 -11.56 -25.45 8.80
CA LYS A 113 -12.17 -26.66 8.24
C LYS A 113 -11.69 -27.90 8.99
N GLU A 114 -12.55 -28.91 9.05
CA GLU A 114 -12.18 -30.21 9.58
C GLU A 114 -12.79 -31.32 8.77
N ASN A 115 -12.01 -32.37 8.53
CA ASN A 115 -12.51 -33.53 7.79
C ASN A 115 -13.66 -34.17 8.54
N MET A 116 -14.68 -34.59 7.80
CA MET A 116 -15.88 -35.19 8.39
C MET A 116 -15.76 -36.71 8.45
N GLY A 117 -14.71 -37.25 7.84
CA GLY A 117 -14.35 -38.67 7.95
C GLY A 117 -15.10 -39.62 7.06
N PHE A 118 -15.82 -39.13 6.06
CA PHE A 118 -16.55 -40.03 5.16
C PHE A 118 -15.58 -40.72 4.22
N THR A 119 -15.68 -42.04 4.10
CA THR A 119 -15.01 -42.80 3.06
C THR A 119 -16.06 -43.63 2.34
N TYR A 120 -15.75 -44.04 1.10
CA TYR A 120 -16.74 -44.60 0.21
C TYR A 120 -16.23 -45.88 -0.43
N THR A 121 -17.12 -46.86 -0.53
CA THR A 121 -16.88 -48.09 -1.30
C THR A 121 -18.13 -48.36 -2.12
N GLY A 122 -17.94 -48.90 -3.32
CA GLY A 122 -19.05 -49.21 -4.23
C GLY A 122 -19.48 -48.07 -5.13
N VAL A 123 -18.82 -46.91 -5.02
CA VAL A 123 -19.09 -45.73 -5.86
C VAL A 123 -17.78 -45.03 -6.14
N ARG A 124 -17.74 -44.26 -7.23
CA ARG A 124 -16.63 -43.33 -7.47
C ARG A 124 -16.87 -42.05 -6.65
N THR A 125 -15.80 -41.31 -6.50
CA THR A 125 -15.73 -40.12 -5.68
C THR A 125 -15.21 -38.88 -6.46
N ASN A 126 -14.91 -39.09 -7.74
CA ASN A 126 -14.07 -38.18 -8.52
C ASN A 126 -14.84 -37.54 -9.68
N GLY A 127 -16.13 -37.28 -9.47
CA GLY A 127 -16.90 -36.49 -10.42
C GLY A 127 -16.22 -35.16 -10.68
N GLU A 128 -16.27 -34.72 -11.94
CA GLU A 128 -15.51 -33.56 -12.40
C GLU A 128 -16.23 -32.88 -13.56
N THR A 129 -15.85 -31.64 -13.82
CA THR A 129 -16.51 -30.81 -14.83
C THR A 129 -15.55 -29.73 -15.33
N SER A 130 -15.70 -29.37 -16.60
CA SER A 130 -14.93 -28.26 -17.20
C SER A 130 -15.33 -26.90 -16.61
N ALA A 131 -16.49 -26.80 -15.97
CA ALA A 131 -16.89 -25.57 -15.27
C ALA A 131 -15.99 -25.22 -14.09
N CYS A 132 -15.32 -26.21 -13.50
CA CYS A 132 -14.43 -26.01 -12.35
C CYS A 132 -13.00 -26.43 -12.76
N ARG A 133 -12.24 -25.43 -13.19
CA ARG A 133 -10.91 -25.71 -13.77
C ARG A 133 -9.74 -25.48 -12.84
N ARG A 134 -8.89 -26.50 -12.71
CA ARG A 134 -7.60 -26.33 -12.00
C ARG A 134 -6.55 -26.69 -13.07
N SER A 135 -5.88 -27.83 -12.96
CA SER A 135 -4.96 -28.26 -14.06
C SER A 135 -5.82 -28.74 -15.22
N ARG A 136 -6.98 -29.29 -14.91
CA ARG A 136 -7.96 -29.72 -15.93
C ARG A 136 -9.35 -29.65 -15.32
N SER A 137 -10.30 -30.36 -15.90
CA SER A 137 -11.62 -30.48 -15.29
C SER A 137 -11.48 -30.94 -13.82
N SER A 138 -12.23 -30.29 -12.94
CA SER A 138 -12.11 -30.53 -11.49
C SER A 138 -13.51 -30.33 -10.82
N PHE A 139 -13.52 -30.03 -9.53
CA PHE A 139 -14.77 -29.88 -8.77
C PHE A 139 -14.54 -29.00 -7.53
N TYR A 140 -15.56 -28.85 -6.68
CA TYR A 140 -15.48 -28.15 -5.40
C TYR A 140 -14.52 -28.87 -4.47
N ALA A 141 -13.53 -28.15 -3.96
CA ALA A 141 -12.45 -28.75 -3.16
C ALA A 141 -12.94 -29.41 -1.88
N GLU A 142 -14.03 -28.90 -1.31
CA GLU A 142 -14.54 -29.37 -0.01
C GLU A 142 -15.62 -30.45 -0.13
N MET A 143 -15.95 -30.83 -1.36
CA MET A 143 -17.09 -31.68 -1.65
C MET A 143 -16.64 -32.88 -2.48
N LYS A 144 -17.47 -33.90 -2.50
CA LYS A 144 -17.22 -35.11 -3.30
C LYS A 144 -18.43 -35.36 -4.20
N TRP A 145 -18.19 -35.36 -5.51
CA TRP A 145 -19.20 -35.71 -6.50
C TRP A 145 -19.22 -37.26 -6.64
N LEU A 146 -20.18 -37.88 -5.96
CA LEU A 146 -20.32 -39.34 -5.91
C LEU A 146 -21.07 -39.84 -7.12
N LEU A 147 -20.54 -40.88 -7.76
CA LEU A 147 -21.09 -41.49 -8.99
C LEU A 147 -21.07 -43.00 -8.93
N SER A 148 -21.94 -43.61 -9.72
CA SER A 148 -21.88 -45.05 -9.98
C SER A 148 -20.52 -45.44 -10.54
N ASN A 149 -20.02 -46.62 -10.13
CA ASN A 149 -18.71 -47.15 -10.53
C ASN A 149 -18.50 -47.17 -12.04
N THR A 150 -19.57 -47.39 -12.79
CA THR A 150 -19.53 -47.38 -14.25
C THR A 150 -20.75 -46.66 -14.80
N ASP A 151 -20.61 -46.11 -16.02
CA ASP A 151 -21.69 -45.51 -16.78
C ASP A 151 -22.94 -46.40 -16.68
N ASN A 152 -24.05 -45.79 -16.26
CA ASN A 152 -25.35 -46.46 -16.10
C ASN A 152 -25.40 -47.53 -15.00
N GLY A 153 -24.34 -47.63 -14.20
CA GLY A 153 -24.23 -48.64 -13.15
C GLY A 153 -25.17 -48.37 -11.97
N VAL A 154 -25.38 -49.40 -11.15
CA VAL A 154 -26.20 -49.27 -9.93
C VAL A 154 -25.46 -48.42 -8.87
N PHE A 155 -26.16 -47.43 -8.32
CA PHE A 155 -25.64 -46.62 -7.20
C PHE A 155 -26.27 -47.20 -5.93
N PRO A 156 -25.48 -47.84 -5.06
CA PRO A 156 -26.06 -48.46 -3.87
C PRO A 156 -26.64 -47.42 -2.92
N GLN A 157 -27.78 -47.75 -2.30
CA GLN A 157 -28.34 -46.98 -1.21
C GLN A 157 -27.27 -46.87 -0.12
N MET A 158 -27.01 -45.64 0.31
CA MET A 158 -25.92 -45.32 1.24
C MET A 158 -26.41 -44.43 2.36
N THR A 159 -25.71 -44.48 3.49
CA THR A 159 -25.96 -43.62 4.60
C THR A 159 -24.63 -43.21 5.21
N LYS A 160 -24.46 -41.90 5.45
CA LYS A 160 -23.25 -41.34 6.07
C LYS A 160 -23.66 -40.39 7.20
N SER A 161 -22.97 -40.49 8.34
CA SER A 161 -23.30 -39.73 9.53
C SER A 161 -22.06 -39.05 10.09
N TYR A 162 -22.24 -37.82 10.56
CA TYR A 162 -21.17 -37.05 11.19
C TYR A 162 -21.69 -36.42 12.47
N LYS A 163 -21.01 -36.73 13.56
CA LYS A 163 -21.30 -36.12 14.85
C LYS A 163 -20.33 -34.96 15.07
N ASN A 164 -20.87 -33.81 15.43
CA ASN A 164 -20.07 -32.66 15.87
C ASN A 164 -19.58 -32.87 17.31
N THR A 165 -18.30 -33.19 17.45
CA THR A 165 -17.66 -33.37 18.78
C THR A 165 -16.83 -32.18 19.26
N LYS A 166 -17.12 -30.99 18.71
CA LYS A 166 -16.47 -29.75 19.11
C LYS A 166 -17.48 -29.02 19.99
N ARG A 167 -17.03 -28.00 20.71
CA ARG A 167 -17.90 -27.16 21.55
C ARG A 167 -18.55 -26.00 20.80
N GLU A 168 -18.30 -25.87 19.50
CA GLU A 168 -18.95 -24.85 18.67
C GLU A 168 -19.74 -25.53 17.55
N PRO A 169 -20.79 -24.85 17.05
CA PRO A 169 -21.55 -25.41 15.93
C PRO A 169 -20.74 -25.64 14.65
N ALA A 170 -21.04 -26.72 13.93
CA ALA A 170 -20.40 -27.02 12.64
C ALA A 170 -21.30 -26.60 11.48
N LEU A 171 -20.75 -25.86 10.53
CA LEU A 171 -21.46 -25.52 9.30
C LEU A 171 -21.32 -26.67 8.33
N ILE A 172 -22.45 -27.29 7.98
CA ILE A 172 -22.51 -28.50 7.12
C ILE A 172 -23.21 -28.13 5.81
N ILE A 173 -22.54 -28.40 4.68
CA ILE A 173 -23.08 -28.09 3.36
C ILE A 173 -23.25 -29.39 2.59
N TRP A 174 -24.33 -29.51 1.80
CA TRP A 174 -24.45 -30.60 0.84
C TRP A 174 -25.13 -30.08 -0.41
N GLY A 175 -25.01 -30.85 -1.51
CA GLY A 175 -25.58 -30.45 -2.79
C GLY A 175 -26.53 -31.49 -3.35
N ILE A 176 -27.54 -31.02 -4.08
CA ILE A 176 -28.42 -31.86 -4.87
C ILE A 176 -28.12 -31.55 -6.34
N HIS A 177 -27.73 -32.58 -7.10
CA HIS A 177 -27.38 -32.41 -8.52
C HIS A 177 -28.59 -32.66 -9.41
N HIS A 178 -29.01 -31.61 -10.11
CA HIS A 178 -30.00 -31.71 -11.17
C HIS A 178 -29.27 -31.87 -12.50
N SER A 179 -29.23 -33.10 -13.04
CA SER A 179 -28.62 -33.39 -14.34
C SER A 179 -29.31 -32.64 -15.47
N GLY A 180 -28.58 -32.36 -16.54
CA GLY A 180 -29.12 -31.65 -17.71
C GLY A 180 -30.08 -32.46 -18.55
N SER A 181 -30.14 -33.77 -18.31
CA SER A 181 -31.15 -34.66 -18.89
C SER A 181 -31.33 -35.94 -18.08
N THR A 182 -32.47 -36.60 -18.27
CA THR A 182 -32.73 -37.94 -17.70
C THR A 182 -31.63 -38.92 -18.08
N ALA A 183 -31.20 -38.87 -19.35
CA ALA A 183 -30.15 -39.77 -19.84
C ALA A 183 -28.83 -39.57 -19.11
N GLU A 184 -28.50 -38.30 -18.84
CA GLU A 184 -27.31 -37.98 -18.07
C GLU A 184 -27.44 -38.46 -16.61
N GLN A 185 -28.61 -38.27 -16.00
CA GLN A 185 -28.85 -38.76 -14.63
C GLN A 185 -28.64 -40.27 -14.53
N THR A 186 -29.29 -41.01 -15.44
CA THR A 186 -29.17 -42.47 -15.47
C THR A 186 -27.72 -42.90 -15.69
N ARG A 187 -26.98 -42.14 -16.51
CA ARG A 187 -25.56 -42.43 -16.74
C ARG A 187 -24.69 -42.20 -15.51
N LEU A 188 -24.88 -41.06 -14.84
CA LEU A 188 -24.05 -40.75 -13.68
C LEU A 188 -24.35 -41.68 -12.49
N TYR A 189 -25.61 -42.01 -12.29
CA TYR A 189 -26.08 -42.61 -11.05
C TYR A 189 -26.88 -43.90 -11.20
N GLY A 190 -27.10 -44.35 -12.43
CA GLY A 190 -28.01 -45.48 -12.70
C GLY A 190 -29.44 -45.01 -12.76
N SER A 191 -30.27 -45.81 -13.41
CA SER A 191 -31.69 -45.48 -13.60
C SER A 191 -32.48 -45.63 -12.32
N GLY A 192 -33.69 -45.06 -12.33
CA GLY A 192 -34.62 -45.15 -11.19
C GLY A 192 -34.69 -43.84 -10.42
N ASN A 193 -35.66 -43.76 -9.52
CA ASN A 193 -35.89 -42.54 -8.74
C ASN A 193 -34.73 -42.28 -7.77
N LYS A 194 -34.27 -41.04 -7.75
CA LYS A 194 -33.25 -40.61 -6.80
C LYS A 194 -33.90 -39.84 -5.67
N LEU A 195 -33.51 -40.18 -4.44
CA LEU A 195 -34.02 -39.53 -3.23
C LEU A 195 -32.84 -39.29 -2.29
N ILE A 196 -32.76 -38.09 -1.74
CA ILE A 196 -31.77 -37.73 -0.73
C ILE A 196 -32.55 -37.27 0.49
N THR A 197 -32.22 -37.84 1.65
CA THR A 197 -32.83 -37.41 2.93
C THR A 197 -31.72 -36.99 3.85
N VAL A 198 -31.94 -35.88 4.54
CA VAL A 198 -30.98 -35.33 5.47
C VAL A 198 -31.70 -35.02 6.77
N TRP A 199 -31.14 -35.44 7.90
CA TRP A 199 -31.70 -35.07 9.18
C TRP A 199 -30.63 -34.87 10.22
N SER A 200 -30.99 -34.10 11.23
CA SER A 200 -30.28 -34.05 12.49
C SER A 200 -31.34 -34.17 13.58
N SER A 201 -30.94 -33.99 14.83
CA SER A 201 -31.89 -34.02 15.95
C SER A 201 -33.11 -33.11 15.77
N LYS A 202 -32.89 -31.96 15.16
CA LYS A 202 -33.95 -30.97 14.95
C LYS A 202 -34.27 -30.62 13.49
N TYR A 203 -33.48 -31.09 12.53
CA TYR A 203 -33.67 -30.80 11.10
C TYR A 203 -34.06 -32.08 10.38
N GLN A 204 -34.97 -31.96 9.42
CA GLN A 204 -35.35 -33.06 8.54
C GLN A 204 -35.76 -32.49 7.20
N GLN A 205 -35.18 -32.98 6.12
CA GLN A 205 -35.65 -32.63 4.76
C GLN A 205 -35.28 -33.70 3.76
N SER A 206 -36.15 -33.87 2.77
CA SER A 206 -35.98 -34.80 1.67
C SER A 206 -35.85 -34.04 0.36
N PHE A 207 -35.09 -34.59 -0.58
CA PHE A 207 -34.79 -33.93 -1.84
C PHE A 207 -34.84 -34.95 -2.99
N ALA A 208 -35.33 -34.49 -4.14
CA ALA A 208 -35.30 -35.25 -5.39
C ALA A 208 -34.80 -34.32 -6.51
N PRO A 209 -33.92 -34.83 -7.40
CA PRO A 209 -33.53 -34.01 -8.54
C PRO A 209 -34.65 -33.93 -9.57
N SER A 210 -34.85 -32.76 -10.17
CA SER A 210 -35.60 -32.61 -11.43
C SER A 210 -34.64 -32.41 -12.63
N PRO A 211 -34.22 -33.50 -13.27
CA PRO A 211 -33.29 -33.39 -14.39
C PRO A 211 -33.93 -32.76 -15.65
N GLY A 212 -33.10 -32.09 -16.46
CA GLY A 212 -33.53 -31.40 -17.68
C GLY A 212 -32.69 -30.17 -17.97
N PRO A 213 -32.78 -29.64 -19.21
CA PRO A 213 -31.84 -28.59 -19.61
C PRO A 213 -32.20 -27.18 -19.12
N ARG A 214 -31.34 -26.61 -18.26
CA ARG A 214 -31.39 -25.20 -17.91
C ARG A 214 -30.56 -24.45 -18.95
N PRO A 215 -30.73 -23.12 -19.07
CA PRO A 215 -29.82 -22.35 -19.88
C PRO A 215 -28.39 -22.58 -19.43
N GLN A 216 -27.46 -22.55 -20.37
CA GLN A 216 -26.06 -22.80 -20.03
C GLN A 216 -25.46 -21.70 -19.19
N ILE A 217 -24.82 -22.09 -18.10
CA ILE A 217 -23.90 -21.20 -17.38
C ILE A 217 -22.59 -21.98 -17.21
N ASN A 218 -21.48 -21.32 -17.50
CA ASN A 218 -20.15 -21.96 -17.48
C ASN A 218 -20.14 -23.27 -18.27
N GLY A 219 -20.89 -23.27 -19.37
CA GLY A 219 -21.03 -24.41 -20.25
C GLY A 219 -22.00 -25.51 -19.84
N GLN A 220 -22.73 -25.34 -18.74
CA GLN A 220 -23.50 -26.45 -18.18
C GLN A 220 -24.98 -26.18 -18.14
N SER A 221 -25.75 -27.23 -18.46
CA SER A 221 -27.22 -27.18 -18.46
C SER A 221 -27.82 -27.84 -17.23
N GLY A 222 -26.99 -28.55 -16.44
CA GLY A 222 -27.42 -29.05 -15.13
C GLY A 222 -27.23 -27.96 -14.07
N ARG A 223 -27.65 -28.27 -12.84
CA ARG A 223 -27.49 -27.40 -11.70
C ARG A 223 -27.18 -28.20 -10.44
N ILE A 224 -26.34 -27.63 -9.57
CA ILE A 224 -26.10 -28.18 -8.25
C ILE A 224 -26.56 -27.11 -7.26
N ASP A 225 -27.62 -27.42 -6.52
CA ASP A 225 -28.13 -26.53 -5.47
C ASP A 225 -27.66 -27.00 -4.10
N PHE A 226 -27.15 -26.05 -3.33
CA PHE A 226 -26.51 -26.31 -2.05
C PHE A 226 -27.45 -25.94 -0.92
N TYR A 227 -27.49 -26.81 0.08
CA TYR A 227 -28.27 -26.63 1.29
C TYR A 227 -27.29 -26.72 2.44
N TRP A 228 -27.66 -26.13 3.57
CA TRP A 228 -26.79 -26.08 4.72
C TRP A 228 -27.54 -26.11 6.06
N LEU A 229 -26.82 -26.52 7.10
CA LEU A 229 -27.30 -26.38 8.48
C LEU A 229 -26.14 -26.12 9.41
N MET A 230 -26.46 -25.54 10.56
CA MET A 230 -25.53 -25.36 11.69
C MET A 230 -25.79 -26.50 12.67
N LEU A 231 -24.83 -27.40 12.80
CA LEU A 231 -24.97 -28.60 13.59
C LEU A 231 -24.45 -28.33 14.99
N ASP A 232 -25.35 -28.37 15.97
CA ASP A 232 -24.99 -28.10 17.40
C ASP A 232 -23.98 -29.09 17.89
N PRO A 233 -23.17 -28.69 18.88
CA PRO A 233 -22.29 -29.64 19.56
C PRO A 233 -23.08 -30.88 20.02
N ASN A 234 -22.52 -32.05 19.75
CA ASN A 234 -23.08 -33.36 20.10
C ASN A 234 -24.28 -33.82 19.26
N ASP A 235 -24.75 -32.98 18.34
CA ASP A 235 -25.78 -33.38 17.39
C ASP A 235 -25.09 -34.12 16.22
N THR A 236 -25.86 -34.90 15.47
CA THR A 236 -25.35 -35.73 14.38
C THR A 236 -26.20 -35.46 13.16
N VAL A 237 -25.54 -35.19 12.04
CA VAL A 237 -26.21 -35.07 10.75
C VAL A 237 -26.10 -36.41 10.01
N THR A 238 -27.19 -36.85 9.39
CA THR A 238 -27.21 -38.09 8.63
C THR A 238 -27.64 -37.77 7.21
N PHE A 239 -26.86 -38.27 6.24
CA PHE A 239 -27.20 -38.21 4.81
C PHE A 239 -27.53 -39.61 4.35
N SER A 240 -28.67 -39.77 3.68
CA SER A 240 -29.04 -41.06 3.09
C SER A 240 -29.45 -40.79 1.64
N PHE A 241 -28.86 -41.53 0.71
CA PHE A 241 -28.94 -41.20 -0.70
C PHE A 241 -28.64 -42.37 -1.63
N ASN A 242 -29.11 -42.27 -2.86
CA ASN A 242 -28.82 -43.26 -3.87
C ASN A 242 -28.28 -42.63 -5.16
N GLY A 243 -27.72 -41.43 -5.04
CA GLY A 243 -27.19 -40.70 -6.18
C GLY A 243 -27.68 -39.28 -6.18
N ALA A 244 -27.23 -38.50 -7.19
CA ALA A 244 -27.53 -37.08 -7.34
C ALA A 244 -27.22 -36.29 -6.09
N PHE A 245 -26.18 -36.74 -5.39
CA PHE A 245 -25.81 -36.22 -4.10
C PHE A 245 -24.36 -35.73 -4.14
N ILE A 246 -24.16 -34.47 -3.76
CA ILE A 246 -22.84 -33.88 -3.59
C ILE A 246 -22.55 -33.84 -2.10
N ALA A 247 -21.62 -34.70 -1.65
CA ALA A 247 -21.33 -34.88 -0.24
C ALA A 247 -20.27 -33.90 0.28
N PRO A 248 -20.41 -33.44 1.54
CA PRO A 248 -19.33 -32.67 2.13
C PRO A 248 -18.18 -33.59 2.50
N ASP A 249 -16.96 -33.12 2.27
CA ASP A 249 -15.74 -33.76 2.75
C ASP A 249 -15.30 -33.16 4.07
N ARG A 250 -15.47 -31.84 4.21
CA ARG A 250 -15.09 -31.14 5.42
C ARG A 250 -16.23 -30.23 5.92
N ALA A 251 -16.26 -30.03 7.23
CA ALA A 251 -17.16 -29.09 7.89
C ALA A 251 -16.41 -27.80 8.18
N SER A 252 -17.14 -26.68 8.28
CA SER A 252 -16.57 -25.38 8.63
C SER A 252 -16.95 -24.98 10.05
N PHE A 253 -16.03 -24.31 10.73
CA PHE A 253 -16.22 -23.75 12.07
C PHE A 253 -15.86 -22.28 12.02
N LEU A 254 -16.65 -21.45 12.71
CA LEU A 254 -16.43 -20.01 12.77
C LEU A 254 -15.31 -19.70 13.76
N ARG A 255 -14.51 -18.65 13.50
CA ARG A 255 -13.28 -18.41 14.28
C ARG A 255 -13.40 -17.36 15.37
N GLY A 256 -14.32 -16.42 15.22
CA GLY A 256 -14.39 -15.29 16.14
C GLY A 256 -15.37 -14.22 15.71
N LYS A 257 -14.89 -12.99 15.54
CA LYS A 257 -15.74 -11.85 15.19
C LYS A 257 -15.12 -11.03 14.06
N SER A 258 -16.03 -10.44 13.20
CA SER A 258 -15.59 -9.62 12.08
C SER A 258 -16.72 -8.75 11.56
N LEU A 259 -16.35 -7.74 10.76
CA LEU A 259 -17.28 -6.95 9.98
C LEU A 259 -17.09 -7.32 8.53
N GLY A 260 -18.19 -7.58 7.84
CA GLY A 260 -18.19 -7.87 6.41
C GLY A 260 -18.69 -6.66 5.66
N ILE A 261 -17.99 -6.27 4.60
CA ILE A 261 -18.40 -5.15 3.77
C ILE A 261 -18.42 -5.57 2.31
N GLN A 262 -19.19 -4.83 1.51
CA GLN A 262 -19.14 -4.89 0.06
C GLN A 262 -18.53 -3.58 -0.42
N SER A 263 -17.48 -3.66 -1.23
CA SER A 263 -16.79 -2.45 -1.70
C SER A 263 -16.16 -2.57 -3.05
N ASP A 264 -16.18 -1.45 -3.77
CA ASP A 264 -15.44 -1.25 -5.02
C ASP A 264 -14.07 -0.61 -4.77
N ALA A 265 -13.78 -0.22 -3.53
CA ALA A 265 -12.65 0.65 -3.25
C ALA A 265 -11.39 -0.16 -2.97
N GLN A 266 -10.26 0.44 -3.30
CA GLN A 266 -8.96 -0.22 -3.16
C GLN A 266 -8.53 -0.22 -1.71
N LEU A 267 -7.92 -1.32 -1.27
CA LEU A 267 -7.34 -1.39 0.06
C LEU A 267 -6.24 -0.36 0.24
N ASP A 268 -6.17 0.18 1.46
CA ASP A 268 -5.12 1.12 1.87
C ASP A 268 -4.77 0.86 3.33
N ASN A 269 -3.63 0.22 3.55
CA ASN A 269 -3.20 -0.16 4.89
C ASN A 269 -2.66 0.99 5.73
N ASN A 270 -2.58 2.19 5.15
CA ASN A 270 -2.04 3.35 5.84
C ASN A 270 -3.04 4.22 6.58
N CYS A 271 -4.28 4.30 6.10
CA CYS A 271 -5.31 5.09 6.77
C CYS A 271 -6.13 4.17 7.70
N GLU A 272 -6.62 4.75 8.80
CA GLU A 272 -7.41 4.04 9.79
C GLU A 272 -8.85 4.46 9.64
N GLY A 273 -9.79 3.53 9.77
CA GLY A 273 -11.22 3.84 9.59
C GLY A 273 -12.13 2.83 10.26
N GLU A 274 -13.38 3.23 10.47
CA GLU A 274 -14.41 2.38 11.13
C GLU A 274 -15.76 2.31 10.40
N CYS A 275 -15.95 3.13 9.38
CA CYS A 275 -17.21 3.25 8.65
C CYS A 275 -16.97 3.08 7.16
N TYR A 276 -17.60 2.07 6.55
CA TYR A 276 -17.33 1.66 5.19
C TYR A 276 -18.60 1.57 4.37
N HIS A 277 -18.42 1.67 3.05
CA HIS A 277 -19.50 1.55 2.08
C HIS A 277 -18.90 1.19 0.72
N ILE A 278 -19.75 1.06 -0.29
CA ILE A 278 -19.34 0.64 -1.63
C ILE A 278 -18.18 1.49 -2.19
N GLY A 279 -18.21 2.79 -1.91
CA GLY A 279 -17.27 3.77 -2.46
C GLY A 279 -16.06 4.11 -1.61
N GLY A 280 -15.94 3.50 -0.43
CA GLY A 280 -14.74 3.63 0.41
C GLY A 280 -15.01 3.70 1.92
N THR A 281 -14.42 4.71 2.57
CA THR A 281 -14.40 4.85 4.02
C THR A 281 -14.83 6.27 4.37
N ILE A 282 -15.72 6.38 5.36
CA ILE A 282 -16.13 7.69 5.90
C ILE A 282 -15.37 7.89 7.20
N ILE A 283 -14.44 8.84 7.19
CA ILE A 283 -13.60 9.16 8.35
C ILE A 283 -14.08 10.52 8.87
N SER A 284 -14.69 10.52 10.05
CA SER A 284 -15.34 11.72 10.55
C SER A 284 -15.67 11.65 12.03
N ASN A 285 -15.67 12.83 12.63
CA ASN A 285 -16.15 13.05 14.00
C ASN A 285 -17.55 13.72 14.03
N LEU A 286 -18.08 14.06 12.86
CA LEU A 286 -19.36 14.76 12.78
C LEU A 286 -20.47 13.77 13.08
N PRO A 287 -21.59 14.24 13.67
CA PRO A 287 -22.66 13.31 14.02
C PRO A 287 -23.47 12.78 12.84
N PHE A 288 -23.42 13.49 11.71
CA PHE A 288 -24.27 13.19 10.55
C PHE A 288 -23.43 13.02 9.29
N GLN A 289 -23.98 12.32 8.30
CA GLN A 289 -23.33 12.12 6.99
C GLN A 289 -24.37 12.02 5.90
N ASN A 290 -24.01 12.46 4.69
CA ASN A 290 -24.89 12.43 3.53
C ASN A 290 -24.25 11.69 2.34
N ILE A 291 -23.34 10.76 2.65
CA ILE A 291 -22.56 10.05 1.64
C ILE A 291 -23.27 8.76 1.18
N ASN A 292 -23.66 7.91 2.11
CA ASN A 292 -24.25 6.61 1.81
C ASN A 292 -25.09 6.11 2.98
N SER A 293 -26.39 6.00 2.75
CA SER A 293 -27.35 5.57 3.80
C SER A 293 -27.17 4.12 4.25
N ARG A 294 -26.44 3.32 3.48
CA ARG A 294 -26.18 1.92 3.81
C ARG A 294 -24.76 1.64 4.35
N ALA A 295 -24.04 2.69 4.74
CA ALA A 295 -22.70 2.53 5.33
C ALA A 295 -22.77 1.67 6.58
N ILE A 296 -21.73 0.86 6.82
CA ILE A 296 -21.69 -0.03 7.97
C ILE A 296 -20.41 0.10 8.76
N GLY A 297 -20.42 -0.44 9.97
CA GLY A 297 -19.39 -0.24 10.97
C GLY A 297 -19.86 0.81 11.95
N LYS A 298 -18.95 1.66 12.40
CA LYS A 298 -19.27 2.74 13.34
C LYS A 298 -19.30 4.05 12.55
N CYS A 299 -20.51 4.57 12.34
CA CYS A 299 -20.76 5.60 11.34
C CYS A 299 -21.53 6.78 11.91
N PRO A 300 -21.37 7.97 11.29
CA PRO A 300 -22.33 9.01 11.56
C PRO A 300 -23.69 8.57 11.05
N ARG A 301 -24.75 9.22 11.53
CA ARG A 301 -26.11 8.91 11.07
C ARG A 301 -26.35 9.53 9.71
N TYR A 302 -26.94 8.75 8.80
CA TYR A 302 -27.30 9.27 7.50
C TYR A 302 -28.47 10.26 7.60
N VAL A 303 -28.33 11.40 6.95
CA VAL A 303 -29.41 12.38 6.81
C VAL A 303 -29.55 12.76 5.35
N LYS A 304 -30.74 13.18 4.94
CA LYS A 304 -31.02 13.63 3.57
C LYS A 304 -30.35 14.94 3.15
N GLN A 305 -30.11 15.82 4.11
CA GLN A 305 -29.61 17.18 3.80
C GLN A 305 -28.14 17.14 3.38
N LYS A 306 -27.76 18.04 2.47
CA LYS A 306 -26.38 18.21 2.01
C LYS A 306 -25.50 18.88 3.05
N SER A 307 -26.07 19.85 3.77
CA SER A 307 -25.34 20.70 4.73
C SER A 307 -26.25 21.17 5.86
N LEU A 308 -25.72 21.17 7.08
CA LEU A 308 -26.35 21.77 8.27
C LEU A 308 -25.27 22.47 9.09
N MET A 309 -25.14 23.79 8.88
CA MET A 309 -24.08 24.59 9.52
C MET A 309 -24.45 24.96 10.95
N LEU A 310 -23.56 24.60 11.88
CA LEU A 310 -23.68 24.90 13.29
C LEU A 310 -22.94 26.19 13.59
N ALA A 311 -23.65 27.17 14.11
CA ALA A 311 -23.05 28.48 14.43
C ALA A 311 -22.05 28.33 15.57
N THR A 312 -20.85 28.86 15.38
CA THR A 312 -19.79 28.88 16.40
C THR A 312 -19.34 30.33 16.68
N GLY A 313 -20.26 31.27 16.48
CA GLY A 313 -20.01 32.68 16.75
C GLY A 313 -21.29 33.48 16.86
N MET A 314 -21.12 34.76 17.23
CA MET A 314 -22.24 35.71 17.29
C MET A 314 -22.69 36.11 15.90
N LYS A 315 -23.89 36.67 15.83
CA LYS A 315 -24.38 37.35 14.62
C LYS A 315 -23.31 38.32 14.10
N ASN A 316 -23.09 38.31 12.78
CA ASN A 316 -22.06 39.14 12.14
C ASN A 316 -22.72 40.40 11.61
N VAL A 317 -22.31 41.54 12.16
CA VAL A 317 -22.85 42.85 11.81
C VAL A 317 -21.66 43.72 11.36
N PRO A 318 -21.43 43.83 10.04
CA PRO A 318 -20.39 44.72 9.55
C PRO A 318 -20.91 46.17 9.50
N GLY B 1 -31.55 39.24 18.09
CA GLY B 1 -31.32 38.58 19.40
C GLY B 1 -32.33 39.01 20.46
N LEU B 2 -32.50 38.15 21.46
CA LEU B 2 -33.46 38.37 22.54
C LEU B 2 -33.13 39.57 23.44
N PHE B 3 -31.85 39.91 23.54
CA PHE B 3 -31.38 40.99 24.42
C PHE B 3 -31.18 42.34 23.71
N GLY B 4 -31.24 42.33 22.38
CA GLY B 4 -31.22 43.57 21.60
C GLY B 4 -29.94 44.39 21.72
N ALA B 5 -28.84 43.74 22.12
CA ALA B 5 -27.53 44.38 22.17
C ALA B 5 -26.86 44.25 20.81
N ILE B 6 -26.53 43.02 20.42
CA ILE B 6 -25.88 42.76 19.13
C ILE B 6 -26.95 42.91 18.04
N ALA B 7 -26.61 43.63 16.98
CA ALA B 7 -27.56 44.05 15.94
C ALA B 7 -28.81 44.74 16.51
N GLY B 8 -28.62 45.47 17.60
CA GLY B 8 -29.70 46.20 18.29
C GLY B 8 -29.23 47.59 18.65
N PHE B 9 -29.14 47.90 19.95
CA PHE B 9 -28.70 49.22 20.39
C PHE B 9 -27.22 49.50 20.08
N ILE B 10 -26.43 48.42 19.93
CA ILE B 10 -25.09 48.50 19.33
C ILE B 10 -25.21 48.33 17.81
N GLU B 11 -24.94 49.40 17.05
CA GLU B 11 -25.31 49.47 15.64
C GLU B 11 -24.60 48.41 14.78
N ASN B 12 -23.30 48.22 15.05
CA ASN B 12 -22.50 47.24 14.32
C ASN B 12 -21.29 46.77 15.12
N GLY B 13 -20.55 45.80 14.58
CA GLY B 13 -19.34 45.27 15.18
C GLY B 13 -18.09 45.99 14.70
N TRP B 14 -16.97 45.72 15.39
CA TRP B 14 -15.66 46.26 15.02
C TRP B 14 -14.78 45.18 14.40
N GLU B 15 -14.55 45.30 13.10
CA GLU B 15 -13.63 44.41 12.37
C GLU B 15 -12.19 44.54 12.84
N GLY B 16 -11.85 45.70 13.40
CA GLY B 16 -10.53 45.94 13.96
C GLY B 16 -10.23 45.19 15.24
N LEU B 17 -11.27 44.84 16.01
CA LEU B 17 -11.10 44.06 17.25
C LEU B 17 -10.75 42.60 16.92
N ILE B 18 -9.45 42.34 16.80
CA ILE B 18 -8.89 41.03 16.43
C ILE B 18 -8.30 40.31 17.64
N ASP B 19 -8.52 40.90 18.83
CA ASP B 19 -7.92 40.45 20.08
C ASP B 19 -8.91 39.68 20.99
N GLY B 20 -10.21 39.80 20.69
CA GLY B 20 -11.26 39.16 21.46
C GLY B 20 -12.60 39.29 20.77
N TRP B 21 -13.65 38.87 21.48
CA TRP B 21 -15.02 38.83 20.96
C TRP B 21 -15.82 40.07 21.38
N TYR B 22 -15.59 40.50 22.62
CA TYR B 22 -16.17 41.74 23.18
C TYR B 22 -15.02 42.64 23.66
N GLY B 23 -15.26 43.95 23.68
CA GLY B 23 -14.21 44.91 24.02
C GLY B 23 -14.70 46.31 24.37
N TYR B 24 -13.73 47.16 24.68
CA TYR B 24 -13.94 48.56 25.09
C TYR B 24 -13.31 49.52 24.08
N ARG B 25 -14.03 50.58 23.73
CA ARG B 25 -13.53 51.66 22.88
C ARG B 25 -13.71 52.98 23.64
N HIS B 26 -12.60 53.63 24.00
CA HIS B 26 -12.63 54.83 24.85
C HIS B 26 -12.10 56.09 24.16
N GLN B 27 -12.61 57.25 24.59
CA GLN B 27 -12.18 58.57 24.14
C GLN B 27 -11.95 59.46 25.36
N ASN B 28 -10.75 60.03 25.46
CA ASN B 28 -10.41 60.99 26.52
C ASN B 28 -9.48 62.08 25.98
N ALA B 29 -8.95 62.94 26.87
CA ALA B 29 -7.96 63.96 26.51
C ALA B 29 -6.77 63.41 25.71
N GLN B 30 -6.28 62.22 26.10
CA GLN B 30 -5.10 61.61 25.47
C GLN B 30 -5.40 60.81 24.18
N GLY B 31 -6.67 60.75 23.78
CA GLY B 31 -7.07 60.23 22.46
C GLY B 31 -8.01 59.04 22.55
N GLU B 32 -7.76 58.04 21.71
CA GLU B 32 -8.66 56.87 21.54
C GLU B 32 -7.85 55.58 21.76
N GLY B 33 -8.55 54.59 22.33
CA GLY B 33 -7.99 53.26 22.53
C GLY B 33 -9.07 52.19 22.50
N THR B 34 -8.70 51.01 22.01
CA THR B 34 -9.60 49.86 21.92
C THR B 34 -8.91 48.64 22.54
N ALA B 35 -9.59 47.97 23.47
CA ALA B 35 -9.07 46.79 24.16
C ALA B 35 -10.14 45.71 24.31
N ALA B 36 -9.72 44.45 24.30
CA ALA B 36 -10.63 43.30 24.41
C ALA B 36 -10.92 42.98 25.88
N ASP B 37 -12.14 42.52 26.15
CA ASP B 37 -12.52 42.01 27.48
C ASP B 37 -12.34 40.50 27.46
N TYR B 38 -11.48 40.00 28.34
CA TYR B 38 -11.11 38.58 28.37
C TYR B 38 -12.25 37.69 28.88
N LYS B 39 -12.85 38.07 30.00
CA LYS B 39 -13.81 37.24 30.74
C LYS B 39 -15.06 36.95 29.90
N SER B 40 -15.65 38.00 29.31
CA SER B 40 -16.83 37.87 28.45
C SER B 40 -16.54 37.04 27.19
N THR B 41 -15.42 37.35 26.53
CA THR B 41 -14.92 36.59 25.37
C THR B 41 -14.81 35.10 25.70
N GLN B 42 -14.19 34.80 26.83
CA GLN B 42 -13.96 33.43 27.32
C GLN B 42 -15.27 32.70 27.70
N SER B 43 -16.19 33.42 28.31
CA SER B 43 -17.53 32.89 28.64
C SER B 43 -18.30 32.40 27.39
N ALA B 44 -18.31 33.22 26.35
CA ALA B 44 -18.97 32.88 25.09
C ALA B 44 -18.28 31.71 24.40
N ILE B 45 -16.96 31.81 24.24
CA ILE B 45 -16.13 30.75 23.64
C ILE B 45 -16.37 29.39 24.33
N ASN B 46 -16.29 29.40 25.66
CA ASN B 46 -16.43 28.17 26.45
C ASN B 46 -17.82 27.56 26.34
N GLN B 47 -18.84 28.42 26.26
CA GLN B 47 -20.21 27.97 26.05
C GLN B 47 -20.38 27.28 24.69
N ILE B 48 -19.83 27.90 23.65
CA ILE B 48 -19.88 27.35 22.30
C ILE B 48 -19.07 26.05 22.16
N THR B 49 -17.89 26.03 22.77
CA THR B 49 -17.05 24.83 22.85
C THR B 49 -17.80 23.66 23.52
N GLY B 50 -18.57 23.96 24.55
CA GLY B 50 -19.42 22.96 25.20
C GLY B 50 -20.44 22.35 24.25
N LYS B 51 -20.98 23.17 23.35
CA LYS B 51 -21.89 22.71 22.31
C LYS B 51 -21.19 21.80 21.32
N LEU B 52 -20.01 22.22 20.85
CA LEU B 52 -19.18 21.39 19.97
C LEU B 52 -18.79 20.06 20.62
N ASN B 53 -18.32 20.14 21.87
CA ASN B 53 -18.01 18.94 22.67
C ASN B 53 -19.13 17.92 22.65
N ARG B 54 -20.36 18.39 22.86
CA ARG B 54 -21.54 17.51 22.81
C ARG B 54 -21.84 16.90 21.45
N LEU B 55 -21.56 17.64 20.36
CA LEU B 55 -21.96 17.22 19.01
C LEU B 55 -20.97 16.29 18.32
N ILE B 56 -19.67 16.48 18.57
CA ILE B 56 -18.63 15.59 18.01
C ILE B 56 -18.42 14.31 18.81
N GLU B 57 -19.18 14.12 19.89
CA GLU B 57 -19.10 12.93 20.74
C GLU B 57 -19.76 11.72 20.04
N LYS B 58 -18.94 10.83 19.52
CA LYS B 58 -19.41 9.70 18.72
C LYS B 58 -20.11 8.66 19.58
N THR B 59 -21.07 7.96 18.97
CA THR B 59 -21.65 6.74 19.55
C THR B 59 -20.82 5.59 19.06
N ASN B 60 -20.75 4.54 19.87
CA ASN B 60 -20.02 3.32 19.52
C ASN B 60 -20.99 2.19 19.13
N GLN B 61 -22.13 2.55 18.52
CA GLN B 61 -23.10 1.55 18.01
C GLN B 61 -22.77 1.09 16.60
N GLN B 62 -22.44 -0.20 16.48
CA GLN B 62 -22.12 -0.79 15.21
C GLN B 62 -23.40 -1.14 14.44
N PHE B 63 -23.33 -1.01 13.11
CA PHE B 63 -24.35 -1.57 12.27
C PHE B 63 -23.71 -2.53 11.25
N GLU B 64 -24.47 -3.56 10.87
CA GLU B 64 -24.04 -4.58 9.93
C GLU B 64 -24.93 -4.50 8.72
N LEU B 65 -24.48 -5.09 7.62
CA LEU B 65 -25.29 -5.17 6.40
C LEU B 65 -26.56 -5.98 6.65
N ILE B 66 -27.69 -5.42 6.27
CA ILE B 66 -28.98 -6.10 6.32
C ILE B 66 -29.50 -6.50 4.94
N ASP B 67 -28.95 -5.87 3.90
CA ASP B 67 -29.26 -6.25 2.52
C ASP B 67 -27.97 -6.23 1.68
N ASN B 68 -28.08 -6.35 0.37
CA ASN B 68 -26.97 -6.74 -0.51
C ASN B 68 -27.05 -5.98 -1.85
N GLU B 69 -26.02 -5.20 -2.17
CA GLU B 69 -25.91 -4.45 -3.45
C GLU B 69 -25.48 -5.21 -4.68
N PHE B 70 -24.96 -6.42 -4.50
CA PHE B 70 -24.50 -7.25 -5.61
C PHE B 70 -25.54 -8.28 -6.06
N ASN B 71 -26.35 -8.77 -5.12
CA ASN B 71 -27.41 -9.76 -5.41
C ASN B 71 -28.62 -9.49 -4.51
N GLU B 72 -29.71 -9.02 -5.13
CA GLU B 72 -30.86 -8.53 -4.40
C GLU B 72 -31.44 -9.61 -3.51
N ILE B 73 -31.68 -9.25 -2.25
CA ILE B 73 -32.34 -10.16 -1.31
C ILE B 73 -33.82 -10.38 -1.65
N GLU B 74 -34.40 -11.40 -1.03
CA GLU B 74 -35.84 -11.68 -1.15
C GLU B 74 -36.68 -10.42 -0.91
N LYS B 75 -37.69 -10.24 -1.74
CA LYS B 75 -38.49 -9.00 -1.75
C LYS B 75 -39.38 -8.78 -0.53
N GLN B 76 -39.88 -9.86 0.07
CA GLN B 76 -40.73 -9.72 1.26
C GLN B 76 -39.97 -8.99 2.36
N ILE B 77 -38.80 -9.50 2.72
CA ILE B 77 -37.96 -8.81 3.70
C ILE B 77 -37.37 -7.48 3.15
N GLY B 78 -36.98 -7.48 1.88
CA GLY B 78 -36.44 -6.29 1.22
C GLY B 78 -37.33 -5.06 1.33
N ASN B 79 -38.62 -5.24 1.10
CA ASN B 79 -39.59 -4.15 1.19
C ASN B 79 -39.74 -3.59 2.61
N VAL B 80 -39.65 -4.46 3.61
CA VAL B 80 -39.75 -4.05 5.01
C VAL B 80 -38.50 -3.27 5.41
N ILE B 81 -37.34 -3.79 5.04
CA ILE B 81 -36.06 -3.14 5.28
C ILE B 81 -36.09 -1.72 4.72
N ASN B 82 -36.48 -1.61 3.45
CA ASN B 82 -36.50 -0.31 2.79
C ASN B 82 -37.45 0.70 3.45
N TRP B 83 -38.62 0.22 3.81
CA TRP B 83 -39.62 1.02 4.52
C TRP B 83 -39.07 1.49 5.88
N THR B 84 -38.48 0.57 6.62
CA THR B 84 -37.87 0.89 7.93
C THR B 84 -36.69 1.86 7.77
N ARG B 85 -35.80 1.58 6.82
CA ARG B 85 -34.67 2.48 6.59
C ARG B 85 -35.12 3.90 6.22
N ASP B 86 -36.07 4.00 5.30
CA ASP B 86 -36.59 5.32 4.90
C ASP B 86 -37.21 6.04 6.09
N SER B 87 -37.91 5.31 6.95
CA SER B 87 -38.52 5.92 8.13
C SER B 87 -37.46 6.45 9.10
N ILE B 88 -36.41 5.67 9.34
CA ILE B 88 -35.31 6.07 10.20
C ILE B 88 -34.56 7.28 9.60
N ILE B 89 -34.31 7.27 8.31
CA ILE B 89 -33.67 8.41 7.62
C ILE B 89 -34.50 9.71 7.83
N GLU B 90 -35.82 9.63 7.69
CA GLU B 90 -36.70 10.77 7.96
C GLU B 90 -36.56 11.29 9.39
N VAL B 91 -36.54 10.37 10.35
CA VAL B 91 -36.38 10.71 11.76
C VAL B 91 -35.06 11.44 12.01
N TRP B 92 -33.96 10.89 11.49
CA TRP B 92 -32.64 11.51 11.73
C TRP B 92 -32.47 12.86 11.02
N SER B 93 -32.99 12.97 9.80
CA SER B 93 -32.97 14.23 9.05
C SER B 93 -33.73 15.33 9.83
N TYR B 94 -34.89 14.96 10.36
CA TYR B 94 -35.69 15.86 11.20
C TYR B 94 -34.93 16.25 12.47
N ASN B 95 -34.40 15.24 13.16
CA ASN B 95 -33.61 15.45 14.38
C ASN B 95 -32.43 16.37 14.19
N ALA B 96 -31.70 16.17 13.09
CA ALA B 96 -30.50 16.93 12.82
C ALA B 96 -30.85 18.41 12.59
N GLU B 97 -31.86 18.64 11.75
CA GLU B 97 -32.30 19.99 11.42
C GLU B 97 -32.80 20.75 12.64
N PHE B 98 -33.62 20.09 13.46
CA PHE B 98 -34.17 20.70 14.66
C PHE B 98 -33.07 21.02 15.67
N LEU B 99 -32.15 20.07 15.87
CA LEU B 99 -31.01 20.28 16.75
C LEU B 99 -30.25 21.54 16.37
N VAL B 100 -29.86 21.64 15.09
CA VAL B 100 -28.99 22.71 14.63
C VAL B 100 -29.70 24.08 14.70
N ALA B 101 -30.99 24.10 14.39
CA ALA B 101 -31.80 25.31 14.48
C ALA B 101 -31.90 25.84 15.92
N VAL B 102 -32.21 24.94 16.86
CA VAL B 102 -32.27 25.29 18.29
C VAL B 102 -30.90 25.75 18.81
N GLU B 103 -29.86 24.97 18.52
CA GLU B 103 -28.51 25.33 18.93
C GLU B 103 -28.10 26.71 18.39
N ASN B 104 -28.44 26.98 17.13
CA ASN B 104 -28.07 28.23 16.48
C ASN B 104 -28.83 29.45 17.04
N GLN B 105 -30.12 29.30 17.28
CA GLN B 105 -30.93 30.33 17.95
C GLN B 105 -30.32 30.70 19.29
N HIS B 106 -30.03 29.67 20.08
CA HIS B 106 -29.49 29.84 21.42
C HIS B 106 -28.04 30.39 21.43
N THR B 107 -27.24 29.97 20.44
CA THR B 107 -25.88 30.48 20.29
C THR B 107 -25.86 32.00 19.98
N ILE B 108 -26.73 32.42 19.09
CA ILE B 108 -26.91 33.85 18.78
C ILE B 108 -27.40 34.61 20.03
N ASP B 109 -28.38 34.02 20.74
CA ASP B 109 -28.94 34.63 21.95
C ASP B 109 -27.98 34.70 23.13
N LEU B 110 -27.14 33.67 23.29
CA LEU B 110 -26.17 33.69 24.38
C LEU B 110 -25.05 34.70 24.10
N THR B 111 -24.67 34.86 22.83
CA THR B 111 -23.65 35.84 22.45
C THR B 111 -24.16 37.28 22.62
N ASP B 112 -25.39 37.51 22.19
CA ASP B 112 -26.14 38.75 22.45
C ASP B 112 -26.22 39.03 23.95
N SER B 113 -26.65 38.03 24.72
CA SER B 113 -26.68 38.11 26.20
C SER B 113 -25.35 38.54 26.83
N GLU B 114 -24.26 37.89 26.42
CA GLU B 114 -22.93 38.19 26.95
C GLU B 114 -22.53 39.66 26.71
N MET B 115 -22.86 40.18 25.52
CA MET B 115 -22.66 41.61 25.18
C MET B 115 -23.44 42.49 26.15
N ASN B 116 -24.73 42.18 26.31
CA ASN B 116 -25.59 42.86 27.27
C ASN B 116 -25.07 42.83 28.69
N LYS B 117 -24.61 41.66 29.14
CA LYS B 117 -24.10 41.50 30.51
C LYS B 117 -22.86 42.38 30.80
N LEU B 118 -22.01 42.55 29.80
CA LEU B 118 -20.81 43.39 29.94
C LEU B 118 -21.18 44.89 30.00
N TYR B 119 -22.04 45.32 29.10
CA TYR B 119 -22.60 46.67 29.08
C TYR B 119 -23.22 47.05 30.42
N GLU B 120 -24.03 46.14 30.97
CA GLU B 120 -24.73 46.35 32.23
C GLU B 120 -23.77 46.42 33.41
N LYS B 121 -22.73 45.57 33.40
CA LYS B 121 -21.70 45.57 34.44
C LYS B 121 -21.01 46.95 34.52
N VAL B 122 -20.68 47.52 33.37
CA VAL B 122 -20.08 48.85 33.26
C VAL B 122 -21.01 49.94 33.79
N ARG B 123 -22.27 49.93 33.35
CA ARG B 123 -23.29 50.89 33.81
C ARG B 123 -23.39 50.94 35.33
N ARG B 124 -23.46 49.76 35.95
CA ARG B 124 -23.53 49.65 37.43
C ARG B 124 -22.27 50.16 38.11
N GLN B 125 -21.14 49.95 37.46
CA GLN B 125 -19.83 50.44 37.91
C GLN B 125 -19.79 51.98 37.93
N LEU B 126 -20.24 52.60 36.84
CA LEU B 126 -20.27 54.06 36.68
C LEU B 126 -21.48 54.72 37.37
N ARG B 127 -21.88 54.18 38.51
CA ARG B 127 -22.98 54.71 39.29
C ARG B 127 -22.95 56.23 39.29
N GLU B 128 -23.91 56.85 38.59
CA GLU B 128 -24.14 58.33 38.57
C GLU B 128 -23.06 59.25 37.98
N ASN B 129 -21.84 58.75 37.77
CA ASN B 129 -20.75 59.52 37.15
C ASN B 129 -20.83 59.56 35.62
N ALA B 130 -21.80 58.85 35.05
CA ALA B 130 -21.99 58.76 33.60
C ALA B 130 -23.41 58.32 33.33
N GLU B 131 -23.85 58.48 32.08
CA GLU B 131 -25.18 58.09 31.58
C GLU B 131 -25.06 57.47 30.22
N GLU B 132 -26.12 56.75 29.83
CA GLU B 132 -26.14 55.96 28.62
C GLU B 132 -26.42 56.84 27.40
N ASP B 133 -25.49 56.82 26.45
CA ASP B 133 -25.67 57.41 25.12
C ASP B 133 -26.88 56.78 24.41
N GLY B 134 -26.82 55.47 24.20
CA GLY B 134 -27.87 54.74 23.47
C GLY B 134 -27.38 53.88 22.33
N ASN B 135 -26.14 54.13 21.86
CA ASN B 135 -25.43 53.27 20.90
C ASN B 135 -24.35 52.44 21.63
N GLY B 136 -24.66 51.96 22.83
CA GLY B 136 -23.73 51.19 23.64
C GLY B 136 -22.55 51.97 24.20
N CYS B 137 -22.68 53.29 24.30
CA CYS B 137 -21.61 54.15 24.85
C CYS B 137 -22.04 54.85 26.14
N PHE B 138 -21.06 55.05 27.02
CA PHE B 138 -21.24 55.78 28.28
C PHE B 138 -20.51 57.11 28.20
N GLU B 139 -21.28 58.21 28.28
CA GLU B 139 -20.71 59.56 28.32
C GLU B 139 -20.36 59.86 29.77
N ILE B 140 -19.06 59.94 30.04
CA ILE B 140 -18.52 60.15 31.38
C ILE B 140 -18.46 61.66 31.64
N PHE B 141 -19.11 62.11 32.71
CA PHE B 141 -19.17 63.52 33.05
C PHE B 141 -17.82 64.05 33.50
N HIS B 142 -17.24 63.39 34.49
CA HIS B 142 -15.89 63.72 34.97
C HIS B 142 -14.85 63.34 33.91
N GLN B 143 -13.68 63.99 33.95
CA GLN B 143 -12.58 63.63 33.04
C GLN B 143 -11.95 62.33 33.52
N CYS B 144 -11.65 61.43 32.59
CA CYS B 144 -11.21 60.07 32.90
C CYS B 144 -10.04 59.69 31.99
N ASP B 145 -8.83 59.77 32.54
CA ASP B 145 -7.57 59.52 31.80
C ASP B 145 -7.37 58.03 31.52
N ASN B 146 -6.32 57.69 30.77
CA ASN B 146 -6.02 56.30 30.40
C ASN B 146 -5.99 55.33 31.60
N ASP B 147 -5.49 55.80 32.73
CA ASP B 147 -5.45 54.99 33.96
C ASP B 147 -6.82 54.82 34.61
N CYS B 148 -7.65 55.86 34.53
CA CYS B 148 -9.05 55.80 34.97
C CYS B 148 -9.86 54.84 34.08
N MET B 149 -9.59 54.86 32.78
CA MET B 149 -10.23 53.98 31.79
C MET B 149 -9.85 52.52 32.01
N ALA B 150 -8.54 52.28 32.17
CA ALA B 150 -8.01 50.97 32.56
C ALA B 150 -8.64 50.44 33.87
N SER B 151 -8.92 51.36 34.80
CA SER B 151 -9.61 51.03 36.06
C SER B 151 -11.03 50.49 35.82
N ILE B 152 -11.68 50.98 34.77
CA ILE B 152 -12.99 50.48 34.35
C ILE B 152 -12.85 49.06 33.76
N ARG B 153 -11.88 48.90 32.85
CA ARG B 153 -11.63 47.62 32.17
C ARG B 153 -11.15 46.51 33.12
N ASN B 154 -10.26 46.86 34.04
CA ASN B 154 -9.73 45.91 35.04
C ASN B 154 -10.73 45.77 36.23
N ASN B 155 -11.83 46.52 36.20
CA ASN B 155 -12.96 46.38 37.12
C ASN B 155 -12.67 46.82 38.57
N THR B 156 -11.96 47.94 38.70
CA THR B 156 -11.58 48.54 39.99
C THR B 156 -11.88 50.05 40.10
N TYR B 157 -12.62 50.59 39.13
CA TYR B 157 -13.05 51.99 39.12
C TYR B 157 -13.82 52.33 40.40
N ASP B 158 -13.38 53.36 41.12
CA ASP B 158 -14.03 53.83 42.34
C ASP B 158 -14.99 54.98 42.02
N HIS B 159 -16.29 54.69 42.08
CA HIS B 159 -17.37 55.63 41.79
C HIS B 159 -17.32 56.86 42.71
N LYS B 160 -17.20 56.61 44.01
CA LYS B 160 -17.25 57.69 45.02
C LYS B 160 -16.06 58.64 44.97
N LYS B 161 -14.94 58.21 44.37
CA LYS B 161 -13.78 59.08 44.11
C LYS B 161 -14.12 60.27 43.22
N TYR B 162 -14.68 59.99 42.04
CA TYR B 162 -14.99 61.02 41.03
C TYR B 162 -16.43 61.53 41.08
N ARG B 163 -17.19 61.05 42.08
CA ARG B 163 -18.62 61.36 42.28
C ARG B 163 -18.88 62.87 42.19
N LYS B 164 -18.27 63.61 43.13
CA LYS B 164 -18.45 65.05 43.31
C LYS B 164 -18.51 65.80 41.98
N GLU B 165 -17.39 65.82 41.25
CA GLU B 165 -17.30 66.59 40.00
C GLU B 165 -18.26 66.11 38.91
N ALA B 166 -18.47 64.80 38.84
CA ALA B 166 -19.34 64.22 37.80
C ALA B 166 -20.78 64.69 37.91
N ILE B 167 -21.36 64.55 39.09
CA ILE B 167 -22.74 64.97 39.37
C ILE B 167 -22.91 66.52 39.23
N GLN B 168 -21.92 67.27 39.71
CA GLN B 168 -21.81 68.72 39.48
C GLN B 168 -21.82 69.01 37.98
N ASN B 169 -21.04 68.24 37.23
CA ASN B 169 -21.05 68.27 35.76
C ASN B 169 -22.29 67.59 35.17
N ARG B 170 -23.46 67.73 35.81
CA ARG B 170 -24.72 67.14 35.32
C ARG B 170 -25.00 67.49 33.88
N ASP C 4 4.89 44.31 1.48
CA ASP C 4 6.38 44.26 1.30
C ASP C 4 6.73 43.43 0.06
N LYS C 5 6.26 42.18 0.02
CA LYS C 5 6.62 41.26 -1.07
C LYS C 5 5.50 40.27 -1.46
N ILE C 6 5.54 39.84 -2.72
CA ILE C 6 4.69 38.75 -3.23
C ILE C 6 5.56 37.70 -3.95
N CYS C 7 5.37 36.43 -3.59
CA CYS C 7 6.21 35.31 -4.06
C CYS C 7 5.39 34.34 -4.93
N LEU C 8 6.00 33.85 -6.01
CA LEU C 8 5.41 32.82 -6.89
C LEU C 8 5.98 31.45 -6.54
N GLY C 9 5.12 30.44 -6.52
CA GLY C 9 5.53 29.06 -6.25
C GLY C 9 4.59 28.02 -6.84
N HIS C 10 4.87 26.76 -6.52
CA HIS C 10 4.14 25.59 -7.04
C HIS C 10 3.96 24.57 -5.93
N HIS C 11 3.00 23.65 -6.12
CA HIS C 11 2.67 22.63 -5.12
C HIS C 11 3.77 21.55 -5.11
N ALA C 12 3.73 20.69 -4.10
CA ALA C 12 4.65 19.55 -3.98
C ALA C 12 4.05 18.54 -3.02
N VAL C 13 4.72 17.39 -2.89
CA VAL C 13 4.33 16.32 -1.96
C VAL C 13 5.62 15.65 -1.47
N SER C 14 5.56 15.03 -0.30
CA SER C 14 6.72 14.29 0.23
C SER C 14 6.88 12.92 -0.45
N ASN C 15 5.76 12.29 -0.79
CA ASN C 15 5.73 10.96 -1.43
C ASN C 15 5.53 11.07 -2.94
N GLY C 16 6.59 11.47 -3.64
CA GLY C 16 6.54 11.57 -5.12
C GLY C 16 6.78 10.23 -5.81
N THR C 17 6.62 10.22 -7.13
CA THR C 17 6.75 9.00 -7.96
C THR C 17 7.88 9.16 -8.98
N LYS C 18 8.73 8.14 -9.08
CA LYS C 18 9.85 8.15 -10.02
C LYS C 18 9.38 7.92 -11.45
N VAL C 19 9.99 8.63 -12.39
CA VAL C 19 9.81 8.40 -13.83
C VAL C 19 11.15 8.59 -14.52
N ASP C 20 11.21 8.21 -15.80
CA ASP C 20 12.39 8.44 -16.65
C ASP C 20 12.05 9.44 -17.74
N THR C 21 13.09 10.14 -18.22
CA THR C 21 12.98 11.12 -19.30
C THR C 21 14.09 10.80 -20.27
N LEU C 22 14.24 11.58 -21.33
CA LEU C 22 15.38 11.38 -22.24
C LEU C 22 16.72 11.66 -21.59
N THR C 23 16.67 12.53 -20.58
CA THR C 23 17.88 13.09 -19.99
C THR C 23 18.25 12.48 -18.64
N GLU C 24 17.26 11.93 -17.93
CA GLU C 24 17.44 11.51 -16.54
C GLU C 24 16.60 10.27 -16.20
N LYS C 25 17.23 9.35 -15.47
CA LYS C 25 16.59 8.15 -14.96
C LYS C 25 16.16 8.40 -13.51
N GLY C 26 14.90 8.12 -13.20
CA GLY C 26 14.39 8.16 -11.83
C GLY C 26 14.17 9.54 -11.23
N ILE C 27 13.87 10.52 -12.08
CA ILE C 27 13.44 11.84 -11.63
C ILE C 27 12.07 11.72 -10.97
N GLU C 28 11.87 12.43 -9.85
CA GLU C 28 10.65 12.35 -9.08
C GLU C 28 9.66 13.42 -9.53
N VAL C 29 8.39 13.04 -9.63
CA VAL C 29 7.33 13.90 -10.11
C VAL C 29 6.17 13.81 -9.11
N VAL C 30 5.23 14.77 -9.15
CA VAL C 30 4.11 14.83 -8.19
C VAL C 30 3.13 13.66 -8.37
N ASN C 31 2.82 13.32 -9.61
CA ASN C 31 1.96 12.18 -9.95
C ASN C 31 2.42 11.54 -11.27
N ALA C 32 2.10 10.26 -11.42
CA ALA C 32 2.42 9.50 -12.64
C ALA C 32 1.48 8.33 -12.77
N THR C 33 1.30 7.87 -14.01
CA THR C 33 0.43 6.73 -14.29
C THR C 33 1.19 5.65 -15.10
N GLU C 34 0.90 4.39 -14.81
CA GLU C 34 1.48 3.23 -15.51
C GLU C 34 0.89 3.11 -16.91
N THR C 35 1.73 2.85 -17.90
CA THR C 35 1.31 2.61 -19.29
C THR C 35 1.39 1.12 -19.73
N VAL C 36 2.05 0.29 -18.92
CA VAL C 36 2.19 -1.14 -19.20
C VAL C 36 1.28 -1.95 -18.26
N GLU C 37 0.27 -2.61 -18.82
CA GLU C 37 -0.65 -3.49 -18.06
C GLU C 37 0.04 -4.71 -17.49
N GLN C 38 -0.06 -4.90 -16.18
CA GLN C 38 0.39 -6.13 -15.49
C GLN C 38 -0.75 -6.91 -14.84
N LYS C 39 -1.95 -6.36 -14.82
CA LYS C 39 -3.07 -6.99 -14.15
C LYS C 39 -3.72 -8.00 -15.11
N ASN C 40 -3.67 -9.27 -14.72
CA ASN C 40 -4.39 -10.35 -15.40
C ASN C 40 -5.65 -10.73 -14.62
N ILE C 41 -6.74 -11.01 -15.33
CA ILE C 41 -7.93 -11.65 -14.74
C ILE C 41 -7.85 -13.15 -14.99
N PRO C 42 -7.77 -13.97 -13.91
CA PRO C 42 -7.58 -15.41 -14.11
C PRO C 42 -8.89 -16.14 -14.43
N LYS C 43 -9.55 -15.66 -15.48
CA LYS C 43 -10.78 -16.21 -16.01
C LYS C 43 -10.82 -15.93 -17.52
N ILE C 44 -11.67 -16.68 -18.21
CA ILE C 44 -12.10 -16.34 -19.55
C ILE C 44 -13.42 -15.59 -19.38
N CYS C 45 -13.34 -14.26 -19.50
CA CYS C 45 -14.49 -13.36 -19.42
C CYS C 45 -15.27 -13.41 -20.68
N SER C 46 -16.45 -14.02 -20.63
CA SER C 46 -17.24 -14.30 -21.80
C SER C 46 -18.59 -13.60 -21.86
N LYS C 47 -18.81 -12.56 -21.06
CA LYS C 47 -20.11 -11.91 -21.03
C LYS C 47 -20.45 -11.38 -22.42
N GLY C 48 -21.66 -11.69 -22.87
CA GLY C 48 -22.16 -11.20 -24.16
C GLY C 48 -21.64 -11.99 -25.36
N LYS C 49 -21.03 -13.16 -25.12
CA LYS C 49 -20.46 -13.99 -26.18
C LYS C 49 -20.99 -15.40 -26.08
N GLN C 50 -21.36 -15.97 -27.21
CA GLN C 50 -21.73 -17.38 -27.27
C GLN C 50 -20.41 -18.15 -27.24
N THR C 51 -20.20 -18.91 -26.19
CA THR C 51 -18.91 -19.57 -25.94
C THR C 51 -19.08 -21.10 -26.02
N ILE C 52 -18.02 -21.79 -26.47
CA ILE C 52 -17.93 -23.22 -26.34
C ILE C 52 -16.63 -23.54 -25.59
N ASP C 53 -16.76 -24.28 -24.49
CA ASP C 53 -15.63 -24.80 -23.75
C ASP C 53 -15.45 -26.26 -24.14
N LEU C 54 -14.48 -26.53 -25.00
CA LEU C 54 -14.33 -27.85 -25.58
C LEU C 54 -13.92 -28.95 -24.61
N GLY C 55 -13.17 -28.59 -23.57
CA GLY C 55 -12.74 -29.56 -22.57
C GLY C 55 -11.92 -30.69 -23.17
N GLN C 56 -12.42 -31.90 -22.98
CA GLN C 56 -11.79 -33.11 -23.48
C GLN C 56 -11.91 -33.23 -25.00
N CYS C 57 -12.84 -32.50 -25.61
CA CYS C 57 -13.04 -32.53 -27.05
C CYS C 57 -11.98 -31.68 -27.75
N GLY C 58 -11.18 -32.33 -28.59
CA GLY C 58 -10.30 -31.62 -29.49
C GLY C 58 -11.10 -30.94 -30.59
N LEU C 59 -10.69 -29.72 -30.95
CA LEU C 59 -11.41 -28.93 -31.99
C LEU C 59 -11.66 -29.71 -33.30
N LEU C 60 -10.67 -30.46 -33.76
CA LEU C 60 -10.82 -31.27 -34.98
C LEU C 60 -11.79 -32.43 -34.78
N GLY C 61 -11.83 -32.95 -33.56
CA GLY C 61 -12.82 -33.94 -33.13
C GLY C 61 -14.29 -33.59 -33.37
N THR C 62 -14.61 -32.30 -33.33
CA THR C 62 -15.96 -31.83 -33.63
C THR C 62 -16.45 -32.24 -35.02
N THR C 63 -15.53 -32.37 -35.98
CA THR C 63 -15.88 -32.72 -37.37
C THR C 63 -16.15 -34.20 -37.59
N ILE C 64 -15.55 -35.06 -36.76
CA ILE C 64 -15.63 -36.51 -36.95
C ILE C 64 -16.38 -37.22 -35.83
N GLY C 65 -16.29 -36.67 -34.61
CA GLY C 65 -17.13 -37.08 -33.52
C GLY C 65 -16.69 -38.31 -32.75
N PRO C 66 -15.51 -38.28 -32.10
CA PRO C 66 -15.24 -39.27 -31.07
C PRO C 66 -16.15 -39.00 -29.86
N PRO C 67 -16.32 -39.99 -28.96
CA PRO C 67 -17.36 -39.85 -27.91
C PRO C 67 -17.22 -38.59 -27.05
N GLN C 68 -15.99 -38.17 -26.79
CA GLN C 68 -15.75 -36.91 -26.03
C GLN C 68 -16.24 -35.63 -26.74
N CYS C 69 -16.62 -35.72 -28.02
CA CYS C 69 -17.14 -34.58 -28.80
C CYS C 69 -18.63 -34.68 -29.15
N ASP C 70 -19.34 -35.65 -28.56
CA ASP C 70 -20.76 -35.86 -28.90
C ASP C 70 -21.64 -34.64 -28.69
N GLN C 71 -21.30 -33.83 -27.70
CA GLN C 71 -22.05 -32.63 -27.37
C GLN C 71 -21.71 -31.41 -28.23
N PHE C 72 -20.73 -31.53 -29.14
CA PHE C 72 -20.25 -30.39 -29.95
C PHE C 72 -20.32 -30.64 -31.47
N LEU C 73 -21.13 -31.61 -31.90
CA LEU C 73 -21.13 -32.00 -33.32
C LEU C 73 -21.68 -30.89 -34.22
N GLU C 74 -22.54 -30.03 -33.69
CA GLU C 74 -23.08 -28.89 -34.43
C GLU C 74 -23.06 -27.56 -33.70
N PHE C 75 -21.94 -27.29 -33.05
CA PHE C 75 -21.86 -26.12 -32.18
C PHE C 75 -21.91 -24.76 -32.87
N SER C 76 -22.34 -23.76 -32.11
CA SER C 76 -22.37 -22.40 -32.55
C SER C 76 -21.67 -21.58 -31.46
N ALA C 77 -20.75 -20.71 -31.86
CA ALA C 77 -19.99 -19.91 -30.90
C ALA C 77 -19.32 -18.73 -31.56
N ASN C 78 -19.20 -17.63 -30.81
CA ASN C 78 -18.37 -16.49 -31.13
C ASN C 78 -16.99 -16.63 -30.53
N LEU C 79 -16.89 -17.40 -29.46
CA LEU C 79 -15.63 -17.61 -28.76
C LEU C 79 -15.46 -19.10 -28.52
N ILE C 80 -14.38 -19.66 -29.08
CA ILE C 80 -14.11 -21.10 -29.01
C ILE C 80 -12.88 -21.27 -28.14
N ILE C 81 -13.01 -22.09 -27.08
CA ILE C 81 -11.92 -22.31 -26.13
C ILE C 81 -11.40 -23.74 -26.25
N GLU C 82 -10.15 -23.87 -26.68
CA GLU C 82 -9.48 -25.15 -26.70
C GLU C 82 -8.80 -25.33 -25.36
N ARG C 83 -8.80 -26.57 -24.88
CA ARG C 83 -8.22 -26.89 -23.61
C ARG C 83 -7.04 -27.84 -23.81
N ARG C 84 -6.13 -27.79 -22.86
CA ARG C 84 -4.91 -28.57 -22.90
C ARG C 84 -5.17 -30.08 -23.02
N GLU C 85 -6.23 -30.57 -22.39
CA GLU C 85 -6.56 -32.00 -22.42
C GLU C 85 -7.26 -32.42 -23.73
N GLY C 86 -7.57 -31.47 -24.60
CA GLY C 86 -8.39 -31.77 -25.77
C GLY C 86 -7.77 -32.86 -26.64
N ASP C 87 -8.59 -33.82 -27.07
CA ASP C 87 -8.15 -34.91 -27.92
C ASP C 87 -9.11 -35.03 -29.09
N ASP C 88 -8.54 -34.94 -30.30
CA ASP C 88 -9.31 -35.02 -31.56
C ASP C 88 -9.82 -36.43 -31.90
N ILE C 89 -9.18 -37.46 -31.37
CA ILE C 89 -9.41 -38.83 -31.82
C ILE C 89 -9.84 -39.75 -30.69
N CYS C 90 -10.25 -40.97 -31.06
CA CYS C 90 -10.49 -42.05 -30.10
C CYS C 90 -9.66 -43.24 -30.57
N TYR C 91 -9.99 -43.79 -31.73
CA TYR C 91 -9.09 -44.74 -32.37
C TYR C 91 -7.84 -43.91 -32.74
N PRO C 92 -6.62 -44.39 -32.44
CA PRO C 92 -5.44 -43.57 -32.66
C PRO C 92 -5.17 -43.22 -34.13
N GLY C 93 -4.58 -42.05 -34.31
CA GLY C 93 -4.33 -41.50 -35.64
C GLY C 93 -4.22 -39.99 -35.57
N LYS C 94 -4.23 -39.35 -36.72
CA LYS C 94 -3.97 -37.91 -36.83
C LYS C 94 -4.68 -37.35 -38.03
N PHE C 95 -4.88 -36.03 -38.02
CA PHE C 95 -5.38 -35.30 -39.17
C PHE C 95 -4.20 -34.82 -40.00
N ASP C 96 -4.30 -35.01 -41.30
CA ASP C 96 -3.40 -34.37 -42.24
C ASP C 96 -3.64 -32.85 -42.20
N ASN C 97 -2.56 -32.08 -42.27
CA ASN C 97 -2.61 -30.62 -42.35
C ASN C 97 -3.48 -30.07 -41.19
N GLU C 98 -3.16 -30.53 -40.00
CA GLU C 98 -4.03 -30.39 -38.84
C GLU C 98 -4.15 -28.94 -38.37
N GLU C 99 -3.02 -28.20 -38.35
CA GLU C 99 -3.06 -26.84 -37.84
C GLU C 99 -3.83 -25.91 -38.78
N THR C 100 -3.75 -26.15 -40.09
CA THR C 100 -4.52 -25.36 -41.05
C THR C 100 -6.01 -25.54 -40.79
N LEU C 101 -6.44 -26.79 -40.54
CA LEU C 101 -7.84 -27.05 -40.23
C LEU C 101 -8.26 -26.41 -38.89
N ARG C 102 -7.39 -26.44 -37.89
CA ARG C 102 -7.66 -25.75 -36.61
C ARG C 102 -7.87 -24.25 -36.82
N LYS C 103 -7.05 -23.64 -37.65
CA LYS C 103 -7.20 -22.20 -37.91
C LYS C 103 -8.53 -21.88 -38.56
N ILE C 104 -8.95 -22.72 -39.51
CA ILE C 104 -10.27 -22.61 -40.15
C ILE C 104 -11.40 -22.76 -39.13
N LEU C 105 -11.34 -23.78 -38.29
CA LEU C 105 -12.41 -24.05 -37.33
C LEU C 105 -12.49 -22.98 -36.22
N ARG C 106 -11.35 -22.47 -35.78
CA ARG C 106 -11.28 -21.44 -34.76
C ARG C 106 -12.08 -20.19 -35.10
N LYS C 107 -12.13 -19.84 -36.38
CA LYS C 107 -12.80 -18.63 -36.84
C LYS C 107 -14.11 -18.91 -37.55
N SER C 108 -14.57 -20.15 -37.48
CA SER C 108 -15.73 -20.62 -38.23
C SER C 108 -17.09 -20.12 -37.74
N GLY C 109 -17.18 -19.68 -36.49
CA GLY C 109 -18.47 -19.46 -35.84
C GLY C 109 -19.18 -20.76 -35.43
N GLY C 110 -18.49 -21.87 -35.54
CA GLY C 110 -19.04 -23.18 -35.34
C GLY C 110 -19.40 -23.86 -36.65
N ILE C 111 -19.99 -25.03 -36.52
CA ILE C 111 -20.28 -25.88 -37.66
C ILE C 111 -21.70 -26.43 -37.62
N LYS C 112 -22.24 -26.66 -38.80
CA LYS C 112 -23.51 -27.35 -38.97
C LYS C 112 -23.24 -28.52 -39.89
N LYS C 113 -23.94 -29.63 -39.65
CA LYS C 113 -23.69 -30.90 -40.34
C LYS C 113 -24.86 -31.21 -41.29
N GLU C 114 -24.53 -31.84 -42.41
CA GLU C 114 -25.57 -32.33 -43.34
C GLU C 114 -25.18 -33.70 -43.86
N ASN C 115 -26.17 -34.60 -43.93
CA ASN C 115 -25.95 -35.95 -44.43
C ASN C 115 -25.50 -35.86 -45.90
N MET C 116 -24.55 -36.71 -46.25
CA MET C 116 -23.98 -36.72 -47.58
C MET C 116 -24.72 -37.72 -48.47
N GLY C 117 -25.62 -38.51 -47.88
CA GLY C 117 -26.49 -39.42 -48.61
C GLY C 117 -25.91 -40.73 -49.10
N PHE C 118 -24.74 -41.12 -48.60
CA PHE C 118 -24.17 -42.41 -48.99
C PHE C 118 -24.91 -43.55 -48.32
N THR C 119 -25.28 -44.57 -49.12
CA THR C 119 -25.81 -45.84 -48.61
C THR C 119 -25.00 -46.94 -49.22
N TYR C 120 -24.98 -48.10 -48.57
CA TYR C 120 -24.04 -49.17 -48.92
C TYR C 120 -24.76 -50.51 -49.05
N THR C 121 -24.36 -51.28 -50.06
CA THR C 121 -24.77 -52.67 -50.22
C THR C 121 -23.52 -53.48 -50.59
N GLY C 122 -23.47 -54.73 -50.12
CA GLY C 122 -22.31 -55.61 -50.36
C GLY C 122 -21.17 -55.48 -49.35
N VAL C 123 -21.32 -54.60 -48.36
CA VAL C 123 -20.33 -54.39 -47.29
C VAL C 123 -21.07 -54.10 -46.00
N ARG C 124 -20.41 -54.34 -44.88
CA ARG C 124 -20.91 -53.86 -43.59
C ARG C 124 -20.51 -52.40 -43.40
N THR C 125 -21.21 -51.75 -42.49
CA THR C 125 -21.09 -50.33 -42.21
C THR C 125 -20.81 -50.05 -40.73
N ASN C 126 -20.69 -51.10 -39.94
CA ASN C 126 -20.77 -51.03 -38.48
C ASN C 126 -19.46 -51.43 -37.80
N GLY C 127 -18.34 -51.15 -38.45
CA GLY C 127 -17.04 -51.28 -37.80
C GLY C 127 -17.03 -50.51 -36.48
N GLU C 128 -16.40 -51.10 -35.47
CA GLU C 128 -16.42 -50.60 -34.10
C GLU C 128 -15.14 -50.98 -33.37
N THR C 129 -14.88 -50.31 -32.26
CA THR C 129 -13.64 -50.49 -31.50
C THR C 129 -13.83 -50.08 -30.06
N SER C 130 -13.12 -50.73 -29.16
CA SER C 130 -13.14 -50.39 -27.74
C SER C 130 -12.47 -49.04 -27.47
N ALA C 131 -11.65 -48.56 -28.41
CA ALA C 131 -11.02 -47.24 -28.30
C ALA C 131 -12.02 -46.09 -28.35
N CYS C 132 -13.20 -46.32 -28.94
CA CYS C 132 -14.28 -45.33 -29.01
C CYS C 132 -15.51 -45.90 -28.26
N ARG C 133 -15.55 -45.67 -26.97
CA ARG C 133 -16.63 -46.32 -26.19
C ARG C 133 -17.71 -45.32 -25.80
N ARG C 134 -18.96 -45.66 -26.10
CA ARG C 134 -20.07 -44.83 -25.57
C ARG C 134 -20.57 -45.68 -24.40
N SER C 135 -21.48 -46.61 -24.64
CA SER C 135 -21.86 -47.57 -23.56
C SER C 135 -21.18 -48.89 -23.92
N ARG C 136 -20.79 -49.03 -25.19
CA ARG C 136 -20.12 -50.25 -25.71
C ARG C 136 -19.12 -49.83 -26.78
N SER C 137 -18.39 -50.79 -27.36
CA SER C 137 -17.52 -50.48 -28.49
C SER C 137 -18.31 -49.72 -29.56
N SER C 138 -17.72 -48.66 -30.09
CA SER C 138 -18.42 -47.74 -30.98
C SER C 138 -17.40 -47.18 -32.00
N PHE C 139 -17.72 -46.03 -32.61
CA PHE C 139 -16.84 -45.42 -33.62
C PHE C 139 -17.09 -43.91 -33.68
N TYR C 140 -16.44 -43.23 -34.59
CA TYR C 140 -16.67 -41.82 -34.88
C TYR C 140 -18.11 -41.63 -35.34
N ALA C 141 -18.82 -40.72 -34.68
CA ALA C 141 -20.25 -40.50 -34.93
C ALA C 141 -20.56 -40.04 -36.35
N GLU C 142 -19.63 -39.32 -36.98
CA GLU C 142 -19.84 -38.75 -38.32
C GLU C 142 -19.30 -39.60 -39.48
N MET C 143 -18.75 -40.77 -39.16
CA MET C 143 -18.02 -41.59 -40.12
C MET C 143 -18.59 -43.01 -40.12
N LYS C 144 -18.28 -43.75 -41.19
CA LYS C 144 -18.69 -45.15 -41.31
C LYS C 144 -17.46 -46.00 -41.59
N TRP C 145 -17.24 -46.98 -40.71
CA TRP C 145 -16.17 -47.95 -40.87
C TRP C 145 -16.70 -49.09 -41.73
N LEU C 146 -16.35 -49.04 -43.02
CA LEU C 146 -16.81 -50.03 -44.01
C LEU C 146 -15.91 -51.26 -43.98
N LEU C 147 -16.53 -52.45 -43.96
CA LEU C 147 -15.85 -53.76 -43.90
C LEU C 147 -16.47 -54.76 -44.85
N SER C 148 -15.70 -55.77 -45.23
CA SER C 148 -16.22 -56.96 -45.93
C SER C 148 -17.33 -57.62 -45.11
N ASN C 149 -18.35 -58.12 -45.82
CA ASN C 149 -19.53 -58.76 -45.21
C ASN C 149 -19.18 -59.88 -44.22
N THR C 150 -18.07 -60.57 -44.48
CA THR C 150 -17.58 -61.64 -43.60
C THR C 150 -16.06 -61.55 -43.50
N ASP C 151 -15.53 -62.08 -42.38
CA ASP C 151 -14.09 -62.24 -42.17
C ASP C 151 -13.42 -62.77 -43.42
N ASN C 152 -12.41 -62.06 -43.90
CA ASN C 152 -11.64 -62.41 -45.10
C ASN C 152 -12.43 -62.35 -46.41
N GLY C 153 -13.65 -61.83 -46.36
CA GLY C 153 -14.50 -61.75 -47.54
C GLY C 153 -14.04 -60.70 -48.54
N VAL C 154 -14.55 -60.80 -49.76
CA VAL C 154 -14.22 -59.84 -50.80
C VAL C 154 -14.90 -58.49 -50.52
N PHE C 155 -14.12 -57.42 -50.62
CA PHE C 155 -14.65 -56.05 -50.51
C PHE C 155 -14.78 -55.53 -51.95
N PRO C 156 -16.02 -55.36 -52.43
CA PRO C 156 -16.17 -54.93 -53.82
C PRO C 156 -15.62 -53.52 -54.04
N GLN C 157 -15.00 -53.31 -55.20
CA GLN C 157 -14.62 -51.99 -55.69
C GLN C 157 -15.88 -51.12 -55.69
N MET C 158 -15.77 -49.95 -55.05
CA MET C 158 -16.91 -49.05 -54.83
C MET C 158 -16.56 -47.63 -55.21
N THR C 159 -17.57 -46.85 -55.56
CA THR C 159 -17.43 -45.44 -55.84
C THR C 159 -18.62 -44.70 -55.24
N LYS C 160 -18.34 -43.63 -54.50
CA LYS C 160 -19.36 -42.77 -53.89
C LYS C 160 -19.04 -41.32 -54.19
N SER C 161 -20.07 -40.54 -54.54
CA SER C 161 -19.93 -39.15 -54.98
C SER C 161 -20.92 -38.27 -54.23
N TYR C 162 -20.45 -37.06 -53.88
CA TYR C 162 -21.27 -36.06 -53.20
C TYR C 162 -21.04 -34.71 -53.85
N LYS C 163 -22.13 -34.10 -54.33
CA LYS C 163 -22.11 -32.77 -54.89
C LYS C 163 -22.54 -31.79 -53.80
N ASN C 164 -21.75 -30.74 -53.61
CA ASN C 164 -22.11 -29.62 -52.72
C ASN C 164 -23.11 -28.71 -53.44
N THR C 165 -24.38 -28.79 -53.04
CA THR C 165 -25.46 -27.94 -53.59
C THR C 165 -25.83 -26.73 -52.72
N LYS C 166 -24.91 -26.33 -51.84
CA LYS C 166 -25.11 -25.20 -50.95
C LYS C 166 -24.27 -24.08 -51.55
N ARG C 167 -24.49 -22.86 -51.09
CA ARG C 167 -23.72 -21.69 -51.56
C ARG C 167 -22.44 -21.45 -50.78
N GLU C 168 -22.13 -22.29 -49.79
CA GLU C 168 -20.89 -22.21 -49.03
C GLU C 168 -20.10 -23.50 -49.20
N PRO C 169 -18.76 -23.43 -49.06
CA PRO C 169 -17.95 -24.64 -49.17
C PRO C 169 -18.29 -25.70 -48.11
N ALA C 170 -18.21 -26.96 -48.49
CA ALA C 170 -18.40 -28.10 -47.56
C ALA C 170 -17.05 -28.67 -47.11
N LEU C 171 -16.88 -28.82 -45.80
CA LEU C 171 -15.71 -29.51 -45.24
C LEU C 171 -15.95 -31.02 -45.30
N ILE C 172 -15.13 -31.72 -46.08
CA ILE C 172 -15.26 -33.16 -46.33
C ILE C 172 -14.07 -33.88 -45.70
N ILE C 173 -14.33 -34.85 -44.83
CA ILE C 173 -13.31 -35.59 -44.11
C ILE C 173 -13.41 -37.08 -44.53
N TRP C 174 -12.27 -37.74 -44.70
CA TRP C 174 -12.25 -39.21 -44.86
C TRP C 174 -11.02 -39.76 -44.17
N GLY C 175 -11.05 -41.06 -43.89
CA GLY C 175 -9.96 -41.73 -43.18
C GLY C 175 -9.37 -42.86 -43.99
N ILE C 176 -8.08 -43.08 -43.80
CA ILE C 176 -7.39 -44.27 -44.30
C ILE C 176 -7.02 -45.10 -43.07
N HIS C 177 -7.47 -46.36 -43.05
CA HIS C 177 -7.17 -47.28 -41.94
C HIS C 177 -5.93 -48.10 -42.22
N HIS C 178 -4.91 -47.92 -41.37
CA HIS C 178 -3.71 -48.74 -41.36
C HIS C 178 -3.92 -49.82 -40.29
N SER C 179 -4.23 -51.05 -40.74
CA SER C 179 -4.40 -52.20 -39.83
C SER C 179 -3.11 -52.50 -39.08
N GLY C 180 -3.26 -53.09 -37.89
CA GLY C 180 -2.12 -53.49 -37.06
C GLY C 180 -1.29 -54.66 -37.60
N SER C 181 -1.83 -55.37 -38.59
CA SER C 181 -1.11 -56.40 -39.33
C SER C 181 -1.73 -56.66 -40.69
N THR C 182 -0.95 -57.24 -41.60
CA THR C 182 -1.46 -57.75 -42.88
C THR C 182 -2.64 -58.71 -42.68
N ALA C 183 -2.53 -59.60 -41.69
CA ALA C 183 -3.59 -60.58 -41.39
C ALA C 183 -4.89 -59.91 -40.98
N GLU C 184 -4.77 -58.85 -40.19
CA GLU C 184 -5.95 -58.06 -39.81
C GLU C 184 -6.54 -57.33 -41.02
N GLN C 185 -5.70 -56.75 -41.87
CA GLN C 185 -6.20 -56.09 -43.08
C GLN C 185 -6.99 -57.05 -43.95
N THR C 186 -6.40 -58.21 -44.22
CA THR C 186 -7.06 -59.23 -45.06
C THR C 186 -8.37 -59.70 -44.41
N ARG C 187 -8.41 -59.77 -43.07
CA ARG C 187 -9.64 -60.12 -42.37
C ARG C 187 -10.73 -59.05 -42.46
N LEU C 188 -10.37 -57.79 -42.25
CA LEU C 188 -11.39 -56.73 -42.28
C LEU C 188 -11.93 -56.50 -43.70
N TYR C 189 -11.05 -56.57 -44.68
CA TYR C 189 -11.32 -56.08 -46.04
C TYR C 189 -11.07 -57.09 -47.17
N GLY C 190 -10.62 -58.30 -46.84
CA GLY C 190 -10.21 -59.27 -47.87
C GLY C 190 -8.79 -59.01 -48.30
N SER C 191 -8.17 -60.02 -48.88
CA SER C 191 -6.78 -59.96 -49.33
C SER C 191 -6.63 -59.13 -50.59
N GLY C 192 -5.38 -58.76 -50.87
CA GLY C 192 -5.04 -57.99 -52.06
C GLY C 192 -4.77 -56.53 -51.75
N ASN C 193 -4.20 -55.83 -52.73
CA ASN C 193 -3.81 -54.42 -52.56
C ASN C 193 -5.03 -53.53 -52.37
N LYS C 194 -4.96 -52.67 -51.37
CA LYS C 194 -6.00 -51.69 -51.10
C LYS C 194 -5.55 -50.33 -51.63
N LEU C 195 -6.44 -49.68 -52.36
CA LEU C 195 -6.20 -48.37 -52.94
C LEU C 195 -7.44 -47.52 -52.73
N ILE C 196 -7.22 -46.29 -52.27
CA ILE C 196 -8.29 -45.30 -52.13
C ILE C 196 -7.89 -44.11 -52.98
N THR C 197 -8.79 -43.67 -53.86
CA THR C 197 -8.55 -42.48 -54.68
C THR C 197 -9.67 -41.51 -54.39
N VAL C 198 -9.28 -40.23 -54.26
CA VAL C 198 -10.23 -39.18 -53.97
C VAL C 198 -9.95 -38.04 -54.95
N TRP C 199 -10.99 -37.53 -55.59
CA TRP C 199 -10.84 -36.34 -56.43
C TRP C 199 -12.06 -35.44 -56.38
N SER C 200 -11.82 -34.18 -56.71
CA SER C 200 -12.85 -33.22 -57.03
C SER C 200 -12.37 -32.52 -58.31
N SER C 201 -13.09 -31.49 -58.73
CA SER C 201 -12.70 -30.71 -59.91
C SER C 201 -11.26 -30.22 -59.88
N LYS C 202 -10.79 -29.84 -58.69
CA LYS C 202 -9.43 -29.29 -58.51
C LYS C 202 -8.48 -30.15 -57.63
N TYR C 203 -9.01 -31.15 -56.92
CA TYR C 203 -8.21 -32.01 -56.02
C TYR C 203 -8.11 -33.44 -56.58
N GLN C 204 -6.94 -34.06 -56.43
CA GLN C 204 -6.74 -35.47 -56.76
C GLN C 204 -5.68 -36.05 -55.82
N GLN C 205 -5.97 -37.15 -55.15
CA GLN C 205 -4.96 -37.87 -54.36
C GLN C 205 -5.34 -39.34 -54.19
N SER C 206 -4.31 -40.17 -54.15
CA SER C 206 -4.43 -41.61 -53.98
C SER C 206 -3.78 -42.01 -52.67
N PHE C 207 -4.33 -43.05 -52.05
CA PHE C 207 -3.86 -43.53 -50.74
C PHE C 207 -3.79 -45.05 -50.72
N ALA C 208 -2.80 -45.57 -50.00
CA ALA C 208 -2.67 -47.00 -49.72
C ALA C 208 -2.33 -47.17 -48.25
N PRO C 209 -2.96 -48.15 -47.56
CA PRO C 209 -2.55 -48.42 -46.19
C PRO C 209 -1.19 -49.10 -46.13
N SER C 210 -0.36 -48.74 -45.15
CA SER C 210 0.78 -49.54 -44.71
C SER C 210 0.47 -50.27 -43.39
N PRO C 211 -0.05 -51.50 -43.48
CA PRO C 211 -0.40 -52.24 -42.26
C PRO C 211 0.83 -52.71 -41.48
N GLY C 212 0.67 -52.85 -40.17
CA GLY C 212 1.74 -53.28 -39.27
C GLY C 212 1.60 -52.69 -37.88
N PRO C 213 2.28 -53.26 -36.87
CA PRO C 213 2.04 -52.83 -35.49
C PRO C 213 2.73 -51.51 -35.10
N ARG C 214 1.92 -50.49 -34.79
CA ARG C 214 2.40 -49.30 -34.12
C ARG C 214 2.36 -49.59 -32.62
N PRO C 215 3.05 -48.78 -31.80
CA PRO C 215 2.83 -48.87 -30.36
C PRO C 215 1.34 -48.70 -30.02
N GLN C 216 0.88 -49.36 -28.97
CA GLN C 216 -0.53 -49.28 -28.58
C GLN C 216 -0.90 -47.93 -28.04
N ILE C 217 -1.94 -47.32 -28.61
CA ILE C 217 -2.58 -46.14 -28.02
C ILE C 217 -4.07 -46.46 -27.93
N ASN C 218 -4.66 -46.19 -26.77
CA ASN C 218 -6.06 -46.56 -26.49
C ASN C 218 -6.33 -48.03 -26.85
N GLY C 219 -5.34 -48.89 -26.60
CA GLY C 219 -5.42 -50.33 -26.85
C GLY C 219 -5.17 -50.81 -28.27
N GLN C 220 -4.83 -49.90 -29.20
CA GLN C 220 -4.78 -50.26 -30.62
C GLN C 220 -3.42 -50.06 -31.28
N SER C 221 -3.05 -51.01 -32.14
CA SER C 221 -1.78 -51.00 -32.85
C SER C 221 -1.96 -50.54 -34.30
N GLY C 222 -3.20 -50.46 -34.75
CA GLY C 222 -3.51 -49.82 -36.03
C GLY C 222 -3.63 -48.32 -35.88
N ARG C 223 -3.82 -47.63 -37.01
CA ARG C 223 -4.01 -46.19 -37.05
C ARG C 223 -5.04 -45.82 -38.10
N ILE C 224 -5.84 -44.79 -37.82
CA ILE C 224 -6.72 -44.18 -38.82
C ILE C 224 -6.28 -42.73 -38.99
N ASP C 225 -5.75 -42.42 -40.17
CA ASP C 225 -5.33 -41.05 -40.52
C ASP C 225 -6.41 -40.38 -41.36
N PHE C 226 -6.75 -39.16 -40.97
CA PHE C 226 -7.80 -38.38 -41.59
C PHE C 226 -7.25 -37.32 -42.55
N TYR C 227 -7.90 -37.22 -43.71
CA TYR C 227 -7.59 -36.22 -44.73
C TYR C 227 -8.86 -35.44 -44.99
N TRP C 228 -8.71 -34.23 -45.52
CA TRP C 228 -9.84 -33.34 -45.72
C TRP C 228 -9.68 -32.42 -46.92
N LEU C 229 -10.82 -31.91 -47.41
CA LEU C 229 -10.84 -30.84 -48.37
C LEU C 229 -12.06 -29.94 -48.16
N MET C 230 -11.96 -28.72 -48.67
CA MET C 230 -13.08 -27.77 -48.74
C MET C 230 -13.64 -27.84 -50.15
N LEU C 231 -14.87 -28.35 -50.25
CA LEU C 231 -15.51 -28.60 -51.54
C LEU C 231 -16.34 -27.38 -51.91
N ASP C 232 -15.94 -26.71 -53.01
CA ASP C 232 -16.63 -25.50 -53.50
C ASP C 232 -18.08 -25.79 -53.85
N PRO C 233 -18.97 -24.78 -53.74
CA PRO C 233 -20.34 -24.90 -54.25
C PRO C 233 -20.34 -25.44 -55.69
N ASN C 234 -21.20 -26.42 -55.94
CA ASN C 234 -21.35 -27.08 -57.25
C ASN C 234 -20.22 -28.01 -57.68
N ASP C 235 -19.17 -28.13 -56.87
CA ASP C 235 -18.12 -29.13 -57.12
C ASP C 235 -18.60 -30.47 -56.54
N THR C 236 -18.00 -31.57 -56.99
CA THR C 236 -18.35 -32.92 -56.55
C THR C 236 -17.08 -33.65 -56.10
N VAL C 237 -17.14 -34.28 -54.92
CA VAL C 237 -16.05 -35.13 -54.44
C VAL C 237 -16.43 -36.57 -54.77
N THR C 238 -15.45 -37.35 -55.24
CA THR C 238 -15.64 -38.76 -55.54
C THR C 238 -14.65 -39.58 -54.73
N PHE C 239 -15.15 -40.58 -54.03
CA PHE C 239 -14.33 -41.56 -53.31
C PHE C 239 -14.44 -42.88 -54.07
N SER C 240 -13.29 -43.49 -54.36
CA SER C 240 -13.25 -44.81 -55.00
C SER C 240 -12.29 -45.67 -54.19
N PHE C 241 -12.76 -46.85 -53.79
CA PHE C 241 -12.04 -47.64 -52.78
C PHE C 241 -12.43 -49.10 -52.78
N ASN C 242 -11.56 -49.92 -52.22
CA ASN C 242 -11.82 -51.35 -52.10
C ASN C 242 -11.55 -51.83 -50.68
N GLY C 243 -11.61 -50.92 -49.72
CA GLY C 243 -11.39 -51.25 -48.32
C GLY C 243 -10.40 -50.28 -47.70
N ALA C 244 -10.11 -50.49 -46.42
CA ALA C 244 -9.26 -49.64 -45.60
C ALA C 244 -9.68 -48.16 -45.69
N PHE C 245 -10.99 -47.95 -45.85
CA PHE C 245 -11.56 -46.65 -46.07
C PHE C 245 -12.58 -46.32 -44.97
N ILE C 246 -12.39 -45.18 -44.32
CA ILE C 246 -13.36 -44.62 -43.37
C ILE C 246 -14.11 -43.50 -44.07
N ALA C 247 -15.39 -43.76 -44.37
CA ALA C 247 -16.21 -42.85 -45.17
C ALA C 247 -16.91 -41.78 -44.33
N PRO C 248 -17.00 -40.54 -44.85
CA PRO C 248 -17.86 -39.59 -44.15
C PRO C 248 -19.34 -39.94 -44.31
N ASP C 249 -20.09 -39.76 -43.24
CA ASP C 249 -21.55 -39.82 -43.27
C ASP C 249 -22.14 -38.43 -43.44
N ARG C 250 -21.54 -37.43 -42.81
CA ARG C 250 -21.99 -36.05 -42.92
C ARG C 250 -20.84 -35.09 -43.27
N ALA C 251 -21.20 -34.03 -43.98
CA ALA C 251 -20.30 -32.92 -44.28
C ALA C 251 -20.54 -31.79 -43.28
N SER C 252 -19.51 -30.97 -43.06
CA SER C 252 -19.60 -29.80 -42.18
C SER C 252 -19.63 -28.52 -42.99
N PHE C 253 -20.41 -27.56 -42.50
CA PHE C 253 -20.48 -26.21 -43.06
C PHE C 253 -20.20 -25.22 -41.95
N LEU C 254 -19.44 -24.18 -42.27
CA LEU C 254 -19.06 -23.14 -41.31
C LEU C 254 -20.23 -22.19 -41.12
N ARG C 255 -20.42 -21.70 -39.91
CA ARG C 255 -21.64 -20.96 -39.56
C ARG C 255 -21.51 -19.45 -39.69
N GLY C 256 -20.30 -18.92 -39.51
CA GLY C 256 -20.15 -17.48 -39.41
C GLY C 256 -18.75 -17.08 -39.02
N LYS C 257 -18.61 -16.36 -37.90
CA LYS C 257 -17.31 -15.83 -37.49
C LYS C 257 -17.11 -16.09 -36.01
N SER C 258 -15.79 -16.28 -35.61
CA SER C 258 -15.42 -16.48 -34.20
C SER C 258 -13.97 -16.25 -33.95
N LEU C 259 -13.61 -16.10 -32.68
CA LEU C 259 -12.26 -16.10 -32.21
C LEU C 259 -12.02 -17.43 -31.49
N GLY C 260 -10.91 -18.09 -31.80
CA GLY C 260 -10.49 -19.30 -31.13
C GLY C 260 -9.35 -18.98 -30.20
N ILE C 261 -9.42 -19.46 -28.96
CA ILE C 261 -8.34 -19.28 -27.98
C ILE C 261 -7.93 -20.61 -27.39
N GLN C 262 -6.72 -20.66 -26.88
CA GLN C 262 -6.24 -21.72 -26.02
C GLN C 262 -6.07 -21.17 -24.61
N SER C 263 -6.69 -21.82 -23.62
CA SER C 263 -6.66 -21.33 -22.25
C SER C 263 -6.75 -22.40 -21.19
N ASP C 264 -6.06 -22.14 -20.08
CA ASP C 264 -6.17 -22.90 -18.83
C ASP C 264 -7.18 -22.27 -17.86
N ALA C 265 -7.72 -21.09 -18.19
CA ALA C 265 -8.51 -20.33 -17.24
C ALA C 265 -10.00 -20.72 -17.26
N GLN C 266 -10.63 -20.58 -16.10
CA GLN C 266 -12.03 -20.97 -15.93
C GLN C 266 -12.94 -19.96 -16.60
N LEU C 267 -14.01 -20.43 -17.25
CA LEU C 267 -15.06 -19.53 -17.79
C LEU C 267 -15.72 -18.72 -16.69
N ASP C 268 -16.06 -17.49 -17.06
CA ASP C 268 -16.77 -16.55 -16.20
C ASP C 268 -17.69 -15.71 -17.09
N ASN C 269 -18.99 -16.03 -17.04
CA ASN C 269 -20.01 -15.37 -17.86
C ASN C 269 -20.33 -13.96 -17.39
N ASN C 270 -19.77 -13.52 -16.28
CA ASN C 270 -20.11 -12.23 -15.67
C ASN C 270 -19.21 -11.06 -16.07
N CYS C 271 -17.93 -11.31 -16.34
CA CYS C 271 -17.00 -10.25 -16.75
C CYS C 271 -16.95 -10.20 -18.28
N GLU C 272 -16.75 -9.01 -18.81
CA GLU C 272 -16.66 -8.77 -20.25
C GLU C 272 -15.20 -8.58 -20.62
N GLY C 273 -14.77 -9.12 -21.75
CA GLY C 273 -13.37 -8.97 -22.20
C GLY C 273 -13.18 -9.19 -23.69
N GLU C 274 -12.05 -8.72 -24.22
CA GLU C 274 -11.71 -8.81 -25.65
C GLU C 274 -10.32 -9.37 -25.94
N CYS C 275 -9.48 -9.54 -24.92
CA CYS C 275 -8.10 -9.97 -25.07
C CYS C 275 -7.86 -11.18 -24.15
N TYR C 276 -7.44 -12.30 -24.74
CA TYR C 276 -7.31 -13.56 -24.05
C TYR C 276 -5.93 -14.19 -24.26
N HIS C 277 -5.57 -15.07 -23.34
CA HIS C 277 -4.33 -15.84 -23.41
C HIS C 277 -4.46 -17.07 -22.50
N ILE C 278 -3.41 -17.86 -22.42
CA ILE C 278 -3.42 -19.11 -21.66
C ILE C 278 -3.90 -18.94 -20.21
N GLY C 279 -3.53 -17.83 -19.59
CA GLY C 279 -3.75 -17.55 -18.17
C GLY C 279 -5.00 -16.73 -17.84
N GLY C 280 -5.76 -16.32 -18.86
CA GLY C 280 -7.05 -15.62 -18.67
C GLY C 280 -7.35 -14.50 -19.65
N THR C 281 -7.75 -13.34 -19.10
CA THR C 281 -8.24 -12.21 -19.88
C THR C 281 -7.51 -10.96 -19.43
N ILE C 282 -7.07 -10.15 -20.39
CA ILE C 282 -6.43 -8.87 -20.11
C ILE C 282 -7.48 -7.81 -20.39
N ILE C 283 -7.93 -7.15 -19.33
CA ILE C 283 -8.95 -6.08 -19.39
C ILE C 283 -8.23 -4.77 -19.09
N SER C 284 -8.09 -3.91 -20.10
CA SER C 284 -7.25 -2.72 -19.96
C SER C 284 -7.49 -1.68 -21.02
N ASN C 285 -7.25 -0.43 -20.65
CA ASN C 285 -7.22 0.71 -21.57
C ASN C 285 -5.78 1.19 -21.87
N LEU C 286 -4.79 0.57 -21.25
CA LEU C 286 -3.40 1.00 -21.42
C LEU C 286 -2.91 0.54 -22.77
N PRO C 287 -1.98 1.29 -23.39
CA PRO C 287 -1.55 0.92 -24.74
C PRO C 287 -0.62 -0.30 -24.79
N PHE C 288 0.02 -0.62 -23.66
CA PHE C 288 1.05 -1.67 -23.61
C PHE C 288 0.71 -2.70 -22.51
N GLN C 289 1.25 -3.91 -22.65
CA GLN C 289 1.06 -5.00 -21.68
C GLN C 289 2.31 -5.86 -21.63
N ASN C 290 2.58 -6.42 -20.45
CA ASN C 290 3.75 -7.27 -20.24
C ASN C 290 3.35 -8.64 -19.68
N ILE C 291 2.12 -9.07 -19.99
CA ILE C 291 1.54 -10.29 -19.42
C ILE C 291 1.83 -11.50 -20.31
N ASN C 292 1.53 -11.38 -21.59
CA ASN C 292 1.67 -12.49 -22.53
C ASN C 292 1.78 -11.98 -23.97
N SER C 293 2.95 -12.23 -24.57
CA SER C 293 3.23 -11.79 -25.94
C SER C 293 2.37 -12.44 -27.03
N ARG C 294 1.72 -13.55 -26.69
CA ARG C 294 0.87 -14.30 -27.63
C ARG C 294 -0.64 -14.11 -27.38
N ALA C 295 -1.01 -13.11 -26.60
CA ALA C 295 -2.44 -12.80 -26.37
C ALA C 295 -3.15 -12.51 -27.68
N ILE C 296 -4.41 -12.91 -27.80
CA ILE C 296 -5.18 -12.69 -29.01
C ILE C 296 -6.51 -12.02 -28.71
N GLY C 297 -7.12 -11.51 -29.78
CA GLY C 297 -8.31 -10.68 -29.73
C GLY C 297 -7.87 -9.23 -29.88
N LYS C 298 -8.50 -8.33 -29.14
CA LYS C 298 -8.16 -6.89 -29.19
C LYS C 298 -7.38 -6.56 -27.94
N CYS C 299 -6.08 -6.35 -28.10
CA CYS C 299 -5.13 -6.37 -27.00
C CYS C 299 -4.22 -5.14 -26.99
N PRO C 300 -3.74 -4.74 -25.81
CA PRO C 300 -2.59 -3.82 -25.81
C PRO C 300 -1.40 -4.49 -26.49
N ARG C 301 -0.41 -3.70 -26.91
CA ARG C 301 0.80 -4.24 -27.51
C ARG C 301 1.73 -4.79 -26.45
N TYR C 302 2.28 -5.97 -26.71
CA TYR C 302 3.23 -6.55 -25.78
C TYR C 302 4.58 -5.81 -25.85
N VAL C 303 5.12 -5.48 -24.67
CA VAL C 303 6.45 -4.93 -24.54
C VAL C 303 7.22 -5.75 -23.52
N LYS C 304 8.54 -5.75 -23.62
CA LYS C 304 9.43 -6.44 -22.68
C LYS C 304 9.50 -5.85 -21.29
N GLN C 305 9.29 -4.56 -21.17
CA GLN C 305 9.49 -3.85 -19.89
C GLN C 305 8.36 -4.16 -18.89
N LYS C 306 8.70 -4.20 -17.61
CA LYS C 306 7.74 -4.43 -16.53
C LYS C 306 6.86 -3.21 -16.28
N SER C 307 7.47 -2.03 -16.40
CA SER C 307 6.83 -0.75 -16.07
C SER C 307 7.39 0.38 -16.92
N LEU C 308 6.50 1.27 -17.38
CA LEU C 308 6.86 2.54 -18.01
C LEU C 308 5.92 3.64 -17.50
N MET C 309 6.39 4.38 -16.49
CA MET C 309 5.59 5.40 -15.82
C MET C 309 5.54 6.70 -16.61
N LEU C 310 4.31 7.13 -16.92
CA LEU C 310 4.05 8.37 -17.62
C LEU C 310 3.80 9.47 -16.59
N ALA C 311 4.60 10.52 -16.66
CA ALA C 311 4.48 11.63 -15.72
C ALA C 311 3.18 12.38 -15.96
N THR C 312 2.42 12.60 -14.89
CA THR C 312 1.18 13.38 -14.93
C THR C 312 1.24 14.59 -13.96
N GLY C 313 2.45 15.07 -13.73
CA GLY C 313 2.68 16.22 -12.87
C GLY C 313 4.06 16.83 -13.10
N MET C 314 4.30 17.95 -12.43
CA MET C 314 5.59 18.64 -12.46
C MET C 314 6.62 17.87 -11.65
N LYS C 315 7.89 18.17 -11.88
CA LYS C 315 8.99 17.76 -11.00
C LYS C 315 8.63 18.06 -9.53
N ASN C 316 8.90 17.09 -8.65
CA ASN C 316 8.56 17.19 -7.22
C ASN C 316 9.78 17.64 -6.46
N VAL C 317 9.68 18.83 -5.86
CA VAL C 317 10.78 19.45 -5.11
C VAL C 317 10.25 19.72 -3.70
N PRO C 318 10.56 18.83 -2.74
CA PRO C 318 10.19 19.09 -1.34
C PRO C 318 11.20 20.02 -0.68
N GLY D 1 14.60 21.54 -15.62
CA GLY D 1 13.68 22.07 -16.68
C GLY D 1 14.34 23.12 -17.55
N LEU D 2 13.81 23.26 -18.77
CA LEU D 2 14.34 24.18 -19.77
C LEU D 2 14.22 25.65 -19.38
N PHE D 3 13.22 25.98 -18.57
CA PHE D 3 12.92 27.37 -18.18
C PHE D 3 13.53 27.78 -16.84
N GLY D 4 14.05 26.80 -16.08
CA GLY D 4 14.77 27.06 -14.84
C GLY D 4 13.95 27.70 -13.73
N ALA D 5 12.62 27.56 -13.78
CA ALA D 5 11.74 28.07 -12.74
C ALA D 5 11.59 27.00 -11.67
N ILE D 6 10.96 25.88 -12.02
CA ILE D 6 10.76 24.77 -11.08
C ILE D 6 12.10 24.07 -10.92
N ALA D 7 12.47 23.79 -9.66
CA ALA D 7 13.82 23.30 -9.29
C ALA D 7 14.95 24.17 -9.85
N GLY D 8 14.69 25.47 -9.95
CA GLY D 8 15.65 26.44 -10.49
C GLY D 8 15.68 27.67 -9.59
N PHE D 9 15.26 28.82 -10.13
CA PHE D 9 15.27 30.08 -9.35
C PHE D 9 14.24 30.04 -8.22
N ILE D 10 13.21 29.21 -8.36
CA ILE D 10 12.30 28.86 -7.26
C ILE D 10 12.87 27.63 -6.53
N GLU D 11 13.33 27.81 -5.30
CA GLU D 11 14.17 26.82 -4.62
C GLU D 11 13.45 25.48 -4.39
N ASN D 12 12.19 25.56 -3.98
CA ASN D 12 11.38 24.36 -3.72
C ASN D 12 9.89 24.64 -3.83
N GLY D 13 9.09 23.58 -3.73
CA GLY D 13 7.63 23.66 -3.78
C GLY D 13 7.01 23.80 -2.40
N TRP D 14 5.72 24.13 -2.38
CA TRP D 14 4.95 24.26 -1.14
C TRP D 14 3.99 23.08 -0.97
N GLU D 15 4.30 22.22 -0.01
CA GLU D 15 3.43 21.10 0.35
C GLU D 15 2.09 21.55 0.92
N GLY D 16 2.05 22.75 1.47
CA GLY D 16 0.81 23.34 1.97
C GLY D 16 -0.19 23.76 0.91
N LEU D 17 0.29 24.06 -0.30
CA LEU D 17 -0.59 24.44 -1.41
C LEU D 17 -1.35 23.19 -1.92
N ILE D 18 -2.51 22.95 -1.33
CA ILE D 18 -3.37 21.80 -1.62
C ILE D 18 -4.58 22.19 -2.47
N ASP D 19 -4.58 23.45 -2.92
CA ASP D 19 -5.71 24.09 -3.61
C ASP D 19 -5.49 24.19 -5.14
N GLY D 20 -4.24 24.04 -5.57
CA GLY D 20 -3.87 24.15 -6.98
C GLY D 20 -2.44 23.72 -7.22
N TRP D 21 -1.96 23.93 -8.44
CA TRP D 21 -0.63 23.51 -8.89
C TRP D 21 0.38 24.65 -8.79
N TYR D 22 -0.08 25.85 -9.12
CA TYR D 22 0.69 27.10 -8.99
C TYR D 22 -0.10 28.07 -8.11
N GLY D 23 0.62 28.97 -7.43
CA GLY D 23 -0.02 29.91 -6.50
C GLY D 23 0.82 31.11 -6.12
N TYR D 24 0.23 31.94 -5.25
CA TYR D 24 0.82 33.19 -4.76
C TYR D 24 1.03 33.11 -3.25
N ARG D 25 2.18 33.58 -2.78
CA ARG D 25 2.50 33.71 -1.35
C ARG D 25 2.91 35.16 -1.09
N HIS D 26 2.09 35.89 -0.32
CA HIS D 26 2.31 37.35 -0.09
C HIS D 26 2.61 37.70 1.36
N GLN D 27 3.35 38.80 1.54
CA GLN D 27 3.69 39.38 2.84
C GLN D 27 3.43 40.89 2.80
N ASN D 28 2.61 41.37 3.74
CA ASN D 28 2.31 42.81 3.90
C ASN D 28 2.16 43.17 5.38
N ALA D 29 1.73 44.41 5.67
CA ALA D 29 1.44 44.85 7.05
C ALA D 29 0.51 43.90 7.81
N GLN D 30 -0.51 43.37 7.13
CA GLN D 30 -1.52 42.51 7.75
C GLN D 30 -1.11 41.03 7.86
N GLY D 31 0.08 40.68 7.38
CA GLY D 31 0.68 39.37 7.60
C GLY D 31 0.98 38.61 6.33
N GLU D 32 0.67 37.31 6.34
CA GLU D 32 1.00 36.39 5.26
C GLU D 32 -0.25 35.68 4.75
N GLY D 33 -0.29 35.39 3.44
CA GLY D 33 -1.39 34.65 2.82
C GLY D 33 -0.90 33.87 1.59
N THR D 34 -1.52 32.71 1.35
CA THR D 34 -1.20 31.84 0.22
C THR D 34 -2.48 31.46 -0.52
N ALA D 35 -2.51 31.67 -1.84
CA ALA D 35 -3.68 31.36 -2.69
C ALA D 35 -3.25 30.72 -4.02
N ALA D 36 -4.09 29.85 -4.56
CA ALA D 36 -3.82 29.14 -5.82
C ALA D 36 -4.21 30.00 -7.02
N ASP D 37 -3.47 29.87 -8.13
CA ASP D 37 -3.83 30.47 -9.40
C ASP D 37 -4.57 29.40 -10.22
N TYR D 38 -5.81 29.71 -10.60
CA TYR D 38 -6.69 28.77 -11.30
C TYR D 38 -6.23 28.53 -12.74
N LYS D 39 -5.98 29.61 -13.47
CA LYS D 39 -5.74 29.56 -14.92
C LYS D 39 -4.50 28.74 -15.29
N SER D 40 -3.39 29.03 -14.61
CA SER D 40 -2.12 28.30 -14.82
C SER D 40 -2.25 26.82 -14.44
N THR D 41 -2.83 26.55 -13.28
CA THR D 41 -3.15 25.19 -12.80
C THR D 41 -3.94 24.42 -13.85
N GLN D 42 -4.99 25.05 -14.40
CA GLN D 42 -5.86 24.43 -15.41
C GLN D 42 -5.16 24.21 -16.74
N SER D 43 -4.32 25.15 -17.15
CA SER D 43 -3.53 25.04 -18.38
C SER D 43 -2.63 23.79 -18.35
N ALA D 44 -1.92 23.60 -17.24
CA ALA D 44 -1.04 22.43 -17.05
C ALA D 44 -1.84 21.12 -17.01
N ILE D 45 -2.87 21.08 -16.17
CA ILE D 45 -3.78 19.93 -16.05
C ILE D 45 -4.35 19.52 -17.42
N ASN D 46 -4.89 20.49 -18.15
CA ASN D 46 -5.52 20.23 -19.46
C ASN D 46 -4.52 19.72 -20.51
N GLN D 47 -3.31 20.25 -20.46
CA GLN D 47 -2.22 19.76 -21.33
C GLN D 47 -1.87 18.30 -21.03
N ILE D 48 -1.72 17.96 -19.76
CA ILE D 48 -1.41 16.59 -19.32
C ILE D 48 -2.56 15.63 -19.65
N THR D 49 -3.80 16.07 -19.42
CA THR D 49 -5.00 15.31 -19.77
C THR D 49 -5.04 14.99 -21.26
N GLY D 50 -4.63 15.94 -22.09
CA GLY D 50 -4.52 15.74 -23.53
C GLY D 50 -3.55 14.62 -23.89
N LYS D 51 -2.46 14.52 -23.13
CA LYS D 51 -1.49 13.43 -23.29
C LYS D 51 -2.10 12.09 -22.90
N LEU D 52 -2.77 12.05 -21.76
CA LEU D 52 -3.51 10.84 -21.32
C LEU D 52 -4.56 10.41 -22.32
N ASN D 53 -5.37 11.37 -22.77
CA ASN D 53 -6.38 11.15 -23.81
C ASN D 53 -5.80 10.41 -25.02
N ARG D 54 -4.65 10.88 -25.49
CA ARG D 54 -3.95 10.25 -26.62
C ARG D 54 -3.45 8.83 -26.36
N LEU D 55 -3.04 8.54 -25.12
CA LEU D 55 -2.39 7.27 -24.80
C LEU D 55 -3.36 6.13 -24.45
N ILE D 56 -4.48 6.46 -23.81
CA ILE D 56 -5.52 5.45 -23.48
C ILE D 56 -6.48 5.18 -24.65
N GLU D 57 -6.28 5.83 -25.79
CA GLU D 57 -7.12 5.64 -26.98
C GLU D 57 -6.79 4.30 -27.68
N LYS D 58 -7.68 3.33 -27.49
CA LYS D 58 -7.46 1.96 -27.93
C LYS D 58 -7.55 1.83 -29.45
N THR D 59 -6.79 0.90 -30.00
CA THR D 59 -6.96 0.45 -31.38
C THR D 59 -7.92 -0.71 -31.36
N ASN D 60 -8.66 -0.87 -32.44
CA ASN D 60 -9.61 -1.99 -32.60
C ASN D 60 -9.05 -3.06 -33.56
N GLN D 61 -7.72 -3.24 -33.58
CA GLN D 61 -7.08 -4.27 -34.42
C GLN D 61 -7.01 -5.64 -33.72
N GLN D 62 -7.71 -6.60 -34.31
CA GLN D 62 -7.74 -7.95 -33.83
C GLN D 62 -6.47 -8.71 -34.24
N PHE D 63 -6.00 -9.61 -33.38
CA PHE D 63 -5.03 -10.62 -33.77
C PHE D 63 -5.55 -12.02 -33.44
N GLU D 64 -5.16 -12.99 -34.26
CA GLU D 64 -5.59 -14.38 -34.12
C GLU D 64 -4.36 -15.23 -33.85
N LEU D 65 -4.59 -16.43 -33.34
CA LEU D 65 -3.53 -17.40 -33.11
C LEU D 65 -2.88 -17.79 -34.44
N ILE D 66 -1.56 -17.72 -34.49
CA ILE D 66 -0.80 -18.24 -35.64
C ILE D 66 0.07 -19.44 -35.30
N ASP D 67 0.23 -19.72 -34.01
CA ASP D 67 0.86 -20.96 -33.56
C ASP D 67 0.05 -21.56 -32.40
N ASN D 68 0.59 -22.59 -31.76
CA ASN D 68 -0.17 -23.50 -30.92
C ASN D 68 0.69 -23.93 -29.74
N GLU D 69 0.27 -23.60 -28.52
CA GLU D 69 1.04 -23.94 -27.34
C GLU D 69 0.71 -25.32 -26.73
N PHE D 70 -0.21 -26.06 -27.32
CA PHE D 70 -0.51 -27.44 -26.91
C PHE D 70 0.12 -28.50 -27.83
N ASN D 71 0.24 -28.19 -29.12
CA ASN D 71 0.81 -29.12 -30.12
C ASN D 71 1.62 -28.30 -31.14
N GLU D 72 2.95 -28.42 -31.04
CA GLU D 72 3.87 -27.56 -31.77
C GLU D 72 3.66 -27.64 -33.28
N ILE D 73 3.54 -26.48 -33.91
CA ILE D 73 3.39 -26.40 -35.37
C ILE D 73 4.70 -26.79 -36.07
N GLU D 74 4.60 -27.03 -37.37
CA GLU D 74 5.77 -27.32 -38.22
C GLU D 74 6.86 -26.28 -37.97
N LYS D 75 8.10 -26.75 -37.88
CA LYS D 75 9.24 -25.90 -37.49
C LYS D 75 9.64 -24.84 -38.51
N GLN D 76 9.48 -25.13 -39.80
CA GLN D 76 9.84 -24.15 -40.82
C GLN D 76 9.05 -22.87 -40.60
N ILE D 77 7.73 -22.96 -40.55
CA ILE D 77 6.89 -21.79 -40.28
C ILE D 77 7.05 -21.27 -38.81
N GLY D 78 7.18 -22.20 -37.86
CA GLY D 78 7.43 -21.87 -36.47
C GLY D 78 8.58 -20.93 -36.22
N ASN D 79 9.71 -21.21 -36.85
CA ASN D 79 10.91 -20.38 -36.73
C ASN D 79 10.74 -18.97 -37.29
N VAL D 80 9.99 -18.85 -38.38
CA VAL D 80 9.73 -17.55 -39.00
C VAL D 80 8.79 -16.73 -38.12
N ILE D 81 7.75 -17.38 -37.63
CA ILE D 81 6.80 -16.75 -36.69
C ILE D 81 7.55 -16.20 -35.47
N ASN D 82 8.39 -17.03 -34.87
CA ASN D 82 9.14 -16.63 -33.69
C ASN D 82 10.07 -15.46 -33.95
N TRP D 83 10.75 -15.51 -35.08
CA TRP D 83 11.65 -14.43 -35.51
C TRP D 83 10.86 -13.12 -35.71
N THR D 84 9.73 -13.23 -36.41
CA THR D 84 8.87 -12.08 -36.66
C THR D 84 8.30 -11.51 -35.37
N ARG D 85 7.79 -12.39 -34.52
CA ARG D 85 7.22 -11.94 -33.23
C ARG D 85 8.29 -11.24 -32.36
N ASP D 86 9.46 -11.85 -32.25
CA ASP D 86 10.57 -11.23 -31.48
C ASP D 86 10.95 -9.87 -32.07
N SER D 87 10.95 -9.76 -33.39
CA SER D 87 11.26 -8.47 -34.03
C SER D 87 10.22 -7.40 -33.69
N ILE D 88 8.94 -7.78 -33.76
CA ILE D 88 7.84 -6.88 -33.44
C ILE D 88 7.87 -6.47 -31.98
N ILE D 89 8.13 -7.43 -31.09
CA ILE D 89 8.30 -7.12 -29.66
C ILE D 89 9.42 -6.08 -29.42
N GLU D 90 10.57 -6.25 -30.07
CA GLU D 90 11.65 -5.27 -29.99
C GLU D 90 11.23 -3.87 -30.45
N VAL D 91 10.50 -3.81 -31.56
CA VAL D 91 10.00 -2.56 -32.09
C VAL D 91 9.07 -1.87 -31.09
N TRP D 92 8.10 -2.61 -30.56
CA TRP D 92 7.15 -2.01 -29.64
C TRP D 92 7.78 -1.58 -28.30
N SER D 93 8.68 -2.39 -27.77
CA SER D 93 9.42 -2.09 -26.55
C SER D 93 10.22 -0.80 -26.73
N TYR D 94 10.87 -0.67 -27.87
CA TYR D 94 11.57 0.56 -28.23
C TYR D 94 10.61 1.75 -28.33
N ASN D 95 9.54 1.57 -29.08
CA ASN D 95 8.52 2.61 -29.28
C ASN D 95 7.90 3.11 -27.99
N ALA D 96 7.59 2.18 -27.10
CA ALA D 96 6.96 2.51 -25.83
C ALA D 96 7.91 3.35 -24.97
N GLU D 97 9.16 2.89 -24.86
CA GLU D 97 10.16 3.55 -24.04
C GLU D 97 10.47 4.97 -24.54
N PHE D 98 10.62 5.09 -25.84
CA PHE D 98 10.90 6.39 -26.46
C PHE D 98 9.72 7.35 -26.29
N LEU D 99 8.51 6.86 -26.52
CA LEU D 99 7.30 7.64 -26.31
C LEU D 99 7.27 8.23 -24.90
N VAL D 100 7.42 7.37 -23.90
CA VAL D 100 7.26 7.77 -22.51
C VAL D 100 8.37 8.73 -22.05
N ALA D 101 9.60 8.51 -22.53
CA ALA D 101 10.72 9.41 -22.26
C ALA D 101 10.50 10.83 -22.83
N VAL D 102 10.07 10.90 -24.10
CA VAL D 102 9.76 12.18 -24.76
C VAL D 102 8.59 12.89 -24.08
N GLU D 103 7.52 12.16 -23.85
CA GLU D 103 6.35 12.71 -23.16
C GLU D 103 6.75 13.28 -21.78
N ASN D 104 7.59 12.54 -21.05
CA ASN D 104 7.97 12.91 -19.70
C ASN D 104 8.89 14.14 -19.66
N GLN D 105 9.85 14.21 -20.58
CA GLN D 105 10.70 15.39 -20.76
C GLN D 105 9.84 16.63 -20.99
N HIS D 106 8.92 16.50 -21.95
CA HIS D 106 8.04 17.59 -22.33
C HIS D 106 7.02 17.98 -21.22
N THR D 107 6.53 16.99 -20.48
CA THR D 107 5.61 17.23 -19.36
C THR D 107 6.28 18.04 -18.24
N ILE D 108 7.52 17.68 -17.91
CA ILE D 108 8.32 18.41 -16.94
C ILE D 108 8.58 19.84 -17.45
N ASP D 109 8.95 19.95 -18.73
CA ASP D 109 9.23 21.25 -19.37
C ASP D 109 8.01 22.16 -19.51
N LEU D 110 6.85 21.59 -19.80
CA LEU D 110 5.64 22.40 -19.91
C LEU D 110 5.18 22.90 -18.54
N THR D 111 5.37 22.09 -17.51
CA THR D 111 5.01 22.48 -16.14
C THR D 111 5.94 23.58 -15.62
N ASP D 112 7.24 23.41 -15.86
CA ASP D 112 8.25 24.45 -15.65
C ASP D 112 7.91 25.74 -16.40
N SER D 113 7.60 25.61 -17.70
CA SER D 113 7.16 26.75 -18.53
C SER D 113 5.97 27.50 -17.93
N GLU D 114 4.94 26.77 -17.53
CA GLU D 114 3.73 27.37 -16.95
C GLU D 114 4.04 28.20 -15.69
N MET D 115 4.94 27.69 -14.85
CA MET D 115 5.44 28.42 -13.68
C MET D 115 6.10 29.72 -14.11
N ASN D 116 7.02 29.62 -15.07
CA ASN D 116 7.70 30.78 -15.66
C ASN D 116 6.72 31.79 -16.24
N LYS D 117 5.72 31.32 -16.96
CA LYS D 117 4.73 32.21 -17.61
C LYS D 117 3.91 33.03 -16.60
N LEU D 118 3.59 32.43 -15.46
CA LEU D 118 2.88 33.12 -14.38
C LEU D 118 3.75 34.19 -13.70
N TYR D 119 4.97 33.81 -13.35
CA TYR D 119 5.99 34.73 -12.82
C TYR D 119 6.19 35.96 -13.71
N GLU D 120 6.33 35.72 -15.01
CA GLU D 120 6.55 36.78 -16.00
C GLU D 120 5.33 37.69 -16.14
N LYS D 121 4.12 37.10 -16.09
CA LYS D 121 2.87 37.89 -16.15
C LYS D 121 2.79 38.90 -15.00
N VAL D 122 3.16 38.44 -13.80
CA VAL D 122 3.19 39.29 -12.59
C VAL D 122 4.23 40.41 -12.73
N ARG D 123 5.44 40.08 -13.17
CA ARG D 123 6.51 41.06 -13.38
C ARG D 123 6.05 42.19 -14.32
N ARG D 124 5.44 41.83 -15.43
CA ARG D 124 4.94 42.81 -16.40
C ARG D 124 3.80 43.67 -15.82
N GLN D 125 3.00 43.07 -14.95
CA GLN D 125 1.94 43.76 -14.22
C GLN D 125 2.50 44.84 -13.26
N LEU D 126 3.52 44.46 -12.49
CA LEU D 126 4.17 45.34 -11.52
C LEU D 126 5.21 46.29 -12.16
N ARG D 127 4.91 46.76 -13.38
CA ARG D 127 5.77 47.66 -14.12
C ARG D 127 6.36 48.70 -13.19
N GLU D 128 7.67 48.58 -12.91
CA GLU D 128 8.46 49.59 -12.15
C GLU D 128 8.13 49.83 -10.65
N ASN D 129 6.98 49.33 -10.15
CA ASN D 129 6.59 49.43 -8.73
C ASN D 129 7.23 48.35 -7.85
N ALA D 130 7.97 47.45 -8.47
CA ALA D 130 8.61 46.33 -7.78
C ALA D 130 9.74 45.82 -8.67
N GLU D 131 10.62 45.01 -8.08
CA GLU D 131 11.73 44.34 -8.79
C GLU D 131 11.96 42.95 -8.23
N GLU D 132 12.70 42.15 -8.99
CA GLU D 132 12.83 40.72 -8.78
C GLU D 132 13.84 40.42 -7.69
N ASP D 133 13.38 39.74 -6.64
CA ASP D 133 14.23 39.18 -5.58
C ASP D 133 15.26 38.22 -6.18
N GLY D 134 14.77 37.16 -6.80
CA GLY D 134 15.62 36.10 -7.38
C GLY D 134 15.28 34.69 -6.96
N ASN D 135 14.50 34.55 -5.87
CA ASN D 135 13.88 33.28 -5.46
C ASN D 135 12.37 33.25 -5.81
N GLY D 136 12.04 33.78 -7.00
CA GLY D 136 10.66 33.85 -7.46
C GLY D 136 9.76 34.80 -6.69
N CYS D 137 10.36 35.79 -6.04
CA CYS D 137 9.63 36.77 -5.24
C CYS D 137 9.80 38.20 -5.78
N PHE D 138 8.73 38.98 -5.67
CA PHE D 138 8.73 40.39 -6.07
C PHE D 138 8.67 41.27 -4.83
N GLU D 139 9.71 42.07 -4.62
CA GLU D 139 9.76 43.05 -3.53
C GLU D 139 9.06 44.31 -4.01
N ILE D 140 7.90 44.58 -3.40
CA ILE D 140 7.04 45.70 -3.77
C ILE D 140 7.51 46.92 -2.97
N PHE D 141 7.86 47.99 -3.68
CA PHE D 141 8.33 49.23 -3.05
C PHE D 141 7.23 49.92 -2.26
N HIS D 142 6.12 50.21 -2.93
CA HIS D 142 4.94 50.79 -2.28
C HIS D 142 4.29 49.77 -1.34
N GLN D 143 3.55 50.25 -0.34
CA GLN D 143 2.81 49.38 0.56
C GLN D 143 1.59 48.83 -0.18
N CYS D 144 1.33 47.53 -0.01
CA CYS D 144 0.30 46.82 -0.78
C CYS D 144 -0.50 45.91 0.16
N ASP D 145 -1.70 46.39 0.53
CA ASP D 145 -2.57 45.69 1.49
C ASP D 145 -3.24 44.46 0.84
N ASN D 146 -4.00 43.70 1.64
CA ASN D 146 -4.69 42.49 1.17
C ASN D 146 -5.52 42.69 -0.10
N ASP D 147 -6.19 43.83 -0.20
CA ASP D 147 -7.00 44.17 -1.37
C ASP D 147 -6.15 44.55 -2.61
N CYS D 148 -4.98 45.17 -2.38
CA CYS D 148 -3.98 45.42 -3.43
C CYS D 148 -3.36 44.12 -3.95
N MET D 149 -3.11 43.18 -3.02
CA MET D 149 -2.55 41.86 -3.34
C MET D 149 -3.54 41.01 -4.13
N ALA D 150 -4.79 40.97 -3.66
CA ALA D 150 -5.92 40.38 -4.41
C ALA D 150 -6.05 40.98 -5.82
N SER D 151 -5.79 42.28 -5.96
CA SER D 151 -5.80 42.95 -7.27
C SER D 151 -4.73 42.38 -8.23
N ILE D 152 -3.60 41.95 -7.67
CA ILE D 152 -2.54 41.27 -8.43
C ILE D 152 -3.01 39.87 -8.88
N ARG D 153 -3.58 39.11 -7.94
CA ARG D 153 -4.07 37.75 -8.19
C ARG D 153 -5.27 37.70 -9.16
N ASN D 154 -6.19 38.64 -8.99
CA ASN D 154 -7.37 38.81 -9.86
C ASN D 154 -7.02 39.50 -11.20
N ASN D 155 -5.78 39.95 -11.31
CA ASN D 155 -5.19 40.49 -12.55
C ASN D 155 -5.79 41.85 -12.95
N THR D 156 -6.00 42.72 -11.96
CA THR D 156 -6.55 44.08 -12.16
C THR D 156 -5.72 45.18 -11.46
N TYR D 157 -4.52 44.83 -10.97
CA TYR D 157 -3.61 45.78 -10.32
C TYR D 157 -3.29 46.93 -11.29
N ASP D 158 -3.52 48.17 -10.83
CA ASP D 158 -3.21 49.36 -11.62
C ASP D 158 -1.83 49.91 -11.24
N HIS D 159 -0.88 49.73 -12.15
CA HIS D 159 0.52 50.14 -11.93
C HIS D 159 0.66 51.66 -11.75
N LYS D 160 -0.03 52.43 -12.59
CA LYS D 160 0.07 53.91 -12.56
C LYS D 160 -0.56 54.55 -11.31
N LYS D 161 -1.45 53.83 -10.64
CA LYS D 161 -2.00 54.26 -9.33
C LYS D 161 -0.92 54.44 -8.26
N TYR D 162 -0.14 53.39 -8.03
CA TYR D 162 0.90 53.35 -6.98
C TYR D 162 2.30 53.73 -7.48
N ARG D 163 2.38 54.11 -8.75
CA ARG D 163 3.64 54.43 -9.43
C ARG D 163 4.48 55.42 -8.60
N LYS D 164 3.92 56.61 -8.39
CA LYS D 164 4.59 57.74 -7.71
C LYS D 164 5.41 57.29 -6.50
N GLU D 165 4.74 56.78 -5.47
CA GLU D 165 5.42 56.39 -4.23
C GLU D 165 6.44 55.27 -4.39
N ALA D 166 6.14 54.31 -5.26
CA ALA D 166 7.01 53.15 -5.49
C ALA D 166 8.39 53.55 -6.04
N ILE D 167 8.40 54.33 -7.12
CA ILE D 167 9.66 54.81 -7.74
C ILE D 167 10.43 55.74 -6.79
N GLN D 168 9.69 56.62 -6.09
CA GLN D 168 10.26 57.45 -5.02
C GLN D 168 10.93 56.57 -3.97
N ASN D 169 10.23 55.50 -3.59
CA ASN D 169 10.78 54.46 -2.72
C ASN D 169 11.79 53.56 -3.45
N ARG D 170 12.59 54.11 -4.37
CA ARG D 170 13.61 53.32 -5.08
C ARG D 170 14.57 52.63 -4.07
N ASP E 4 24.08 62.14 40.78
CA ASP E 4 23.10 61.78 41.86
C ASP E 4 23.19 60.30 42.20
N LYS E 5 23.02 59.44 41.19
CA LYS E 5 22.99 57.98 41.40
C LYS E 5 23.61 57.16 40.25
N ILE E 6 24.14 55.99 40.60
CA ILE E 6 24.59 54.96 39.64
C ILE E 6 24.00 53.60 40.03
N CYS E 7 23.38 52.92 39.05
CA CYS E 7 22.64 51.67 39.25
C CYS E 7 23.31 50.51 38.50
N LEU E 8 23.33 49.34 39.14
CA LEU E 8 23.85 48.10 38.53
C LEU E 8 22.69 47.24 38.04
N GLY E 9 22.85 46.63 36.87
CA GLY E 9 21.86 45.72 36.30
C GLY E 9 22.49 44.68 35.41
N HIS E 10 21.63 43.89 34.77
CA HIS E 10 22.04 42.75 33.94
C HIS E 10 21.18 42.66 32.68
N HIS E 11 21.66 41.94 31.68
CA HIS E 11 20.96 41.82 30.40
C HIS E 11 19.66 41.04 30.58
N ALA E 12 18.66 41.32 29.72
CA ALA E 12 17.50 40.44 29.54
C ALA E 12 16.86 40.64 28.17
N VAL E 13 15.93 39.74 27.83
CA VAL E 13 15.15 39.78 26.60
C VAL E 13 13.76 39.22 26.89
N SER E 14 12.76 39.60 26.11
CA SER E 14 11.40 39.06 26.25
C SER E 14 11.29 37.64 25.66
N ASN E 15 12.01 37.41 24.56
CA ASN E 15 12.00 36.13 23.85
C ASN E 15 13.21 35.27 24.25
N GLY E 16 13.17 34.75 25.47
CA GLY E 16 14.25 33.96 26.03
C GLY E 16 13.96 32.49 25.82
N THR E 17 14.88 31.64 26.31
CA THR E 17 14.82 30.19 26.17
C THR E 17 14.68 29.53 27.55
N LYS E 18 13.73 28.61 27.70
CA LYS E 18 13.53 27.89 28.97
C LYS E 18 14.63 26.85 29.19
N VAL E 19 15.07 26.72 30.45
CA VAL E 19 15.97 25.65 30.88
C VAL E 19 15.51 25.18 32.26
N ASP E 20 16.06 24.04 32.69
CA ASP E 20 15.82 23.49 34.03
C ASP E 20 17.10 23.52 34.84
N THR E 21 16.95 23.55 36.17
CA THR E 21 18.06 23.52 37.13
C THR E 21 17.74 22.42 38.13
N LEU E 22 18.62 22.19 39.11
CA LEU E 22 18.29 21.20 40.14
C LEU E 22 17.19 21.73 41.09
N THR E 23 16.95 23.05 41.11
CA THR E 23 15.96 23.66 42.00
C THR E 23 14.63 24.08 41.32
N GLU E 24 14.66 24.36 40.01
CA GLU E 24 13.53 24.98 39.30
C GLU E 24 13.39 24.52 37.85
N LYS E 25 12.14 24.27 37.43
CA LYS E 25 11.80 23.87 36.07
C LYS E 25 11.37 25.10 35.25
N GLY E 26 11.95 25.26 34.07
CA GLY E 26 11.52 26.28 33.11
C GLY E 26 11.92 27.72 33.38
N ILE E 27 13.07 27.93 34.06
CA ILE E 27 13.69 29.28 34.18
C ILE E 27 14.08 29.74 32.81
N GLU E 28 13.83 31.02 32.52
CA GLU E 28 14.16 31.59 31.21
C GLU E 28 15.56 32.22 31.25
N VAL E 29 16.33 31.98 30.19
CA VAL E 29 17.68 32.45 30.07
C VAL E 29 17.82 33.16 28.72
N VAL E 30 18.86 33.99 28.56
CA VAL E 30 19.07 34.78 27.34
C VAL E 30 19.41 33.89 26.15
N ASN E 31 20.25 32.89 26.38
CA ASN E 31 20.61 31.89 25.36
C ASN E 31 20.83 30.51 26.00
N ALA E 32 20.64 29.48 25.20
CA ALA E 32 20.84 28.09 25.63
C ALA E 32 21.14 27.22 24.43
N THR E 33 21.80 26.09 24.67
CA THR E 33 22.13 25.13 23.61
C THR E 33 21.65 23.71 23.99
N GLU E 34 21.19 22.98 22.99
CA GLU E 34 20.73 21.60 23.14
C GLU E 34 21.90 20.65 23.36
N THR E 35 21.75 19.72 24.32
CA THR E 35 22.76 18.66 24.59
C THR E 35 22.32 17.27 24.13
N VAL E 36 21.04 17.09 23.76
CA VAL E 36 20.53 15.82 23.21
C VAL E 36 20.22 15.96 21.70
N GLU E 37 21.06 15.31 20.90
CA GLU E 37 21.01 15.37 19.45
C GLU E 37 19.71 14.80 18.91
N GLN E 38 19.01 15.60 18.10
CA GLN E 38 17.83 15.16 17.37
C GLN E 38 18.00 15.19 15.85
N LYS E 39 19.12 15.73 15.36
CA LYS E 39 19.34 15.88 13.92
C LYS E 39 19.89 14.56 13.36
N ASN E 40 19.12 13.93 12.48
CA ASN E 40 19.54 12.76 11.71
C ASN E 40 19.89 13.17 10.28
N ILE E 41 20.96 12.62 9.71
CA ILE E 41 21.21 12.72 8.25
C ILE E 41 20.69 11.43 7.59
N PRO E 42 19.68 11.55 6.70
CA PRO E 42 19.08 10.36 6.08
C PRO E 42 19.94 9.74 4.95
N LYS E 43 21.20 9.46 5.29
CA LYS E 43 22.18 8.86 4.40
C LYS E 43 23.13 8.00 5.24
N ILE E 44 23.79 7.05 4.58
CA ILE E 44 24.97 6.40 5.14
C ILE E 44 26.11 7.18 4.62
N CYS E 45 26.65 8.05 5.44
CA CYS E 45 27.68 8.74 4.81
C CYS E 45 29.12 8.24 5.16
N SER E 46 29.82 7.94 4.07
CA SER E 46 30.89 6.94 3.99
C SER E 46 32.22 7.51 3.51
N LYS E 47 32.40 8.82 3.55
CA LYS E 47 33.62 9.44 3.05
C LYS E 47 34.84 8.87 3.79
N GLY E 48 35.84 8.44 3.03
CA GLY E 48 37.06 7.89 3.58
C GLY E 48 36.96 6.44 4.07
N LYS E 49 35.90 5.73 3.66
CA LYS E 49 35.68 4.34 4.07
C LYS E 49 35.42 3.45 2.88
N GLN E 50 36.04 2.27 2.87
CA GLN E 50 35.76 1.26 1.87
C GLN E 50 34.47 0.59 2.31
N THR E 51 33.43 0.76 1.50
CA THR E 51 32.10 0.27 1.85
C THR E 51 31.70 -0.85 0.93
N ILE E 52 30.87 -1.75 1.45
CA ILE E 52 30.17 -2.73 0.62
C ILE E 52 28.68 -2.60 0.95
N ASP E 53 27.90 -2.31 -0.09
CA ASP E 53 26.44 -2.24 0.01
C ASP E 53 25.92 -3.57 -0.51
N LEU E 54 25.52 -4.45 0.40
CA LEU E 54 25.17 -5.84 0.06
C LEU E 54 23.91 -5.97 -0.78
N GLY E 55 22.97 -5.04 -0.61
CA GLY E 55 21.72 -5.07 -1.38
C GLY E 55 20.96 -6.37 -1.21
N GLN E 56 20.75 -7.07 -2.33
CA GLN E 56 20.03 -8.34 -2.35
C GLN E 56 20.83 -9.48 -1.72
N CYS E 57 22.15 -9.32 -1.61
CA CYS E 57 23.01 -10.33 -1.03
C CYS E 57 22.94 -10.30 0.49
N GLY E 58 22.48 -11.40 1.08
CA GLY E 58 22.59 -11.58 2.52
C GLY E 58 24.04 -11.81 2.94
N LEU E 59 24.43 -11.22 4.07
CA LEU E 59 25.82 -11.31 4.55
C LEU E 59 26.35 -12.74 4.60
N LEU E 60 25.54 -13.68 5.08
CA LEU E 60 25.95 -15.10 5.15
C LEU E 60 26.09 -15.73 3.76
N GLY E 61 25.27 -15.24 2.83
CA GLY E 61 25.36 -15.58 1.40
C GLY E 61 26.71 -15.39 0.76
N THR E 62 27.48 -14.41 1.26
CA THR E 62 28.84 -14.17 0.76
C THR E 62 29.74 -15.39 0.92
N THR E 63 29.49 -16.21 1.94
CA THR E 63 30.34 -17.39 2.23
C THR E 63 30.03 -18.59 1.35
N ILE E 64 28.78 -18.68 0.85
CA ILE E 64 28.34 -19.87 0.09
C ILE E 64 28.02 -19.54 -1.38
N GLY E 65 27.56 -18.32 -1.62
CA GLY E 65 27.46 -17.78 -2.97
C GLY E 65 26.23 -18.16 -3.77
N PRO E 66 25.03 -17.75 -3.30
CA PRO E 66 23.88 -17.80 -4.19
C PRO E 66 24.07 -16.70 -5.26
N PRO E 67 23.36 -16.81 -6.40
CA PRO E 67 23.62 -15.88 -7.52
C PRO E 67 23.60 -14.39 -7.16
N GLN E 68 22.71 -13.99 -6.25
CA GLN E 68 22.66 -12.59 -5.77
C GLN E 68 23.92 -12.11 -5.01
N CYS E 69 24.81 -13.03 -4.66
CA CYS E 69 26.08 -12.71 -3.98
C CYS E 69 27.34 -12.89 -4.86
N ASP E 70 27.17 -13.14 -6.16
CA ASP E 70 28.31 -13.41 -7.05
C ASP E 70 29.37 -12.31 -7.07
N GLN E 71 28.93 -11.07 -6.90
CA GLN E 71 29.82 -9.92 -6.87
C GLN E 71 30.50 -9.66 -5.51
N PHE E 72 30.17 -10.44 -4.48
CA PHE E 72 30.71 -10.24 -3.13
C PHE E 72 31.43 -11.48 -2.54
N LEU E 73 31.85 -12.41 -3.39
CA LEU E 73 32.45 -13.65 -2.91
C LEU E 73 33.77 -13.42 -2.18
N GLU E 74 34.49 -12.36 -2.56
CA GLU E 74 35.76 -12.00 -1.91
C GLU E 74 35.92 -10.54 -1.52
N PHE E 75 34.87 -9.98 -0.95
CA PHE E 75 34.83 -8.54 -0.70
C PHE E 75 35.80 -8.03 0.38
N SER E 76 36.14 -6.75 0.27
CA SER E 76 36.97 -6.05 1.23
C SER E 76 36.24 -4.77 1.62
N ALA E 77 36.16 -4.48 2.92
CA ALA E 77 35.43 -3.29 3.39
C ALA E 77 35.80 -2.93 4.81
N ASN E 78 35.75 -1.64 5.12
CA ASN E 78 35.76 -1.11 6.50
C ASN E 78 34.35 -0.91 7.03
N LEU E 79 33.38 -0.74 6.14
CA LEU E 79 32.00 -0.55 6.52
C LEU E 79 31.14 -1.48 5.68
N ILE E 80 30.41 -2.38 6.35
CA ILE E 80 29.56 -3.38 5.69
C ILE E 80 28.12 -3.01 5.97
N ILE E 81 27.32 -2.86 4.91
CA ILE E 81 25.92 -2.45 5.04
C ILE E 81 25.00 -3.60 4.62
N GLU E 82 24.24 -4.11 5.58
CA GLU E 82 23.22 -5.10 5.30
C GLU E 82 21.93 -4.36 4.97
N ARG E 83 21.18 -4.91 4.03
CA ARG E 83 19.93 -4.30 3.57
C ARG E 83 18.75 -5.21 3.85
N ARG E 84 17.60 -4.59 3.99
CA ARG E 84 16.38 -5.31 4.29
C ARG E 84 16.02 -6.37 3.23
N GLU E 85 16.36 -6.12 1.96
CA GLU E 85 16.15 -7.13 0.89
C GLU E 85 17.06 -8.34 0.98
N GLY E 86 18.11 -8.26 1.79
CA GLY E 86 19.18 -9.25 1.75
C GLY E 86 18.68 -10.66 2.01
N ASP E 87 19.12 -11.60 1.16
CA ASP E 87 18.78 -13.01 1.29
C ASP E 87 20.06 -13.84 1.20
N ASP E 88 20.30 -14.66 2.24
CA ASP E 88 21.49 -15.52 2.33
C ASP E 88 21.46 -16.73 1.39
N ILE E 89 20.28 -17.16 0.97
CA ILE E 89 20.11 -18.44 0.28
C ILE E 89 19.47 -18.28 -1.10
N CYS E 90 19.47 -19.37 -1.86
CA CYS E 90 18.68 -19.48 -3.10
C CYS E 90 17.81 -20.73 -2.99
N TYR E 91 18.42 -21.91 -2.91
CA TYR E 91 17.68 -23.10 -2.49
C TYR E 91 17.32 -22.86 -1.01
N PRO E 92 16.05 -23.10 -0.62
CA PRO E 92 15.65 -22.71 0.74
C PRO E 92 16.39 -23.49 1.84
N GLY E 93 16.54 -22.82 2.97
CA GLY E 93 17.21 -23.38 4.13
C GLY E 93 17.72 -22.27 5.01
N LYS E 94 18.57 -22.63 5.96
CA LYS E 94 19.04 -21.69 6.97
C LYS E 94 20.45 -22.08 7.41
N PHE E 95 21.13 -21.10 7.99
CA PHE E 95 22.41 -21.33 8.67
C PHE E 95 22.17 -21.63 10.14
N ASP E 96 22.81 -22.69 10.63
CA ASP E 96 22.90 -22.94 12.04
C ASP E 96 23.68 -21.80 12.69
N ASN E 97 23.23 -21.38 13.87
CA ASN E 97 23.93 -20.38 14.68
C ASN E 97 24.21 -19.12 13.82
N GLU E 98 23.15 -18.67 13.17
CA GLU E 98 23.27 -17.69 12.09
C GLU E 98 23.72 -16.32 12.57
N GLU E 99 23.19 -15.85 13.71
CA GLU E 99 23.53 -14.52 14.18
C GLU E 99 24.99 -14.43 14.66
N THR E 100 25.49 -15.51 15.26
CA THR E 100 26.90 -15.54 15.66
C THR E 100 27.81 -15.37 14.44
N LEU E 101 27.48 -16.04 13.35
CA LEU E 101 28.24 -15.92 12.13
C LEU E 101 28.14 -14.51 11.54
N ARG E 102 26.94 -13.93 11.58
CA ARG E 102 26.78 -12.52 11.15
C ARG E 102 27.67 -11.59 11.94
N LYS E 103 27.74 -11.78 13.25
CA LYS E 103 28.59 -10.91 14.09
C LYS E 103 30.06 -11.01 13.69
N ILE E 104 30.51 -12.24 13.43
CA ILE E 104 31.87 -12.50 12.95
C ILE E 104 32.11 -11.80 11.60
N LEU E 105 31.19 -11.97 10.65
CA LEU E 105 31.38 -11.40 9.31
C LEU E 105 31.30 -9.88 9.30
N ARG E 106 30.44 -9.30 10.12
CA ARG E 106 30.30 -7.84 10.23
C ARG E 106 31.59 -7.11 10.59
N LYS E 107 32.43 -7.75 11.40
CA LYS E 107 33.68 -7.14 11.83
C LYS E 107 34.93 -7.73 11.16
N SER E 108 34.71 -8.51 10.11
CA SER E 108 35.76 -9.29 9.46
C SER E 108 36.74 -8.49 8.60
N GLY E 109 36.33 -7.29 8.16
CA GLY E 109 37.05 -6.57 7.11
C GLY E 109 36.81 -7.14 5.72
N GLY E 110 35.86 -8.08 5.62
CA GLY E 110 35.62 -8.83 4.41
C GLY E 110 36.28 -10.20 4.46
N ILE E 111 36.14 -10.93 3.34
CA ILE E 111 36.61 -12.30 3.24
C ILE E 111 37.41 -12.56 1.98
N LYS E 112 38.35 -13.51 2.07
CA LYS E 112 39.05 -14.02 0.90
C LYS E 112 38.87 -15.53 0.92
N LYS E 113 38.82 -16.13 -0.27
CA LYS E 113 38.46 -17.53 -0.45
C LYS E 113 39.67 -18.32 -0.94
N GLU E 114 39.75 -19.58 -0.53
CA GLU E 114 40.78 -20.48 -1.00
C GLU E 114 40.20 -21.86 -1.25
N ASN E 115 40.60 -22.48 -2.35
CA ASN E 115 40.16 -23.83 -2.66
C ASN E 115 40.62 -24.81 -1.57
N MET E 116 39.75 -25.75 -1.23
CA MET E 116 40.02 -26.73 -0.18
C MET E 116 40.61 -28.01 -0.75
N GLY E 117 40.65 -28.10 -2.08
CA GLY E 117 41.33 -29.18 -2.78
C GLY E 117 40.61 -30.51 -2.84
N PHE E 118 39.31 -30.54 -2.55
CA PHE E 118 38.55 -31.80 -2.69
C PHE E 118 38.33 -32.12 -4.17
N THR E 119 38.61 -33.37 -4.54
CA THR E 119 38.22 -33.92 -5.85
C THR E 119 37.45 -35.21 -5.61
N TYR E 120 36.62 -35.59 -6.56
CA TYR E 120 35.64 -36.66 -6.38
C TYR E 120 35.69 -37.66 -7.53
N THR E 121 35.58 -38.94 -7.18
CA THR E 121 35.37 -40.02 -8.15
C THR E 121 34.27 -40.95 -7.61
N GLY E 122 33.47 -41.51 -8.52
CA GLY E 122 32.34 -42.37 -8.15
C GLY E 122 31.03 -41.66 -7.83
N VAL E 123 31.01 -40.33 -7.94
CA VAL E 123 29.81 -39.51 -7.73
C VAL E 123 29.82 -38.34 -8.70
N ARG E 124 28.64 -37.78 -8.97
CA ARG E 124 28.54 -36.51 -9.68
C ARG E 124 28.79 -35.37 -8.70
N THR E 125 29.10 -34.22 -9.27
CA THR E 125 29.52 -33.02 -8.57
C THR E 125 28.65 -31.79 -8.96
N ASN E 126 27.69 -32.00 -9.85
CA ASN E 126 27.02 -30.91 -10.57
C ASN E 126 25.51 -30.82 -10.28
N GLY E 127 25.13 -31.15 -9.05
CA GLY E 127 23.74 -30.93 -8.62
C GLY E 127 23.35 -29.48 -8.84
N GLU E 128 22.11 -29.28 -9.26
CA GLU E 128 21.62 -27.96 -9.68
C GLU E 128 20.12 -27.84 -9.42
N THR E 129 19.63 -26.61 -9.45
CA THR E 129 18.23 -26.31 -9.11
C THR E 129 17.79 -25.01 -9.74
N SER E 130 16.51 -24.93 -10.11
CA SER E 130 15.92 -23.70 -10.63
C SER E 130 15.85 -22.58 -9.59
N ALA E 131 15.92 -22.94 -8.30
CA ALA E 131 15.97 -21.95 -7.20
C ALA E 131 17.21 -21.07 -7.22
N CYS E 132 18.30 -21.56 -7.82
CA CYS E 132 19.55 -20.81 -7.97
C CYS E 132 19.83 -20.62 -9.46
N ARG E 133 19.39 -19.50 -10.03
CA ARG E 133 19.56 -19.39 -11.50
C ARG E 133 20.46 -18.19 -11.86
N ARG E 134 21.52 -18.46 -12.62
CA ARG E 134 22.33 -17.35 -13.15
C ARG E 134 21.83 -17.14 -14.58
N SER E 135 21.95 -18.16 -15.43
CA SER E 135 21.37 -18.10 -16.80
C SER E 135 20.45 -19.31 -16.90
N ARG E 136 20.87 -20.42 -16.30
CA ARG E 136 20.03 -21.63 -16.22
C ARG E 136 20.07 -22.15 -14.78
N SER E 137 19.43 -23.30 -14.50
CA SER E 137 19.53 -23.92 -13.18
C SER E 137 21.00 -24.05 -12.76
N SER E 138 21.28 -23.68 -11.51
CA SER E 138 22.64 -23.59 -11.01
C SER E 138 22.66 -23.97 -9.51
N PHE E 139 23.68 -23.53 -8.77
CA PHE E 139 23.81 -23.85 -7.34
C PHE E 139 24.67 -22.80 -6.65
N TYR E 140 24.94 -23.00 -5.37
CA TYR E 140 25.85 -22.17 -4.60
C TYR E 140 27.26 -22.23 -5.20
N ALA E 141 27.83 -21.06 -5.50
CA ALA E 141 29.10 -20.97 -6.19
C ALA E 141 30.27 -21.60 -5.43
N GLU E 142 30.20 -21.58 -4.10
CA GLU E 142 31.28 -22.08 -3.23
C GLU E 142 31.13 -23.53 -2.76
N MET E 143 30.07 -24.20 -3.22
CA MET E 143 29.68 -25.51 -2.72
C MET E 143 29.52 -26.49 -3.86
N LYS E 144 29.55 -27.77 -3.54
CA LYS E 144 29.33 -28.85 -4.51
C LYS E 144 28.17 -29.73 -4.02
N TRP E 145 27.15 -29.83 -4.85
CA TRP E 145 26.03 -30.74 -4.63
C TRP E 145 26.41 -32.12 -5.18
N LEU E 146 26.85 -33.00 -4.27
CA LEU E 146 27.28 -34.35 -4.63
C LEU E 146 26.09 -35.28 -4.72
N LEU E 147 26.06 -36.08 -5.77
CA LEU E 147 25.01 -37.11 -5.93
C LEU E 147 25.52 -38.37 -6.59
N SER E 148 24.69 -39.41 -6.48
CA SER E 148 24.94 -40.67 -7.15
C SER E 148 25.08 -40.49 -8.67
N ASN E 149 26.00 -41.26 -9.26
CA ASN E 149 26.30 -41.21 -10.70
C ASN E 149 25.06 -41.34 -11.59
N THR E 150 24.09 -42.13 -11.14
CA THR E 150 22.82 -42.32 -11.85
C THR E 150 21.65 -42.31 -10.87
N ASP E 151 20.48 -41.93 -11.37
CA ASP E 151 19.21 -42.01 -10.62
C ASP E 151 19.14 -43.32 -9.84
N ASN E 152 18.91 -43.22 -8.54
CA ASN E 152 18.79 -44.35 -7.62
C ASN E 152 20.08 -45.17 -7.44
N GLY E 153 21.19 -44.67 -7.97
CA GLY E 153 22.46 -45.37 -7.90
C GLY E 153 23.05 -45.36 -6.50
N VAL E 154 24.02 -46.25 -6.27
CA VAL E 154 24.74 -46.32 -5.00
C VAL E 154 25.66 -45.10 -4.83
N PHE E 155 25.56 -44.44 -3.68
CA PHE E 155 26.48 -43.36 -3.30
C PHE E 155 27.53 -43.99 -2.37
N PRO E 156 28.78 -44.09 -2.83
CA PRO E 156 29.80 -44.74 -2.00
C PRO E 156 30.10 -43.95 -0.73
N GLN E 157 30.32 -44.66 0.37
CA GLN E 157 30.81 -44.07 1.62
C GLN E 157 32.13 -43.37 1.31
N MET E 158 32.21 -42.09 1.70
CA MET E 158 33.30 -41.19 1.30
C MET E 158 33.81 -40.43 2.51
N THR E 159 35.08 -40.03 2.44
CA THR E 159 35.72 -39.24 3.48
C THR E 159 36.63 -38.21 2.83
N LYS E 160 36.50 -36.95 3.25
CA LYS E 160 37.30 -35.84 2.75
C LYS E 160 37.81 -35.03 3.93
N SER E 161 39.09 -34.66 3.85
CA SER E 161 39.78 -33.96 4.94
C SER E 161 40.50 -32.72 4.42
N TYR E 162 40.47 -31.65 5.20
CA TYR E 162 41.14 -30.40 4.86
C TYR E 162 41.88 -29.92 6.09
N LYS E 163 43.20 -29.74 5.95
CA LYS E 163 44.02 -29.14 6.99
C LYS E 163 44.19 -27.65 6.69
N ASN E 164 43.94 -26.81 7.69
CA ASN E 164 44.20 -25.39 7.60
C ASN E 164 45.70 -25.12 7.82
N THR E 165 46.39 -24.78 6.73
CA THR E 165 47.83 -24.45 6.77
C THR E 165 48.12 -22.94 6.68
N LYS E 166 47.12 -22.09 6.98
CA LYS E 166 47.17 -20.62 6.73
C LYS E 166 47.44 -19.58 7.84
N ARG E 167 47.69 -19.98 9.07
CA ARG E 167 48.02 -19.01 10.17
C ARG E 167 46.84 -18.22 10.75
N GLU E 168 45.76 -18.14 10.00
CA GLU E 168 44.51 -17.53 10.44
C GLU E 168 43.42 -18.62 10.39
N PRO E 169 42.39 -18.53 11.26
CA PRO E 169 41.35 -19.57 11.23
C PRO E 169 40.61 -19.61 9.89
N ALA E 170 40.20 -20.79 9.46
CA ALA E 170 39.42 -20.95 8.24
C ALA E 170 37.95 -21.15 8.58
N LEU E 171 37.07 -20.38 7.93
CA LEU E 171 35.63 -20.57 8.04
C LEU E 171 35.22 -21.68 7.08
N ILE E 172 34.71 -22.78 7.63
CA ILE E 172 34.34 -23.99 6.89
C ILE E 172 32.81 -24.14 6.97
N ILE E 173 32.16 -24.22 5.82
CA ILE E 173 30.70 -24.35 5.72
C ILE E 173 30.38 -25.69 5.05
N TRP E 174 29.36 -26.40 5.54
CA TRP E 174 28.81 -27.55 4.82
C TRP E 174 27.30 -27.56 4.97
N GLY E 175 26.63 -28.31 4.09
CA GLY E 175 25.18 -28.39 4.08
C GLY E 175 24.69 -29.80 4.25
N ILE E 176 23.52 -29.94 4.89
CA ILE E 176 22.76 -31.19 4.95
C ILE E 176 21.51 -30.96 4.12
N HIS E 177 21.31 -31.80 3.11
CA HIS E 177 20.14 -31.69 2.22
C HIS E 177 19.00 -32.58 2.70
N HIS E 178 17.90 -31.93 3.07
CA HIS E 178 16.63 -32.60 3.39
C HIS E 178 15.79 -32.60 2.11
N SER E 179 15.75 -33.75 1.43
CA SER E 179 14.94 -33.93 0.22
C SER E 179 13.43 -33.74 0.53
N GLY E 180 12.67 -33.30 -0.48
CA GLY E 180 11.22 -33.10 -0.35
C GLY E 180 10.39 -34.37 -0.21
N SER E 181 10.99 -35.52 -0.51
CA SER E 181 10.37 -36.84 -0.24
C SER E 181 11.47 -37.93 -0.15
N THR E 182 11.11 -39.03 0.51
CA THR E 182 11.95 -40.24 0.55
C THR E 182 12.33 -40.70 -0.87
N ALA E 183 11.36 -40.65 -1.79
CA ALA E 183 11.59 -41.06 -3.18
C ALA E 183 12.65 -40.20 -3.87
N GLU E 184 12.60 -38.89 -3.60
CA GLU E 184 13.61 -37.97 -4.11
C GLU E 184 14.99 -38.26 -3.50
N GLN E 185 15.04 -38.51 -2.18
CA GLN E 185 16.30 -38.84 -1.52
C GLN E 185 16.94 -40.08 -2.15
N THR E 186 16.16 -41.15 -2.26
CA THR E 186 16.64 -42.41 -2.85
C THR E 186 17.11 -42.17 -4.30
N ARG E 187 16.43 -41.29 -5.03
CA ARG E 187 16.83 -40.97 -6.40
C ARG E 187 18.17 -40.20 -6.45
N LEU E 188 18.33 -39.17 -5.62
CA LEU E 188 19.54 -38.37 -5.68
C LEU E 188 20.76 -39.14 -5.20
N TYR E 189 20.56 -39.97 -4.17
CA TYR E 189 21.66 -40.53 -3.39
C TYR E 189 21.65 -42.06 -3.23
N GLY E 190 20.64 -42.72 -3.78
CA GLY E 190 20.44 -44.15 -3.53
C GLY E 190 19.69 -44.37 -2.23
N SER E 191 19.08 -45.54 -2.12
CA SER E 191 18.30 -45.92 -0.95
C SER E 191 19.18 -46.23 0.26
N GLY E 192 18.55 -46.26 1.43
CA GLY E 192 19.23 -46.56 2.70
C GLY E 192 19.44 -45.32 3.55
N ASN E 193 19.83 -45.55 4.79
CA ASN E 193 20.04 -44.45 5.75
C ASN E 193 21.24 -43.58 5.34
N LYS E 194 21.04 -42.27 5.37
CA LYS E 194 22.10 -41.32 5.10
C LYS E 194 22.59 -40.75 6.41
N LEU E 195 23.91 -40.71 6.55
CA LEU E 195 24.53 -40.19 7.76
C LEU E 195 25.77 -39.38 7.37
N ILE E 196 25.87 -38.19 7.94
CA ILE E 196 27.02 -37.31 7.71
C ILE E 196 27.65 -37.10 9.08
N THR E 197 28.96 -37.32 9.18
CA THR E 197 29.70 -37.02 10.40
C THR E 197 30.80 -36.03 10.07
N VAL E 198 30.98 -35.06 10.95
CA VAL E 198 31.98 -34.02 10.78
C VAL E 198 32.75 -33.92 12.09
N TRP E 199 34.08 -33.91 12.01
CA TRP E 199 34.89 -33.64 13.19
C TRP E 199 36.13 -32.85 12.86
N SER E 200 36.64 -32.18 13.88
CA SER E 200 38.00 -31.63 13.90
C SER E 200 38.60 -32.09 15.22
N SER E 201 39.79 -31.60 15.53
CA SER E 201 40.44 -31.90 16.81
C SER E 201 39.52 -31.68 18.02
N LYS E 202 38.70 -30.63 17.98
CA LYS E 202 37.82 -30.27 19.09
C LYS E 202 36.31 -30.33 18.80
N TYR E 203 35.91 -30.47 17.53
CA TYR E 203 34.49 -30.47 17.12
C TYR E 203 34.12 -31.87 16.67
N GLN E 204 32.90 -32.30 17.02
CA GLN E 204 32.35 -33.57 16.56
C GLN E 204 30.83 -33.46 16.48
N GLN E 205 30.25 -33.76 15.33
CA GLN E 205 28.79 -33.80 15.19
C GLN E 205 28.38 -34.71 14.05
N SER E 206 27.23 -35.36 14.23
CA SER E 206 26.62 -36.25 13.26
C SER E 206 25.30 -35.66 12.79
N PHE E 207 24.94 -35.95 11.55
CA PHE E 207 23.74 -35.40 10.93
C PHE E 207 23.02 -36.46 10.10
N ALA E 208 21.70 -36.42 10.10
CA ALA E 208 20.86 -37.26 9.25
C ALA E 208 19.77 -36.38 8.63
N PRO E 209 19.51 -36.55 7.32
CA PRO E 209 18.38 -35.82 6.74
C PRO E 209 17.04 -36.38 7.23
N SER E 210 16.07 -35.50 7.49
CA SER E 210 14.65 -35.85 7.57
C SER E 210 13.90 -35.43 6.30
N PRO E 211 13.83 -36.33 5.30
CA PRO E 211 13.15 -35.98 4.05
C PRO E 211 11.63 -35.85 4.21
N GLY E 212 11.01 -35.02 3.37
CA GLY E 212 9.56 -34.78 3.40
C GLY E 212 9.21 -33.37 2.95
N PRO E 213 7.93 -33.13 2.61
CA PRO E 213 7.58 -31.84 2.00
C PRO E 213 7.43 -30.67 3.00
N ARG E 214 8.30 -29.68 2.87
CA ARG E 214 8.12 -28.38 3.54
C ARG E 214 7.26 -27.52 2.61
N PRO E 215 6.71 -26.41 3.11
CA PRO E 215 6.07 -25.45 2.20
C PRO E 215 7.07 -24.96 1.15
N GLN E 216 6.59 -24.66 -0.04
CA GLN E 216 7.47 -24.26 -1.14
C GLN E 216 8.07 -22.89 -0.92
N ILE E 217 9.38 -22.80 -1.04
CA ILE E 217 10.05 -21.52 -1.15
C ILE E 217 10.97 -21.59 -2.34
N ASN E 218 10.92 -20.56 -3.18
CA ASN E 218 11.63 -20.53 -4.44
C ASN E 218 11.38 -21.80 -5.26
N GLY E 219 10.15 -22.32 -5.18
CA GLY E 219 9.73 -23.52 -5.88
C GLY E 219 10.09 -24.86 -5.27
N GLN E 220 10.71 -24.89 -4.09
CA GLN E 220 11.24 -26.15 -3.53
C GLN E 220 10.64 -26.52 -2.18
N SER E 221 10.38 -27.81 -2.04
CA SER E 221 9.83 -28.39 -0.81
C SER E 221 10.91 -29.06 0.05
N GLY E 222 12.11 -29.24 -0.50
CA GLY E 222 13.27 -29.67 0.28
C GLY E 222 13.92 -28.49 0.96
N ARG E 223 14.93 -28.77 1.78
CA ARG E 223 15.71 -27.74 2.48
C ARG E 223 17.18 -28.14 2.53
N ILE E 224 18.06 -27.16 2.42
CA ILE E 224 19.50 -27.36 2.69
C ILE E 224 19.85 -26.47 3.87
N ASP E 225 20.21 -27.11 4.98
CA ASP E 225 20.62 -26.41 6.19
C ASP E 225 22.15 -26.43 6.27
N PHE E 226 22.71 -25.25 6.53
CA PHE E 226 24.14 -25.06 6.57
C PHE E 226 24.66 -25.02 8.01
N TYR E 227 25.78 -25.70 8.23
CA TYR E 227 26.51 -25.71 9.48
C TYR E 227 27.93 -25.19 9.20
N TRP E 228 28.58 -24.69 10.23
CA TRP E 228 29.89 -24.12 10.07
C TRP E 228 30.78 -24.29 11.29
N LEU E 229 32.09 -24.19 11.06
CA LEU E 229 33.06 -24.06 12.13
C LEU E 229 34.22 -23.16 11.72
N MET E 230 34.91 -22.61 12.72
CA MET E 230 36.17 -21.91 12.52
C MET E 230 37.28 -22.90 12.83
N LEU E 231 38.02 -23.27 11.79
CA LEU E 231 39.08 -24.28 11.89
C LEU E 231 40.40 -23.60 12.22
N ASP E 232 40.94 -23.90 13.40
CA ASP E 232 42.20 -23.29 13.86
C ASP E 232 43.35 -23.62 12.90
N PRO E 233 44.35 -22.75 12.81
CA PRO E 233 45.61 -23.13 12.14
C PRO E 233 46.12 -24.51 12.59
N ASN E 234 46.50 -25.34 11.63
CA ASN E 234 47.01 -26.70 11.83
C ASN E 234 46.00 -27.76 12.26
N ASP E 235 44.75 -27.36 12.48
CA ASP E 235 43.68 -28.33 12.75
C ASP E 235 43.19 -28.86 11.40
N THR E 236 42.52 -30.00 11.43
CA THR E 236 42.00 -30.66 10.22
C THR E 236 40.52 -30.97 10.42
N VAL E 237 39.69 -30.61 9.43
CA VAL E 237 38.27 -30.97 9.43
C VAL E 237 38.11 -32.21 8.56
N THR E 238 37.32 -33.17 9.02
CA THR E 238 37.02 -34.39 8.27
C THR E 238 35.51 -34.52 8.06
N PHE E 239 35.11 -34.70 6.81
CA PHE E 239 33.73 -34.97 6.43
C PHE E 239 33.65 -36.42 6.01
N SER E 240 32.69 -37.17 6.56
CA SER E 240 32.43 -38.54 6.17
C SER E 240 30.93 -38.70 5.92
N PHE E 241 30.58 -39.22 4.76
CA PHE E 241 29.20 -39.14 4.27
C PHE E 241 28.88 -40.16 3.21
N ASN E 242 27.59 -40.43 3.05
CA ASN E 242 27.12 -41.34 2.01
C ASN E 242 25.99 -40.71 1.18
N GLY E 243 25.93 -39.38 1.16
CA GLY E 243 24.90 -38.65 0.41
C GLY E 243 24.27 -37.60 1.29
N ALA E 244 23.30 -36.88 0.72
CA ALA E 244 22.59 -35.77 1.36
C ALA E 244 23.57 -34.75 1.94
N PHE E 245 24.71 -34.59 1.27
CA PHE E 245 25.82 -33.77 1.74
C PHE E 245 26.17 -32.71 0.69
N ILE E 246 26.17 -31.45 1.14
CA ILE E 246 26.61 -30.32 0.32
C ILE E 246 28.02 -29.92 0.80
N ALA E 247 29.02 -30.22 -0.03
CA ALA E 247 30.43 -30.08 0.34
C ALA E 247 30.96 -28.67 0.04
N PRO E 248 31.82 -28.13 0.91
CA PRO E 248 32.49 -26.89 0.57
C PRO E 248 33.54 -27.13 -0.53
N ASP E 249 33.62 -26.19 -1.47
CA ASP E 249 34.68 -26.15 -2.48
C ASP E 249 35.80 -25.23 -2.02
N ARG E 250 35.43 -24.11 -1.40
CA ARG E 250 36.39 -23.16 -0.88
C ARG E 250 36.11 -22.82 0.58
N ALA E 251 37.18 -22.50 1.30
CA ALA E 251 37.13 -21.98 2.67
C ALA E 251 37.24 -20.46 2.62
N SER E 252 36.68 -19.79 3.63
CA SER E 252 36.79 -18.34 3.77
C SER E 252 37.78 -17.96 4.87
N PHE E 253 38.49 -16.86 4.65
CA PHE E 253 39.41 -16.29 5.62
C PHE E 253 39.06 -14.81 5.81
N LEU E 254 39.13 -14.34 7.05
CA LEU E 254 38.78 -12.96 7.39
C LEU E 254 39.95 -12.05 7.03
N ARG E 255 39.66 -10.83 6.58
CA ARG E 255 40.69 -9.94 6.02
C ARG E 255 41.28 -8.95 7.00
N GLY E 256 40.52 -8.53 7.99
CA GLY E 256 40.98 -7.45 8.87
C GLY E 256 39.90 -7.01 9.84
N LYS E 257 39.53 -5.72 9.81
CA LYS E 257 38.56 -5.17 10.75
C LYS E 257 37.55 -4.33 10.01
N SER E 258 36.27 -4.31 10.57
CA SER E 258 35.20 -3.50 9.98
C SER E 258 34.08 -3.30 10.95
N LEU E 259 33.18 -2.37 10.62
CA LEU E 259 31.93 -2.17 11.31
C LEU E 259 30.82 -2.62 10.37
N GLY E 260 29.90 -3.43 10.89
CA GLY E 260 28.73 -3.89 10.14
C GLY E 260 27.51 -3.13 10.63
N ILE E 261 26.70 -2.63 9.69
CA ILE E 261 25.47 -1.91 10.03
C ILE E 261 24.31 -2.47 9.24
N GLN E 262 23.11 -2.28 9.77
CA GLN E 262 21.87 -2.50 9.06
C GLN E 262 21.24 -1.15 8.80
N SER E 263 20.91 -0.86 7.55
CA SER E 263 20.37 0.45 7.19
C SER E 263 19.42 0.44 6.00
N ASP E 264 18.43 1.31 6.08
CA ASP E 264 17.54 1.65 4.96
C ASP E 264 18.04 2.87 4.17
N ALA E 265 19.11 3.52 4.64
CA ALA E 265 19.51 4.82 4.10
C ALA E 265 20.46 4.69 2.91
N GLN E 266 20.37 5.66 2.00
CA GLN E 266 21.15 5.67 0.79
C GLN E 266 22.60 6.04 1.07
N LEU E 267 23.55 5.39 0.40
CA LEU E 267 24.97 5.75 0.50
C LEU E 267 25.21 7.17 0.03
N ASP E 268 26.15 7.84 0.70
CA ASP E 268 26.61 9.19 0.35
C ASP E 268 28.11 9.30 0.65
N ASN E 269 28.91 9.24 -0.42
CA ASN E 269 30.38 9.25 -0.33
C ASN E 269 30.98 10.63 0.04
N ASN E 270 30.15 11.67 0.14
CA ASN E 270 30.61 13.06 0.37
C ASN E 270 30.68 13.49 1.82
N CYS E 271 29.78 13.00 2.69
CA CYS E 271 29.85 13.31 4.15
C CYS E 271 30.72 12.28 4.80
N GLU E 272 31.31 12.70 5.91
CA GLU E 272 32.05 11.83 6.80
C GLU E 272 31.23 11.58 8.07
N GLY E 273 31.20 10.35 8.56
CA GLY E 273 30.43 9.99 9.74
C GLY E 273 31.00 8.79 10.47
N GLU E 274 30.64 8.65 11.75
CA GLU E 274 31.12 7.55 12.60
C GLU E 274 30.02 6.80 13.36
N CYS E 275 28.78 7.29 13.32
CA CYS E 275 27.65 6.74 14.09
C CYS E 275 26.49 6.49 13.14
N TYR E 276 26.05 5.23 13.06
CA TYR E 276 25.05 4.80 12.08
C TYR E 276 23.89 4.05 12.72
N HIS E 277 22.76 4.03 12.03
CA HIS E 277 21.56 3.30 12.44
C HIS E 277 20.67 3.07 11.23
N ILE E 278 19.51 2.44 11.44
CA ILE E 278 18.59 2.07 10.34
C ILE E 278 18.25 3.25 9.42
N GLY E 279 18.10 4.44 10.03
CA GLY E 279 17.63 5.65 9.35
C GLY E 279 18.71 6.60 8.83
N GLY E 280 19.98 6.26 9.06
CA GLY E 280 21.11 7.02 8.47
C GLY E 280 22.31 7.17 9.38
N THR E 281 22.80 8.41 9.51
CA THR E 281 24.04 8.75 10.21
C THR E 281 23.75 9.84 11.22
N ILE E 282 24.25 9.69 12.45
CA ILE E 282 24.21 10.75 13.46
C ILE E 282 25.58 11.44 13.46
N ILE E 283 25.61 12.70 13.00
CA ILE E 283 26.83 13.53 12.94
C ILE E 283 26.69 14.59 14.01
N SER E 284 27.50 14.48 15.06
CA SER E 284 27.35 15.35 16.22
C SER E 284 28.56 15.35 17.12
N ASN E 285 28.74 16.48 17.80
CA ASN E 285 29.72 16.61 18.86
C ASN E 285 29.09 16.57 20.25
N LEU E 286 27.76 16.57 20.33
CA LEU E 286 27.13 16.73 21.64
C LEU E 286 27.08 15.35 22.35
N PRO E 287 26.98 15.34 23.69
CA PRO E 287 27.20 14.09 24.43
C PRO E 287 26.05 13.06 24.40
N PHE E 288 24.83 13.53 24.11
CA PHE E 288 23.64 12.69 24.18
C PHE E 288 22.86 12.73 22.86
N GLN E 289 22.05 11.70 22.61
CA GLN E 289 21.19 11.63 21.41
C GLN E 289 19.89 10.89 21.74
N ASN E 290 18.82 11.26 21.05
CA ASN E 290 17.50 10.66 21.26
C ASN E 290 16.93 10.13 19.93
N ILE E 291 17.81 9.77 19.01
CA ILE E 291 17.42 9.36 17.66
C ILE E 291 17.18 7.84 17.58
N ASN E 292 18.15 7.07 18.05
CA ASN E 292 18.10 5.60 17.96
C ASN E 292 19.01 4.97 19.01
N SER E 293 18.40 4.23 19.95
CA SER E 293 19.13 3.57 21.04
C SER E 293 20.08 2.45 20.60
N ARG E 294 19.88 1.96 19.37
CA ARG E 294 20.69 0.87 18.82
C ARG E 294 21.71 1.34 17.78
N ALA E 295 21.98 2.66 17.73
CA ALA E 295 23.02 3.21 16.86
C ALA E 295 24.36 2.58 17.19
N ILE E 296 25.20 2.36 16.17
CA ILE E 296 26.51 1.75 16.39
C ILE E 296 27.61 2.56 15.71
N GLY E 297 28.84 2.24 16.10
CA GLY E 297 30.03 3.01 15.76
C GLY E 297 30.40 3.88 16.95
N LYS E 298 30.86 5.10 16.68
CA LYS E 298 31.21 6.07 17.73
C LYS E 298 30.09 7.08 17.84
N CYS E 299 29.32 6.99 18.92
CA CYS E 299 28.03 7.65 19.02
C CYS E 299 27.87 8.45 20.32
N PRO E 300 27.03 9.51 20.30
CA PRO E 300 26.58 10.04 21.58
C PRO E 300 25.81 8.96 22.33
N ARG E 301 25.65 9.13 23.64
CA ARG E 301 24.89 8.19 24.45
C ARG E 301 23.40 8.42 24.25
N TYR E 302 22.65 7.33 24.07
CA TYR E 302 21.21 7.42 23.94
C TYR E 302 20.57 7.76 25.28
N VAL E 303 19.67 8.73 25.28
CA VAL E 303 18.85 9.06 26.45
C VAL E 303 17.39 9.10 26.02
N LYS E 304 16.49 8.84 26.96
CA LYS E 304 15.02 8.87 26.70
C LYS E 304 14.45 10.25 26.45
N GLN E 305 15.08 11.30 26.97
CA GLN E 305 14.52 12.66 26.89
C GLN E 305 14.64 13.23 25.49
N LYS E 306 13.65 14.03 25.11
CA LYS E 306 13.64 14.73 23.81
C LYS E 306 14.63 15.89 23.78
N SER E 307 14.76 16.58 24.91
CA SER E 307 15.57 17.79 25.02
C SER E 307 16.12 18.00 26.43
N LEU E 308 17.39 18.43 26.50
CA LEU E 308 18.03 18.90 27.74
C LEU E 308 18.86 20.14 27.41
N MET E 309 18.26 21.30 27.65
CA MET E 309 18.86 22.59 27.29
C MET E 309 19.88 23.05 28.31
N LEU E 310 21.09 23.33 27.82
CA LEU E 310 22.20 23.85 28.62
C LEU E 310 22.19 25.36 28.52
N ALA E 311 22.10 26.04 29.65
CA ALA E 311 22.07 27.50 29.69
C ALA E 311 23.43 28.07 29.27
N THR E 312 23.41 29.02 28.33
CA THR E 312 24.60 29.73 27.87
C THR E 312 24.42 31.25 28.04
N GLY E 313 23.60 31.64 29.03
CA GLY E 313 23.37 33.05 29.39
C GLY E 313 22.79 33.21 30.79
N MET E 314 22.66 34.46 31.23
CA MET E 314 22.14 34.81 32.57
C MET E 314 20.64 34.59 32.74
N LYS E 315 20.20 34.47 33.97
CA LYS E 315 18.76 34.46 34.32
C LYS E 315 18.06 35.66 33.67
N ASN E 316 16.83 35.41 33.21
CA ASN E 316 15.95 36.42 32.63
C ASN E 316 14.81 36.80 33.58
N VAL E 317 14.78 38.05 34.03
CA VAL E 317 13.72 38.56 34.95
C VAL E 317 13.08 39.80 34.30
N PRO E 318 11.91 39.61 33.66
CA PRO E 318 11.19 40.76 33.08
C PRO E 318 10.36 41.47 34.13
N GLY F 1 18.80 32.82 42.85
CA GLY F 1 20.29 32.64 42.95
C GLY F 1 20.80 32.73 44.38
N LEU F 2 21.96 32.11 44.61
CA LEU F 2 22.58 32.05 45.94
C LEU F 2 23.03 33.41 46.49
N PHE F 3 23.35 34.34 45.58
CA PHE F 3 23.87 35.67 45.96
C PHE F 3 22.79 36.76 46.02
N GLY F 4 21.59 36.46 45.53
CA GLY F 4 20.45 37.36 45.64
C GLY F 4 20.59 38.69 44.93
N ALA F 5 21.48 38.76 43.93
CA ALA F 5 21.65 39.97 43.10
C ALA F 5 20.66 39.91 41.94
N ILE F 6 20.86 38.95 41.03
CA ILE F 6 19.97 38.77 39.87
C ILE F 6 18.67 38.16 40.37
N ALA F 7 17.55 38.72 39.93
CA ALA F 7 16.20 38.41 40.45
C ALA F 7 16.10 38.49 41.98
N GLY F 8 16.87 39.43 42.57
CA GLY F 8 16.93 39.64 44.01
C GLY F 8 16.87 41.13 44.32
N PHE F 9 17.94 41.69 44.89
CA PHE F 9 17.96 43.13 45.21
C PHE F 9 17.96 44.01 43.96
N ILE F 10 18.43 43.46 42.83
CA ILE F 10 18.24 44.07 41.51
C ILE F 10 16.91 43.55 40.93
N GLU F 11 15.92 44.43 40.82
CA GLU F 11 14.52 44.02 40.58
C GLU F 11 14.33 43.32 39.23
N ASN F 12 14.98 43.84 38.20
CA ASN F 12 14.90 43.25 36.86
C ASN F 12 16.11 43.61 35.99
N GLY F 13 16.16 43.02 34.80
CA GLY F 13 17.22 43.27 33.82
C GLY F 13 16.87 44.39 32.85
N TRP F 14 17.87 44.84 32.10
CA TRP F 14 17.71 45.87 31.07
C TRP F 14 17.78 45.28 29.67
N GLU F 15 16.63 45.25 29.00
CA GLU F 15 16.54 44.81 27.60
C GLU F 15 17.32 45.71 26.64
N GLY F 16 17.50 46.97 27.03
CA GLY F 16 18.29 47.92 26.26
C GLY F 16 19.79 47.66 26.24
N LEU F 17 20.31 47.00 27.28
CA LEU F 17 21.74 46.66 27.34
C LEU F 17 22.06 45.53 26.36
N ILE F 18 22.41 45.93 25.13
CA ILE F 18 22.70 45.02 24.01
C ILE F 18 24.22 44.94 23.74
N ASP F 19 25.00 45.56 24.62
CA ASP F 19 26.45 45.74 24.48
C ASP F 19 27.26 44.78 25.37
N GLY F 20 26.61 44.17 26.37
CA GLY F 20 27.27 43.26 27.30
C GLY F 20 26.27 42.56 28.19
N TRP F 21 26.78 41.84 29.17
CA TRP F 21 25.98 41.03 30.10
C TRP F 21 25.68 41.79 31.40
N TYR F 22 26.68 42.53 31.88
CA TYR F 22 26.56 43.42 33.04
C TYR F 22 26.95 44.84 32.63
N GLY F 23 26.42 45.83 33.33
CA GLY F 23 26.65 47.23 32.97
C GLY F 23 26.33 48.24 34.05
N TYR F 24 26.54 49.51 33.70
CA TYR F 24 26.34 50.66 34.58
C TYR F 24 25.25 51.59 34.02
N ARG F 25 24.37 52.06 34.91
CA ARG F 25 23.34 53.05 34.56
C ARG F 25 23.50 54.23 35.52
N HIS F 26 23.86 55.40 35.00
CA HIS F 26 24.17 56.59 35.84
C HIS F 26 23.22 57.76 35.60
N GLN F 27 23.05 58.58 36.66
CA GLN F 27 22.27 59.82 36.63
C GLN F 27 23.09 60.94 37.27
N ASN F 28 23.27 62.05 36.54
CA ASN F 28 23.96 63.24 37.05
C ASN F 28 23.30 64.51 36.48
N ALA F 29 23.92 65.67 36.72
CA ALA F 29 23.48 66.96 36.14
C ALA F 29 23.27 66.91 34.62
N GLN F 30 24.16 66.22 33.92
CA GLN F 30 24.13 66.14 32.45
C GLN F 30 23.19 65.07 31.88
N GLY F 31 22.52 64.32 32.75
CA GLY F 31 21.44 63.41 32.37
C GLY F 31 21.70 61.96 32.74
N GLU F 32 21.39 61.07 31.80
CA GLU F 32 21.43 59.62 32.01
C GLU F 32 22.32 58.94 30.96
N GLY F 33 23.02 57.88 31.36
CA GLY F 33 23.85 57.08 30.45
C GLY F 33 23.95 55.63 30.92
N THR F 34 24.05 54.71 29.95
CA THR F 34 24.16 53.27 30.21
C THR F 34 25.34 52.70 29.41
N ALA F 35 26.24 51.98 30.09
CA ALA F 35 27.43 51.37 29.48
C ALA F 35 27.68 49.96 30.01
N ALA F 36 28.24 49.09 29.18
CA ALA F 36 28.54 47.70 29.56
C ALA F 36 29.88 47.59 30.27
N ASP F 37 29.99 46.66 31.21
CA ASP F 37 31.26 46.31 31.85
C ASP F 37 31.84 45.11 31.11
N TYR F 38 33.04 45.27 30.57
CA TYR F 38 33.70 44.25 29.74
C TYR F 38 34.16 43.06 30.56
N LYS F 39 34.87 43.33 31.65
CA LYS F 39 35.56 42.29 32.44
C LYS F 39 34.59 41.26 33.04
N SER F 40 33.54 41.75 33.69
CA SER F 40 32.51 40.89 34.28
C SER F 40 31.77 40.06 33.22
N THR F 41 31.35 40.73 32.14
CA THR F 41 30.74 40.08 30.96
C THR F 41 31.62 38.94 30.43
N GLN F 42 32.91 39.21 30.28
CA GLN F 42 33.88 38.21 29.77
C GLN F 42 34.13 37.05 30.75
N SER F 43 34.18 37.37 32.04
CA SER F 43 34.33 36.35 33.09
C SER F 43 33.21 35.31 33.05
N ALA F 44 31.97 35.79 32.94
CA ALA F 44 30.79 34.92 32.84
C ALA F 44 30.80 34.10 31.54
N ILE F 45 30.98 34.79 30.41
CA ILE F 45 31.07 34.14 29.08
C ILE F 45 32.12 33.04 29.05
N ASN F 46 33.33 33.35 29.53
CA ASN F 46 34.45 32.39 29.53
C ASN F 46 34.19 31.17 30.42
N GLN F 47 33.53 31.40 31.55
CA GLN F 47 33.12 30.31 32.45
C GLN F 47 32.12 29.36 31.78
N ILE F 48 31.10 29.93 31.13
CA ILE F 48 30.08 29.17 30.40
C ILE F 48 30.68 28.42 29.20
N THR F 49 31.57 29.09 28.46
CA THR F 49 32.31 28.46 27.35
C THR F 49 33.12 27.24 27.82
N GLY F 50 33.72 27.34 29.01
CA GLY F 50 34.42 26.20 29.62
C GLY F 50 33.52 24.99 29.86
N LYS F 51 32.27 25.26 30.25
CA LYS F 51 31.26 24.21 30.40
C LYS F 51 30.91 23.57 29.05
N LEU F 52 30.67 24.39 28.04
CA LEU F 52 30.42 23.90 26.67
C LEU F 52 31.58 23.08 26.14
N ASN F 53 32.80 23.61 26.29
CA ASN F 53 34.03 22.89 25.91
C ASN F 53 34.07 21.47 26.47
N ARG F 54 33.72 21.32 27.76
CA ARG F 54 33.66 20.02 28.40
C ARG F 54 32.59 19.07 27.86
N LEU F 55 31.44 19.62 27.45
CA LEU F 55 30.28 18.80 27.07
C LEU F 55 30.29 18.34 25.62
N ILE F 56 30.82 19.16 24.71
CA ILE F 56 30.94 18.78 23.29
C ILE F 56 32.18 17.91 22.98
N GLU F 57 32.99 17.61 24.00
CA GLU F 57 34.19 16.78 23.84
C GLU F 57 33.81 15.29 23.68
N LYS F 58 33.93 14.79 22.46
CA LYS F 58 33.45 13.45 22.11
C LYS F 58 34.32 12.33 22.70
N THR F 59 33.69 11.19 22.98
CA THR F 59 34.41 9.94 23.29
C THR F 59 34.63 9.21 21.98
N ASN F 60 35.70 8.42 21.93
CA ASN F 60 36.04 7.61 20.76
C ASN F 60 35.73 6.11 20.98
N GLN F 61 34.69 5.82 21.79
CA GLN F 61 34.30 4.42 22.08
C GLN F 61 33.33 3.82 21.05
N GLN F 62 33.78 2.78 20.35
CA GLN F 62 32.99 2.07 19.36
C GLN F 62 32.01 1.11 20.02
N PHE F 63 30.83 0.98 19.43
CA PHE F 63 29.90 -0.10 19.76
C PHE F 63 29.49 -0.85 18.49
N GLU F 64 29.20 -2.14 18.63
CA GLU F 64 28.82 -3.01 17.52
C GLU F 64 27.42 -3.54 17.76
N LEU F 65 26.78 -4.03 16.69
CA LEU F 65 25.47 -4.66 16.78
C LEU F 65 25.55 -5.93 17.62
N ILE F 66 24.64 -6.07 18.58
CA ILE F 66 24.48 -7.32 19.33
C ILE F 66 23.16 -8.03 19.08
N ASP F 67 22.22 -7.35 18.43
CA ASP F 67 21.00 -8.00 17.94
C ASP F 67 20.69 -7.52 16.51
N ASN F 68 19.52 -7.86 16.01
CA ASN F 68 19.21 -7.82 14.57
C ASN F 68 17.75 -7.39 14.35
N GLU F 69 17.55 -6.26 13.66
CA GLU F 69 16.19 -5.74 13.42
C GLU F 69 15.53 -6.24 12.14
N PHE F 70 16.22 -7.09 11.36
CA PHE F 70 15.61 -7.77 10.19
C PHE F 70 15.16 -9.21 10.48
N ASN F 71 15.89 -9.89 11.37
CA ASN F 71 15.59 -11.28 11.75
C ASN F 71 15.91 -11.49 13.23
N GLU F 72 14.86 -11.65 14.02
CA GLU F 72 14.97 -11.66 15.48
C GLU F 72 15.91 -12.75 15.97
N ILE F 73 16.84 -12.38 16.84
CA ILE F 73 17.76 -13.35 17.46
C ILE F 73 17.03 -14.25 18.46
N GLU F 74 17.70 -15.33 18.86
CA GLU F 74 17.21 -16.26 19.89
C GLU F 74 16.75 -15.47 21.14
N LYS F 75 15.61 -15.88 21.70
CA LYS F 75 14.96 -15.14 22.77
C LYS F 75 15.69 -15.17 24.12
N GLN F 76 16.38 -16.27 24.43
CA GLN F 76 17.12 -16.35 25.68
C GLN F 76 18.12 -15.21 25.77
N ILE F 77 18.98 -15.08 24.78
CA ILE F 77 19.94 -13.97 24.75
C ILE F 77 19.25 -12.61 24.48
N GLY F 78 18.24 -12.60 23.61
CA GLY F 78 17.45 -11.41 23.31
C GLY F 78 16.90 -10.69 24.53
N ASN F 79 16.30 -11.47 25.44
CA ASN F 79 15.75 -10.93 26.69
C ASN F 79 16.80 -10.31 27.62
N VAL F 80 17.98 -10.90 27.66
CA VAL F 80 19.08 -10.39 28.49
C VAL F 80 19.63 -9.10 27.90
N ILE F 81 19.82 -9.09 26.59
CA ILE F 81 20.25 -7.90 25.87
C ILE F 81 19.30 -6.73 26.14
N ASN F 82 18.00 -6.98 25.95
CA ASN F 82 16.99 -5.94 26.16
C ASN F 82 17.01 -5.41 27.58
N TRP F 83 17.10 -6.31 28.54
CA TRP F 83 17.17 -5.94 29.96
C TRP F 83 18.40 -5.08 30.23
N THR F 84 19.55 -5.53 29.74
CA THR F 84 20.82 -4.80 29.89
C THR F 84 20.74 -3.43 29.20
N ARG F 85 20.25 -3.40 27.97
CA ARG F 85 20.14 -2.13 27.25
C ARG F 85 19.23 -1.14 27.98
N ASP F 86 18.07 -1.62 28.42
CA ASP F 86 17.13 -0.76 29.15
C ASP F 86 17.77 -0.24 30.44
N SER F 87 18.54 -1.08 31.13
CA SER F 87 19.24 -0.65 32.34
C SER F 87 20.27 0.44 32.06
N ILE F 88 21.05 0.26 30.99
CA ILE F 88 22.06 1.24 30.57
C ILE F 88 21.40 2.55 30.14
N ILE F 89 20.30 2.46 29.39
CA ILE F 89 19.52 3.66 29.00
C ILE F 89 19.06 4.44 30.24
N GLU F 90 18.54 3.75 31.25
CA GLU F 90 18.14 4.39 32.52
C GLU F 90 19.30 5.12 33.19
N VAL F 91 20.46 4.47 33.23
CA VAL F 91 21.67 5.05 33.82
C VAL F 91 22.07 6.34 33.08
N TRP F 92 22.13 6.28 31.75
CA TRP F 92 22.54 7.45 30.97
C TRP F 92 21.54 8.61 31.00
N SER F 93 20.25 8.27 30.95
CA SER F 93 19.17 9.25 31.09
C SER F 93 19.26 9.97 32.43
N TYR F 94 19.50 9.21 33.50
CA TYR F 94 19.72 9.77 34.84
C TYR F 94 20.96 10.65 34.86
N ASN F 95 22.07 10.14 34.36
CA ASN F 95 23.35 10.87 34.29
C ASN F 95 23.25 12.19 33.53
N ALA F 96 22.58 12.16 32.40
CA ALA F 96 22.41 13.35 31.56
C ALA F 96 21.59 14.42 32.28
N GLU F 97 20.46 14.01 32.85
CA GLU F 97 19.55 14.91 33.56
C GLU F 97 20.21 15.55 34.78
N PHE F 98 20.93 14.74 35.55
CA PHE F 98 21.63 15.22 36.74
C PHE F 98 22.76 16.18 36.36
N LEU F 99 23.55 15.82 35.33
CA LEU F 99 24.59 16.72 34.80
C LEU F 99 24.03 18.09 34.46
N VAL F 100 22.99 18.11 33.65
CA VAL F 100 22.43 19.36 33.12
C VAL F 100 21.79 20.22 34.23
N ALA F 101 21.13 19.57 35.19
CA ALA F 101 20.55 20.25 36.35
C ALA F 101 21.61 20.92 37.23
N VAL F 102 22.68 20.19 37.55
CA VAL F 102 23.81 20.71 38.33
C VAL F 102 24.50 21.86 37.58
N GLU F 103 24.82 21.62 36.30
CA GLU F 103 25.44 22.65 35.47
C GLU F 103 24.59 23.92 35.42
N ASN F 104 23.28 23.75 35.27
CA ASN F 104 22.35 24.89 35.15
C ASN F 104 22.18 25.67 36.46
N GLN F 105 22.10 24.97 37.59
CA GLN F 105 22.08 25.60 38.92
C GLN F 105 23.33 26.46 39.11
N HIS F 106 24.48 25.86 38.83
CA HIS F 106 25.78 26.54 38.98
C HIS F 106 25.98 27.69 37.99
N THR F 107 25.47 27.53 36.76
CA THR F 107 25.53 28.59 35.73
C THR F 107 24.71 29.83 36.15
N ILE F 108 23.52 29.59 36.69
CA ILE F 108 22.68 30.67 37.22
C ILE F 108 23.37 31.31 38.43
N ASP F 109 23.93 30.49 39.32
CA ASP F 109 24.65 30.97 40.51
C ASP F 109 25.94 31.74 40.22
N LEU F 110 26.69 31.29 39.22
CA LEU F 110 27.92 31.99 38.85
C LEU F 110 27.61 33.33 38.18
N THR F 111 26.53 33.40 37.41
CA THR F 111 26.10 34.65 36.76
C THR F 111 25.58 35.66 37.80
N ASP F 112 24.79 35.16 38.74
CA ASP F 112 24.35 35.91 39.94
C ASP F 112 25.56 36.42 40.73
N SER F 113 26.50 35.52 41.01
CA SER F 113 27.78 35.87 41.68
C SER F 113 28.54 37.01 40.98
N GLU F 114 28.70 36.89 39.66
CA GLU F 114 29.41 37.91 38.87
C GLU F 114 28.77 39.30 38.98
N MET F 115 27.43 39.33 38.99
CA MET F 115 26.67 40.57 39.22
C MET F 115 26.99 41.14 40.59
N ASN F 116 26.90 40.29 41.61
CA ASN F 116 27.26 40.64 42.99
C ASN F 116 28.70 41.16 43.12
N LYS F 117 29.64 40.48 42.47
CA LYS F 117 31.06 40.87 42.53
C LYS F 117 31.34 42.27 41.95
N LEU F 118 30.61 42.63 40.90
CA LEU F 118 30.73 43.95 40.28
C LEU F 118 30.15 45.05 41.18
N TYR F 119 28.94 44.81 41.70
CA TYR F 119 28.29 45.70 42.68
C TYR F 119 29.19 45.99 43.88
N GLU F 120 29.78 44.92 44.44
CA GLU F 120 30.66 45.01 45.60
C GLU F 120 31.96 45.77 45.30
N LYS F 121 32.52 45.56 44.11
CA LYS F 121 33.72 46.28 43.66
C LYS F 121 33.48 47.80 43.64
N VAL F 122 32.33 48.20 43.12
CA VAL F 122 31.91 49.62 43.08
C VAL F 122 31.74 50.20 44.48
N ARG F 123 31.03 49.48 45.36
CA ARG F 123 30.83 49.90 46.75
C ARG F 123 32.16 50.19 47.46
N ARG F 124 33.11 49.28 47.32
CA ARG F 124 34.44 49.43 47.92
C ARG F 124 35.21 50.61 47.34
N GLN F 125 34.99 50.87 46.05
CA GLN F 125 35.55 52.03 45.33
C GLN F 125 35.03 53.35 45.90
N LEU F 126 33.71 53.44 46.09
CA LEU F 126 33.03 54.64 46.60
C LEU F 126 33.10 54.75 48.14
N ARG F 127 34.23 54.33 48.72
CA ARG F 127 34.44 54.39 50.16
C ARG F 127 33.90 55.68 50.72
N GLU F 128 32.79 55.60 51.47
CA GLU F 128 32.19 56.71 52.24
C GLU F 128 31.60 57.92 51.46
N ASN F 129 31.89 58.06 50.16
CA ASN F 129 31.34 59.13 49.31
C ASN F 129 29.93 58.83 48.79
N ALA F 130 29.44 57.64 49.08
CA ALA F 130 28.14 57.19 48.62
C ALA F 130 27.74 56.04 49.50
N GLU F 131 26.52 55.57 49.32
CA GLU F 131 26.24 54.21 49.76
C GLU F 131 24.89 53.72 49.21
N GLU F 132 24.41 52.60 49.74
CA GLU F 132 23.55 51.70 49.00
C GLU F 132 22.08 52.06 49.09
N ASP F 133 21.48 52.32 47.92
CA ASP F 133 20.03 52.49 47.77
C ASP F 133 19.30 51.23 48.23
N GLY F 134 19.59 50.10 47.57
CA GLY F 134 18.93 48.83 47.88
C GLY F 134 18.33 48.12 46.67
N ASN F 135 18.17 48.84 45.56
CA ASN F 135 17.84 48.26 44.24
C ASN F 135 19.07 48.24 43.33
N GLY F 136 20.23 47.91 43.89
CA GLY F 136 21.49 47.85 43.16
C GLY F 136 22.02 49.21 42.70
N CYS F 137 21.61 50.28 43.39
CA CYS F 137 22.01 51.64 43.02
C CYS F 137 22.81 52.30 44.17
N PHE F 138 23.78 53.12 43.79
CA PHE F 138 24.60 53.90 44.73
C PHE F 138 24.24 55.38 44.61
N GLU F 139 23.72 55.94 45.71
CA GLU F 139 23.43 57.37 45.80
C GLU F 139 24.71 58.10 46.19
N ILE F 140 25.25 58.87 45.25
CA ILE F 140 26.52 59.59 45.41
C ILE F 140 26.21 60.94 46.05
N PHE F 141 26.84 61.21 47.19
CA PHE F 141 26.63 62.47 47.92
C PHE F 141 27.19 63.66 47.16
N HIS F 142 28.47 63.59 46.81
CA HIS F 142 29.12 64.63 46.00
C HIS F 142 28.57 64.60 44.57
N GLN F 143 28.68 65.73 43.86
CA GLN F 143 28.28 65.78 42.45
C GLN F 143 29.35 65.09 41.61
N CYS F 144 28.91 64.26 40.66
CA CYS F 144 29.79 63.39 39.87
C CYS F 144 29.40 63.46 38.40
N ASP F 145 30.19 64.24 37.64
CA ASP F 145 29.93 64.48 36.21
C ASP F 145 30.28 63.26 35.35
N ASN F 146 30.00 63.35 34.04
CA ASN F 146 30.27 62.24 33.10
C ASN F 146 31.70 61.67 33.18
N ASP F 147 32.68 62.55 33.37
CA ASP F 147 34.09 62.14 33.50
C ASP F 147 34.41 61.50 34.86
N CYS F 148 33.72 61.92 35.93
CA CYS F 148 33.77 61.26 37.25
C CYS F 148 33.12 59.86 37.20
N MET F 149 32.01 59.75 36.47
CA MET F 149 31.29 58.49 36.27
C MET F 149 32.11 57.48 35.47
N ALA F 150 32.67 57.96 34.35
CA ALA F 150 33.65 57.20 33.56
C ALA F 150 34.84 56.72 34.40
N SER F 151 35.26 57.55 35.36
CA SER F 151 36.33 57.18 36.30
C SER F 151 35.96 55.97 37.19
N ILE F 152 34.67 55.84 37.50
CA ILE F 152 34.12 54.69 38.23
C ILE F 152 34.16 53.44 37.33
N ARG F 153 33.67 53.59 36.10
CA ARG F 153 33.60 52.49 35.12
C ARG F 153 34.99 51.99 34.67
N ASN F 154 35.90 52.92 34.45
CA ASN F 154 37.30 52.65 34.07
C ASN F 154 38.16 52.22 35.30
N ASN F 155 37.55 52.30 36.49
CA ASN F 155 38.12 51.79 37.73
C ASN F 155 39.33 52.60 38.23
N THR F 156 39.22 53.93 38.11
CA THR F 156 40.26 54.88 38.55
C THR F 156 39.72 56.03 39.43
N TYR F 157 38.47 55.92 39.87
CA TYR F 157 37.83 56.90 40.76
C TYR F 157 38.65 57.07 42.04
N ASP F 158 39.04 58.32 42.34
CA ASP F 158 39.78 58.63 43.56
C ASP F 158 38.82 59.07 44.67
N HIS F 159 38.65 58.20 45.66
CA HIS F 159 37.72 58.42 46.78
C HIS F 159 38.14 59.65 47.62
N LYS F 160 39.43 59.76 47.93
CA LYS F 160 39.94 60.85 48.78
C LYS F 160 39.87 62.26 48.13
N LYS F 161 39.78 62.31 46.80
CA LYS F 161 39.55 63.56 46.06
C LYS F 161 38.23 64.24 46.45
N TYR F 162 37.14 63.49 46.34
CA TYR F 162 35.78 64.01 46.59
C TYR F 162 35.26 63.74 48.02
N ARG F 163 36.13 63.18 48.85
CA ARG F 163 35.82 62.79 50.22
C ARG F 163 35.14 63.92 50.99
N LYS F 164 35.87 65.03 51.15
CA LYS F 164 35.47 66.21 51.93
C LYS F 164 33.99 66.55 51.74
N GLU F 165 33.62 66.96 50.53
CA GLU F 165 32.24 67.41 50.24
C GLU F 165 31.19 66.31 50.44
N ALA F 166 31.54 65.08 50.08
CA ALA F 166 30.60 63.95 50.18
C ALA F 166 30.15 63.68 51.63
N ILE F 167 31.11 63.52 52.55
CA ILE F 167 30.82 63.28 53.98
C ILE F 167 30.10 64.48 54.61
N GLN F 168 30.54 65.70 54.25
CA GLN F 168 29.84 66.94 54.63
C GLN F 168 28.39 66.89 54.16
N ASN F 169 28.20 66.45 52.91
CA ASN F 169 26.87 66.18 52.35
C ASN F 169 26.25 64.88 52.90
N ARG F 170 26.48 64.56 54.18
CA ARG F 170 25.90 63.37 54.80
C ARG F 170 24.37 63.35 54.64
C1 NAG G . -26.14 -29.80 -24.90
C2 NAG G . -25.38 -28.65 -24.28
C3 NAG G . -24.05 -29.18 -23.80
C4 NAG G . -24.23 -30.36 -22.87
C5 NAG G . -25.19 -31.42 -23.43
C6 NAG G . -25.55 -32.51 -22.41
C7 NAG G . -25.91 -26.51 -25.43
C8 NAG G . -25.52 -25.59 -26.55
N2 NAG G . -25.17 -27.62 -25.29
O1 NAG G . -27.40 -29.32 -25.36
O3 NAG G . -23.32 -28.13 -23.17
O4 NAG G . -22.97 -31.04 -22.77
O5 NAG G . -26.37 -30.80 -23.91
O6 NAG G . -26.19 -31.94 -21.26
O7 NAG G . -26.86 -26.24 -24.70
C1 GAL G . -22.08 -30.52 -21.79
C2 GAL G . -21.27 -31.71 -21.36
C3 GAL G . -20.17 -31.29 -20.38
C4 GAL G . -19.37 -30.14 -20.95
C5 GAL G . -20.31 -29.00 -21.32
C6 GAL G . -19.56 -27.79 -21.86
O2 GAL G . -22.10 -32.71 -20.72
O3 GAL G . -19.30 -32.40 -20.19
O4 GAL G . -18.66 -30.63 -22.09
O5 GAL G . -21.26 -29.45 -22.29
O6 GAL G . -20.50 -26.96 -22.52
O9 NGC G . -24.29 -32.09 -15.78
C9 NGC G . -23.30 -33.05 -15.35
C8 NGC G . -22.10 -32.92 -16.29
O8 NGC G . -21.39 -31.75 -15.89
C7 NGC G . -21.16 -34.15 -16.28
O7 NGC G . -21.82 -35.12 -17.11
C6 NGC G . -19.79 -33.85 -16.89
O6 NGC G . -20.00 -33.23 -18.18
C2 NGC G . -18.89 -32.71 -18.86
C1 NGC G . -18.32 -31.52 -18.13
O1B NGC G . -19.09 -30.90 -17.38
O1A NGC G . -17.12 -31.16 -18.25
C3 NGC G . -17.88 -33.85 -19.05
C4 NGC G . -17.58 -34.58 -17.76
O4 NGC G . -16.77 -35.72 -18.02
C5 NGC G . -18.86 -35.04 -17.07
N5 NGC G . -18.46 -35.62 -15.80
C10 NGC G . -18.90 -36.81 -15.44
O10 NGC G . -19.65 -37.46 -16.15
C11 NGC G . -18.43 -37.34 -14.11
O11 NGC G . -17.23 -36.70 -13.71
C1 NAG H . -35.03 -1.44 -1.79
C2 NAG H . -35.53 -1.92 -3.13
C3 NAG H . -34.39 -2.07 -4.14
C4 NAG H . -33.50 -0.83 -4.20
C5 NAG H . -33.10 -0.41 -2.79
C6 NAG H . -32.29 0.88 -2.77
C7 NAG H . -37.41 -3.46 -3.18
C8 NAG H . -37.84 -4.88 -2.97
N2 NAG H . -36.13 -3.24 -2.93
O3 NAG H . -34.94 -2.36 -5.44
O4 NAG H . -32.29 -1.13 -4.90
O5 NAG H . -34.24 -0.24 -1.96
O6 NAG H . -31.54 0.86 -1.56
O7 NAG H . -38.17 -2.59 -3.59
C1 NAG H . -32.09 -0.31 -6.05
C2 NAG H . -30.62 -0.34 -6.44
C3 NAG H . -30.39 0.52 -7.67
C4 NAG H . -31.35 0.14 -8.79
C5 NAG H . -32.80 0.14 -8.28
C6 NAG H . -33.83 -0.31 -9.32
C7 NAG H . -29.10 -0.59 -4.50
C8 NAG H . -28.34 0.16 -3.44
N2 NAG H . -29.82 0.17 -5.34
O3 NAG H . -29.05 0.36 -8.13
O4 NAG H . -31.21 1.12 -9.81
O5 NAG H . -32.93 -0.72 -7.14
O6 NAG H . -33.77 -1.73 -9.53
O7 NAG H . -29.04 -1.80 -4.59
C1 BMA H . -31.07 0.52 -11.11
C2 BMA H . -31.43 1.53 -12.17
C3 BMA H . -31.44 0.85 -13.55
C4 BMA H . -30.16 0.04 -13.78
C5 BMA H . -29.69 -0.75 -12.55
C6 BMA H . -28.27 -1.28 -12.72
O2 BMA H . -30.47 2.58 -12.16
O3 BMA H . -31.57 1.84 -14.57
O4 BMA H . -30.42 -0.91 -14.83
O5 BMA H . -29.74 0.07 -11.37
O6 BMA H . -27.33 -0.32 -12.25
C1 GAL I . -6.35 -55.83 -29.80
C2 GAL I . -7.62 -56.00 -30.65
C3 GAL I . -8.69 -54.92 -30.44
C4 GAL I . -8.88 -54.60 -28.96
C5 GAL I . -7.51 -54.27 -28.37
C6 GAL I . -7.65 -53.74 -26.94
O1 GAL I . -5.64 -57.10 -29.81
O2 GAL I . -7.24 -55.95 -32.03
O3 GAL I . -9.90 -55.46 -30.92
O4 GAL I . -9.52 -55.73 -28.33
O5 GAL I . -6.67 -55.43 -28.46
O6 GAL I . -6.39 -53.71 -26.27
O9 NGC I . -7.08 -52.47 -36.18
C9 NGC I . -8.49 -52.67 -36.29
C8 NGC I . -9.04 -53.21 -34.99
O8 NGC I . -9.10 -52.16 -34.02
C7 NGC I . -10.42 -53.89 -35.20
O7 NGC I . -10.19 -55.18 -35.75
C6 NGC I . -11.22 -54.04 -33.93
O6 NGC I . -10.28 -54.46 -32.93
C2 NGC I . -10.76 -54.55 -31.59
C1 NGC I . -11.08 -53.12 -31.11
O1B NGC I . -10.54 -52.12 -31.66
O1A NGC I . -11.92 -52.95 -30.19
C3 NGC I . -12.04 -55.39 -31.55
C4 NGC I . -13.07 -54.98 -32.59
O4 NGC I . -14.21 -55.86 -32.51
C5 NGC I . -12.44 -54.97 -33.98
N5 NGC I . -13.46 -54.45 -34.89
C10 NGC I . -13.58 -54.86 -36.15
O10 NGC I . -12.89 -55.72 -36.63
C11 NGC I . -14.65 -54.23 -37.01
O11 NGC I . -15.77 -53.95 -36.19
C1 NAG J . 9.12 -20.77 -30.98
C2 NAG J . 9.75 -22.14 -30.74
C3 NAG J . 8.98 -22.98 -29.73
C4 NAG J . 8.66 -22.19 -28.48
C5 NAG J . 8.06 -20.83 -28.83
C6 NAG J . 7.79 -19.95 -27.61
C7 NAG J . 10.91 -23.13 -32.63
C8 NAG J . 10.75 -23.84 -33.94
N2 NAG J . 9.77 -22.82 -32.02
O3 NAG J . 9.79 -24.09 -29.38
O4 NAG J . 7.71 -22.93 -27.71
O5 NAG J . 8.92 -20.13 -29.72
O6 NAG J . 6.62 -19.15 -27.86
O7 NAG J . 12.01 -22.86 -32.16
C1 NAG J . 8.28 -23.22 -26.42
C2 NAG J . 7.17 -23.56 -25.45
C3 NAG J . 7.73 -23.97 -24.09
C4 NAG J . 8.95 -24.89 -24.19
C5 NAG J . 9.92 -24.50 -25.29
C6 NAG J . 10.99 -25.58 -25.50
C7 NAG J . 5.18 -22.22 -25.93
C8 NAG J . 4.44 -20.94 -25.64
N2 NAG J . 6.33 -22.38 -25.28
O3 NAG J . 6.68 -24.62 -23.35
O4 NAG J . 9.66 -24.88 -22.96
O5 NAG J . 9.24 -24.28 -26.52
O6 NAG J . 10.40 -26.71 -26.18
O7 NAG J . 4.73 -23.03 -26.71
C1 GAL K . 9.59 -29.51 -8.63
C2 GAL K . 10.81 -29.96 -9.41
C3 GAL K . 11.93 -28.94 -9.35
C4 GAL K . 11.41 -27.54 -9.70
C5 GAL K . 10.18 -27.21 -8.86
C6 GAL K . 9.64 -25.80 -9.16
O1 GAL K . 8.54 -30.46 -8.83
O2 GAL K . 11.28 -31.20 -8.88
O3 GAL K . 12.94 -29.34 -10.30
O4 GAL K . 11.11 -27.47 -11.09
O5 GAL K . 9.18 -28.20 -9.07
O6 GAL K . 8.36 -25.60 -8.53
O9 NGC K . 14.69 -30.94 -3.60
C9 NGC K . 15.70 -31.22 -4.58
C8 NGC K . 15.28 -30.68 -5.95
O8 NGC K . 15.46 -29.26 -5.98
C7 NGC K . 16.07 -31.34 -7.09
O7 NGC K . 15.56 -32.65 -7.28
C6 NGC K . 15.96 -30.53 -8.40
O6 NGC K . 14.56 -30.28 -8.71
C2 NGC K . 14.32 -29.42 -9.84
C1 NGC K . 14.77 -28.01 -9.54
O1B NGC K . 14.99 -27.67 -8.34
O1A NGC K . 14.92 -27.19 -10.46
C3 NGC K . 15.05 -29.95 -11.07
C4 NGC K . 16.51 -30.25 -10.80
O4 NGC K . 17.11 -30.90 -11.94
C5 NGC K . 16.66 -31.16 -9.59
N5 NGC K . 18.10 -31.31 -9.41
C10 NGC K . 18.72 -32.47 -9.30
O10 NGC K . 18.13 -33.55 -9.31
C11 NGC K . 20.23 -32.44 -9.14
O11 NGC K . 20.77 -31.30 -9.83
C1 NAG L . 13.71 -6.93 22.54
C2 NAG L . 12.43 -7.62 22.06
C3 NAG L . 12.16 -7.35 20.59
C4 NAG L . 12.11 -5.86 20.36
C5 NAG L . 13.39 -5.21 20.86
C6 NAG L . 13.33 -3.69 20.69
C7 NAG L . 12.22 -9.61 23.44
C8 NAG L . 12.36 -11.11 23.48
N2 NAG L . 12.50 -9.05 22.28
O3 NAG L . 10.93 -7.95 20.18
O4 NAG L . 11.98 -5.60 18.96
O5 NAG L . 13.60 -5.54 22.22
O6 NAG L . 14.54 -3.21 20.10
O7 NAG L . 11.86 -8.95 24.41
C1 NAG L . 10.63 -5.22 18.64
C2 NAG L . 10.57 -4.70 17.22
C3 NAG L . 9.17 -4.20 16.89
C4 NAG L . 8.06 -5.12 17.40
C5 NAG L . 8.36 -5.82 18.74
C6 NAG L . 7.42 -6.99 18.99
C7 NAG L . 12.76 -3.82 16.59
C8 NAG L . 13.64 -2.61 16.66
N2 NAG L . 11.57 -3.65 17.14
O3 NAG L . 9.05 -4.06 15.47
O4 NAG L . 6.88 -4.36 17.57
O5 NAG L . 9.71 -6.28 18.80
O6 NAG L . 7.20 -7.72 17.78
O7 NAG L . 13.14 -4.86 16.09
C1 NAG M . -20.98 -33.36 24.56
C2 NAG M . -20.98 -32.44 25.77
C3 NAG M . -19.68 -32.63 26.54
C4 NAG M . -19.53 -34.09 26.97
C5 NAG M . -19.66 -35.04 25.77
C6 NAG M . -19.83 -36.51 26.20
C7 NAG M . -22.23 -30.37 25.31
C8 NAG M . -22.09 -28.94 24.84
N2 NAG M . -21.10 -31.07 25.34
O3 NAG M . -19.65 -31.77 27.69
O4 NAG M . -18.24 -34.24 27.59
O5 NAG M . -20.81 -34.72 24.96
O6 NAG M . -19.04 -36.84 27.35
O7 NAG M . -23.30 -30.83 25.64
C1 NAG N . -24.57 -23.58 -58.72
C2 NAG N . -24.37 -22.10 -59.09
C3 NAG N . -25.68 -21.31 -59.17
C4 NAG N . -26.78 -22.11 -59.87
C5 NAG N . -26.88 -23.50 -59.24
C6 NAG N . -28.02 -24.35 -59.80
C7 NAG N . -22.48 -20.65 -58.44
C8 NAG N . -21.67 -20.11 -57.30
N2 NAG N . -23.47 -21.47 -58.11
O3 NAG N . -25.44 -20.09 -59.87
O4 NAG N . -28.01 -21.38 -59.81
O5 NAG N . -25.64 -24.17 -59.44
O6 NAG N . -27.65 -24.87 -61.09
O7 NAG N . -22.21 -20.31 -59.60
C1 NAG O . 51.99 -26.19 12.75
C2 NAG O . 52.39 -25.02 13.65
C3 NAG O . 53.90 -24.85 13.69
C4 NAG O . 54.60 -26.13 14.12
C5 NAG O . 54.12 -27.33 13.29
C6 NAG O . 54.71 -28.63 13.87
C7 NAG O . 51.17 -22.87 13.93
C8 NAG O . 50.67 -21.67 13.19
N2 NAG O . 51.80 -23.77 13.16
O3 NAG O . 54.23 -23.80 14.61
O4 NAG O . 56.01 -25.97 13.97
O5 NAG O . 52.68 -27.38 13.21
O6 NAG O . 53.72 -29.63 14.17
O7 NAG O . 51.01 -23.00 15.13
#